data_5NW5
#
_entry.id   5NW5
#
_cell.length_a   92.140
_cell.length_b   169.800
_cell.length_c   390.160
_cell.angle_alpha   90.00
_cell.angle_beta   90.00
_cell.angle_gamma   90.00
#
_symmetry.space_group_name_H-M   'P 21 21 21'
#
loop_
_entity.id
_entity.type
_entity.pdbx_description
1 polymer 'Telomere length regulator protein RIF1'
2 polymer 'DNA (60-MER)'
3 polymer 'DNA (30-MER)'
#
loop_
_entity_poly.entity_id
_entity_poly.type
_entity_poly.pdbx_seq_one_letter_code
_entity_poly.pdbx_strand_id
1 'polypeptide(L)'
;GGGRELSASNSDNVSPVTKSVAFSDRIESSPIYRIPGSSPKPSPSSKPGKSILRNRLPSVRTVSDLSYNKLQYTQHKLHN
GNIFTSPYKETRVNPRALEYWVSGEIHGLVDNESVSEFKEIIEGGLGILRQESEDYVARRFEVYATFNNIIPILTTKNVN
EVDQKFNILIVNIESIIEICIPHLQIAQDTLLSSSEKKNPFVIRLYVQIVRFFSAIMSNFKIVKWLTKRPDLVNKLKVIY
RWTTGALRNENSNKIIITAQVSFLRDEKFGTFFLSNEEIKPIISTFTEIMEINSHNLIYEKLLLIRGFLSKYPKLMIETV
TSWLPGEVLPRIIIGDEIYSMKILITSIVVLLELLKKCLDFVDEHERIYQCIMLSPVCETIPEKFLSKLPLNSYDSANLD
KVTIGHLLTQQIKNYIVVKNDNKIAMDLWLSMTGLLYDSGKRVYDLTSESNKVWFDLNNLCFINNHPKTRLMSIKVWRII
TYCICTKISQKNQEGNKSLLSLLRTPFQMTLPYVNDPSAREGIIYHLLGVVYTAFTSNKNLSTDMFELFWDHLITPIYED
YVFKYDSIHLQNVLFTVLHLLIGGKNADVALERKYKKHIHPMSVIASEGVKLKDISSLPPQIIKREYDKIMKVVFQAVEV
AISNVNLAHDLILTSLKHLPEDRKDQTHLESFSSLILKVTQNNKDTPIFRDFFGAVTSSFVYTFLDLFLRKNDSSLVNFN
IQISKVGISQGNMTLDLLKDVIRKARNETSEFLIIEKFLELDDKKTEVYAQNWVGSTLLPPNISFREFQSLANIVNKVPN
ENSIENFLDLCLKLSFPVNLFTLLHVSMWSNNNFIYFIQSYVSKNENKLNVDLITLLKTSLPGNPELFSGLLPFLRRNKF
MDILEYCIHSNPNLLNSIPDLNSDLLLKLLPRSRASYFAANIKLFKCSEQLTLVRWLLKGQQLEQLNQNFSEIENVLQNA
SDSELEKSEIIRELLHLAMANPIEPLFSGLLNFCIKNNMADHLDEFCGNMTSEVLFKISPELLLKLLTYKEKPNGKLLAA
VIEKIENGDDDYILELLEKIIIQKEIQILEKLKEPLLVFFLNPVSSNMQKHKKSTNMLRELVLLYLTKPLSRSAAKKFFS
MLISILPPNPNYQTIDMVNLLIDLIKSHNRKFKDKRTYNATLKTIGKWIQESGVVHQGDSSKEIEAIPDTKSMYIPCEGS
ENKLSNLQRKVDSQDIQVPATQGMKE
;
A,B
2 'polydeoxyribonucleotide'
;(DA)(DA)(DA)(DA)(DA)(DA)(DA)(DA)(DA)(DA)(DA)(DA)(DA)(DA)(DA)(DA)(DA)(DA)(DA)(DA)
(DA)(DA)(DA)(DA)(DA)(DA)(DA)(DA)(DA)(DA)
;
C
3 'polydeoxyribonucleotide'
;(DT)(DT)(DT)(DT)(DT)(DT)(DT)(DT)(DT)(DT)(DT)(DT)(DT)(DT)(DT)(DT)(DT)(DT)(DT)(DT)
(DT)(DT)(DT)(DT)(DT)(DT)(DT)(DT)(DT)(DT)
;
D
#
loop_
_chem_comp.id
_chem_comp.type
_chem_comp.name
_chem_comp.formula
DA DNA linking 2'-DEOXYADENOSINE-5'-MONOPHOSPHATE 'C10 H14 N5 O6 P'
DT DNA linking THYMIDINE-5'-MONOPHOSPHATE 'C10 H15 N2 O8 P'
#
# COMPACT_ATOMS: atom_id res chain seq x y z
N GLU A 90 23.97 -34.13 -118.19
CA GLU A 90 24.28 -32.88 -118.93
C GLU A 90 23.04 -31.99 -118.91
N THR A 91 23.15 -30.76 -118.42
CA THR A 91 22.03 -29.82 -118.29
C THR A 91 21.83 -29.02 -119.58
N ARG A 92 20.92 -29.47 -120.47
CA ARG A 92 20.63 -28.73 -121.72
C ARG A 92 19.15 -28.69 -122.17
N VAL A 93 18.22 -28.90 -121.24
CA VAL A 93 16.75 -28.91 -121.47
C VAL A 93 16.21 -27.59 -122.07
N ASN A 94 16.97 -26.50 -121.93
CA ASN A 94 16.70 -25.12 -122.34
C ASN A 94 15.54 -24.45 -121.57
N PRO A 95 15.71 -23.21 -121.06
CA PRO A 95 14.62 -22.50 -120.39
C PRO A 95 13.58 -21.88 -121.34
N ARG A 96 13.91 -21.71 -122.63
CA ARG A 96 13.07 -20.99 -123.62
C ARG A 96 12.84 -21.84 -124.88
N ALA A 97 12.61 -21.19 -126.01
CA ALA A 97 12.41 -21.83 -127.32
C ALA A 97 11.26 -22.85 -127.29
N LEU A 98 11.45 -24.07 -127.81
CA LEU A 98 10.41 -25.10 -127.92
C LEU A 98 10.82 -26.43 -127.25
N GLU A 99 12.06 -26.52 -126.75
CA GLU A 99 12.70 -27.78 -126.33
C GLU A 99 12.22 -28.35 -124.99
N TYR A 100 11.77 -27.50 -124.07
CA TYR A 100 11.49 -27.87 -122.67
C TYR A 100 10.19 -28.68 -122.50
N TRP A 101 9.04 -28.01 -122.63
CA TRP A 101 7.74 -28.69 -122.73
C TRP A 101 7.64 -29.46 -124.05
N VAL A 102 7.73 -30.78 -123.94
CA VAL A 102 7.03 -31.71 -124.83
C VAL A 102 5.53 -31.36 -124.84
N SER A 103 4.82 -31.71 -125.91
CA SER A 103 3.36 -31.53 -126.09
C SER A 103 2.47 -32.40 -125.17
N GLY A 104 2.65 -32.24 -123.85
CA GLY A 104 1.67 -32.66 -122.85
C GLY A 104 2.12 -32.59 -121.38
N GLU A 105 3.44 -32.59 -121.09
CA GLU A 105 4.03 -32.63 -119.74
C GLU A 105 5.41 -31.90 -119.70
N ILE A 106 6.33 -32.32 -118.82
CA ILE A 106 7.58 -31.67 -118.38
C ILE A 106 7.29 -30.43 -117.50
N HIS A 107 7.60 -30.54 -116.20
CA HIS A 107 7.30 -29.51 -115.20
C HIS A 107 8.58 -28.91 -114.59
N GLY A 108 9.15 -29.54 -113.55
CA GLY A 108 10.44 -29.12 -112.95
C GLY A 108 10.54 -29.18 -111.43
N LEU A 109 9.55 -29.76 -110.71
CA LEU A 109 9.65 -30.08 -109.28
C LEU A 109 10.72 -31.16 -109.00
N VAL A 110 11.98 -30.74 -109.07
CA VAL A 110 13.16 -31.46 -108.56
C VAL A 110 14.10 -30.40 -107.95
N ASP A 111 15.27 -30.13 -108.53
CA ASP A 111 16.28 -29.18 -108.03
C ASP A 111 15.84 -27.70 -108.00
N ASN A 112 14.68 -27.36 -108.58
CA ASN A 112 14.10 -26.01 -108.48
C ASN A 112 13.18 -25.84 -107.27
N GLU A 113 12.89 -26.92 -106.53
CA GLU A 113 12.26 -26.77 -105.22
C GLU A 113 13.32 -26.26 -104.22
N SER A 114 13.02 -25.16 -103.51
CA SER A 114 13.89 -24.34 -102.68
C SER A 114 15.04 -23.56 -103.38
N VAL A 115 15.02 -23.42 -104.73
CA VAL A 115 16.09 -22.74 -105.50
C VAL A 115 15.55 -21.67 -106.47
N SER A 116 16.27 -20.55 -106.62
CA SER A 116 15.85 -19.36 -107.41
C SER A 116 15.61 -19.65 -108.90
N GLU A 117 16.30 -20.65 -109.44
CA GLU A 117 16.40 -20.93 -110.89
C GLU A 117 15.08 -21.38 -111.54
N PHE A 118 14.10 -21.75 -110.72
CA PHE A 118 12.65 -21.74 -111.00
C PHE A 118 12.23 -20.58 -111.91
N LYS A 119 12.87 -19.40 -111.74
CA LYS A 119 12.72 -18.19 -112.54
C LYS A 119 12.59 -18.46 -114.04
N GLU A 120 13.49 -19.27 -114.60
CA GLU A 120 13.61 -19.38 -116.07
C GLU A 120 12.53 -20.27 -116.67
N ILE A 121 11.88 -21.14 -115.88
CA ILE A 121 10.69 -21.88 -116.31
C ILE A 121 9.51 -20.90 -116.48
N ILE A 122 9.32 -19.98 -115.53
CA ILE A 122 8.24 -18.98 -115.55
C ILE A 122 8.50 -17.95 -116.65
N GLU A 123 9.65 -17.28 -116.62
CA GLU A 123 9.99 -16.22 -117.57
C GLU A 123 10.19 -16.78 -118.99
N GLY A 124 10.62 -18.04 -119.09
CA GLY A 124 10.60 -18.88 -120.28
C GLY A 124 9.19 -18.99 -120.87
N GLY A 125 8.25 -19.55 -120.10
CA GLY A 125 6.86 -19.76 -120.51
C GLY A 125 6.18 -18.48 -120.98
N LEU A 126 6.39 -17.35 -120.29
CA LEU A 126 5.88 -16.03 -120.70
C LEU A 126 6.43 -15.58 -122.07
N GLY A 127 7.67 -15.94 -122.40
CA GLY A 127 8.25 -15.73 -123.73
C GLY A 127 7.60 -16.62 -124.81
N ILE A 128 7.21 -17.86 -124.47
CA ILE A 128 6.52 -18.80 -125.37
C ILE A 128 5.08 -18.33 -125.69
N LEU A 129 4.47 -17.52 -124.83
CA LEU A 129 3.11 -16.99 -125.03
C LEU A 129 3.02 -15.81 -126.02
N ARG A 130 4.13 -15.39 -126.65
CA ARG A 130 4.30 -14.28 -127.62
C ARG A 130 3.63 -14.52 -129.00
N GLN A 131 2.35 -14.87 -128.99
CA GLN A 131 1.55 -15.16 -130.20
C GLN A 131 2.13 -16.33 -131.02
N GLU A 132 2.72 -16.07 -132.19
CA GLU A 132 3.21 -17.00 -133.23
C GLU A 132 2.20 -18.08 -133.65
N SER A 133 1.95 -19.07 -132.79
CA SER A 133 0.73 -19.92 -132.86
C SER A 133 0.56 -20.87 -134.05
N GLU A 134 1.68 -21.37 -134.58
CA GLU A 134 1.73 -22.66 -135.29
C GLU A 134 1.97 -23.79 -134.27
N ASP A 135 3.17 -23.87 -133.66
CA ASP A 135 3.55 -24.89 -132.67
C ASP A 135 3.18 -24.49 -131.21
N TYR A 136 3.16 -23.19 -130.97
CA TYR A 136 3.02 -22.57 -129.66
C TYR A 136 1.57 -22.60 -129.14
N VAL A 137 0.57 -22.92 -129.97
CA VAL A 137 -0.85 -23.02 -129.59
C VAL A 137 -1.15 -24.25 -128.76
N ALA A 138 -0.62 -25.41 -129.15
CA ALA A 138 -0.82 -26.64 -128.39
C ALA A 138 -0.21 -26.46 -126.99
N ARG A 139 1.07 -26.05 -126.96
CA ARG A 139 1.91 -25.85 -125.76
C ARG A 139 1.38 -24.82 -124.76
N ARG A 140 0.33 -24.06 -125.08
CA ARG A 140 -0.38 -23.18 -124.15
C ARG A 140 -1.09 -23.95 -123.05
N PHE A 141 -1.44 -25.22 -123.25
CA PHE A 141 -2.08 -26.03 -122.21
C PHE A 141 -1.10 -26.40 -121.06
N GLU A 142 0.16 -26.67 -121.40
CA GLU A 142 1.20 -27.21 -120.54
C GLU A 142 1.90 -26.15 -119.68
N VAL A 143 2.12 -24.94 -120.21
CA VAL A 143 2.74 -23.84 -119.48
C VAL A 143 1.89 -23.39 -118.27
N TYR A 144 0.58 -23.18 -118.45
CA TYR A 144 -0.34 -22.89 -117.33
C TYR A 144 -0.61 -24.12 -116.44
N ALA A 145 -0.26 -25.34 -116.87
CA ALA A 145 -0.25 -26.51 -116.00
C ALA A 145 0.95 -26.47 -115.04
N THR A 146 2.18 -26.32 -115.53
CA THR A 146 3.38 -26.32 -114.67
C THR A 146 3.44 -25.10 -113.73
N PHE A 147 2.86 -23.96 -114.11
CA PHE A 147 2.74 -22.81 -113.21
C PHE A 147 1.97 -23.18 -111.93
N ASN A 148 0.92 -23.99 -112.02
CA ASN A 148 0.20 -24.54 -110.87
C ASN A 148 0.91 -25.73 -110.19
N ASN A 149 2.19 -25.98 -110.49
CA ASN A 149 2.98 -27.09 -109.94
C ASN A 149 4.27 -26.64 -109.24
N ILE A 150 4.99 -25.64 -109.78
CA ILE A 150 6.23 -25.13 -109.16
C ILE A 150 5.97 -24.00 -108.14
N ILE A 151 4.71 -23.54 -108.01
CA ILE A 151 4.24 -22.62 -106.97
C ILE A 151 4.27 -23.31 -105.59
N PRO A 152 4.81 -22.68 -104.53
CA PRO A 152 4.78 -23.20 -103.16
C PRO A 152 3.47 -22.85 -102.41
N ILE A 153 3.19 -23.65 -101.38
CA ILE A 153 2.31 -23.29 -100.24
C ILE A 153 3.02 -22.30 -99.28
N LEU A 154 2.36 -21.91 -98.18
CA LEU A 154 2.84 -20.96 -97.16
C LEU A 154 4.23 -21.31 -96.56
N THR A 155 4.50 -22.61 -96.37
CA THR A 155 5.79 -23.16 -95.88
C THR A 155 6.39 -22.40 -94.69
N THR A 156 5.78 -22.49 -93.50
CA THR A 156 6.26 -21.87 -92.23
C THR A 156 7.73 -22.17 -91.94
N LYS A 157 8.20 -23.38 -92.32
CA LYS A 157 9.62 -23.80 -92.34
C LYS A 157 10.59 -22.79 -92.95
N ASN A 158 10.14 -22.02 -93.94
CA ASN A 158 10.91 -21.03 -94.68
C ASN A 158 9.95 -20.15 -95.53
N VAL A 159 9.31 -19.16 -94.92
CA VAL A 159 8.41 -18.21 -95.62
C VAL A 159 9.16 -17.40 -96.70
N ASN A 160 10.50 -17.41 -96.67
CA ASN A 160 11.37 -16.77 -97.65
C ASN A 160 11.45 -17.49 -99.01
N GLU A 161 11.29 -18.83 -99.10
CA GLU A 161 11.24 -19.49 -100.42
C GLU A 161 10.01 -19.07 -101.22
N VAL A 162 8.90 -18.80 -100.51
CA VAL A 162 7.68 -18.17 -101.03
C VAL A 162 7.98 -16.73 -101.47
N ASP A 163 8.56 -15.92 -100.58
CA ASP A 163 8.93 -14.53 -100.83
C ASP A 163 9.82 -14.40 -102.08
N GLN A 164 10.87 -15.23 -102.20
CA GLN A 164 11.81 -15.19 -103.32
C GLN A 164 11.23 -15.74 -104.64
N LYS A 165 10.41 -16.81 -104.62
CA LYS A 165 9.73 -17.30 -105.85
C LYS A 165 8.73 -16.26 -106.37
N PHE A 166 7.93 -15.63 -105.50
CA PHE A 166 6.98 -14.58 -105.91
C PHE A 166 7.67 -13.26 -106.29
N ASN A 167 8.88 -12.96 -105.79
CA ASN A 167 9.69 -11.82 -106.21
C ASN A 167 10.11 -11.82 -107.70
N ILE A 168 10.01 -12.95 -108.40
CA ILE A 168 10.19 -12.98 -109.87
C ILE A 168 8.94 -12.44 -110.57
N LEU A 169 7.75 -12.78 -110.06
CA LEU A 169 6.47 -12.42 -110.66
C LEU A 169 6.21 -10.90 -110.57
N ILE A 170 6.54 -10.27 -109.44
CA ILE A 170 6.41 -8.81 -109.24
C ILE A 170 7.29 -7.99 -110.18
N VAL A 171 8.33 -8.59 -110.77
CA VAL A 171 9.18 -7.99 -111.81
C VAL A 171 8.66 -8.31 -113.22
N ASN A 172 8.23 -9.55 -113.47
CA ASN A 172 7.71 -10.00 -114.77
C ASN A 172 6.28 -9.50 -115.09
N ILE A 173 5.58 -8.91 -114.12
CA ILE A 173 4.12 -8.71 -114.13
C ILE A 173 3.56 -7.94 -115.33
N GLU A 174 4.28 -6.94 -115.85
CA GLU A 174 3.84 -6.15 -117.00
C GLU A 174 3.62 -7.05 -118.23
N SER A 175 4.49 -8.05 -118.39
CA SER A 175 4.37 -9.06 -119.46
C SER A 175 3.15 -9.98 -119.24
N ILE A 176 2.84 -10.40 -118.00
CA ILE A 176 1.68 -11.28 -117.71
C ILE A 176 0.38 -10.59 -118.16
N ILE A 177 0.31 -9.28 -117.97
CA ILE A 177 -0.87 -8.46 -118.26
C ILE A 177 -1.10 -8.25 -119.77
N GLU A 178 -0.06 -8.17 -120.62
CA GLU A 178 -0.26 -8.02 -122.09
C GLU A 178 -0.74 -9.30 -122.79
N ILE A 179 -0.49 -10.49 -122.23
CA ILE A 179 -0.77 -11.78 -122.87
C ILE A 179 -1.76 -12.68 -122.11
N CYS A 180 -1.59 -12.89 -120.80
CA CYS A 180 -2.40 -13.88 -120.09
C CYS A 180 -3.84 -13.42 -119.90
N ILE A 181 -4.10 -12.11 -119.85
CA ILE A 181 -5.46 -11.54 -119.85
C ILE A 181 -6.18 -11.83 -121.19
N PRO A 182 -5.65 -11.45 -122.38
CA PRO A 182 -6.28 -11.84 -123.65
C PRO A 182 -6.34 -13.35 -123.92
N HIS A 183 -5.32 -14.13 -123.51
CA HIS A 183 -5.35 -15.60 -123.67
C HIS A 183 -6.43 -16.26 -122.80
N LEU A 184 -6.72 -15.72 -121.61
CA LEU A 184 -7.90 -16.09 -120.83
C LEU A 184 -9.18 -15.66 -121.55
N GLN A 185 -9.24 -14.42 -122.05
CA GLN A 185 -10.47 -13.89 -122.65
C GLN A 185 -10.91 -14.67 -123.89
N ILE A 186 -10.01 -15.02 -124.82
CA ILE A 186 -10.37 -15.84 -126.00
C ILE A 186 -10.77 -17.26 -125.61
N ALA A 187 -10.20 -17.83 -124.54
CA ALA A 187 -10.61 -19.13 -124.00
C ALA A 187 -11.99 -19.05 -123.33
N GLN A 188 -12.29 -17.94 -122.63
CA GLN A 188 -13.57 -17.65 -122.02
C GLN A 188 -14.65 -17.42 -123.08
N ASP A 189 -14.41 -16.55 -124.07
CA ASP A 189 -15.44 -16.11 -125.03
C ASP A 189 -15.77 -17.19 -126.07
N THR A 190 -14.82 -18.04 -126.44
CA THR A 190 -15.13 -19.30 -127.15
C THR A 190 -15.89 -20.29 -126.25
N LEU A 191 -15.75 -20.20 -124.92
CA LEU A 191 -16.62 -20.86 -123.94
C LEU A 191 -17.87 -20.02 -123.52
N LEU A 192 -18.11 -18.88 -124.15
CA LEU A 192 -19.28 -18.00 -124.00
C LEU A 192 -19.79 -17.56 -125.40
N SER A 193 -20.24 -18.55 -126.17
CA SER A 193 -20.79 -18.41 -127.53
C SER A 193 -21.73 -19.56 -127.97
N SER A 194 -22.04 -20.56 -127.13
CA SER A 194 -22.76 -21.81 -127.52
C SER A 194 -23.20 -22.68 -126.30
N SER A 195 -23.63 -23.95 -126.45
CA SER A 195 -24.15 -24.77 -125.31
C SER A 195 -23.50 -26.15 -125.17
N GLU A 196 -23.22 -26.79 -126.30
CA GLU A 196 -22.55 -28.08 -126.47
C GLU A 196 -21.05 -28.07 -126.11
N LYS A 197 -20.50 -26.90 -125.81
CA LYS A 197 -19.09 -26.50 -125.66
C LYS A 197 -18.22 -27.20 -124.60
N LYS A 198 -18.52 -28.45 -124.24
CA LYS A 198 -17.72 -29.34 -123.37
C LYS A 198 -16.44 -29.84 -124.10
N ASN A 199 -15.74 -28.93 -124.80
CA ASN A 199 -14.55 -29.16 -125.63
C ASN A 199 -13.29 -29.27 -124.73
N PRO A 200 -12.68 -30.46 -124.59
CA PRO A 200 -11.61 -30.70 -123.62
C PRO A 200 -10.29 -29.94 -123.83
N PHE A 201 -10.02 -29.33 -125.00
CA PHE A 201 -8.83 -28.50 -125.18
C PHE A 201 -8.97 -27.20 -124.39
N VAL A 202 -9.93 -26.36 -124.78
CA VAL A 202 -10.10 -25.03 -124.18
C VAL A 202 -10.61 -25.08 -122.74
N ILE A 203 -11.51 -26.02 -122.37
CA ILE A 203 -12.06 -26.06 -120.99
C ILE A 203 -11.05 -26.57 -119.95
N ARG A 204 -10.11 -27.43 -120.35
CA ARG A 204 -9.01 -27.94 -119.50
C ARG A 204 -7.89 -26.91 -119.35
N LEU A 205 -7.71 -26.05 -120.36
CA LEU A 205 -6.85 -24.86 -120.28
C LEU A 205 -7.49 -23.77 -119.41
N TYR A 206 -8.78 -23.45 -119.58
CA TYR A 206 -9.44 -22.37 -118.84
C TYR A 206 -9.31 -22.50 -117.32
N VAL A 207 -9.54 -23.71 -116.77
CA VAL A 207 -9.34 -23.96 -115.33
C VAL A 207 -7.88 -23.75 -114.89
N GLN A 208 -6.90 -24.15 -115.71
CA GLN A 208 -5.48 -24.02 -115.37
C GLN A 208 -5.01 -22.56 -115.36
N ILE A 209 -5.49 -21.71 -116.28
CA ILE A 209 -5.17 -20.28 -116.28
C ILE A 209 -5.89 -19.51 -115.15
N VAL A 210 -7.10 -19.93 -114.71
CA VAL A 210 -7.78 -19.34 -113.54
C VAL A 210 -7.04 -19.65 -112.23
N ARG A 211 -6.56 -20.89 -112.02
CA ARG A 211 -5.72 -21.23 -110.85
C ARG A 211 -4.46 -20.37 -110.79
N PHE A 212 -3.81 -20.17 -111.94
CA PHE A 212 -2.59 -19.39 -112.07
C PHE A 212 -2.81 -17.95 -111.58
N PHE A 213 -3.91 -17.30 -112.00
CA PHE A 213 -4.28 -15.99 -111.46
C PHE A 213 -4.66 -16.07 -109.96
N SER A 214 -5.43 -17.05 -109.50
CA SER A 214 -5.80 -17.16 -108.07
C SER A 214 -4.58 -17.16 -107.14
N ALA A 215 -3.56 -17.96 -107.46
CA ALA A 215 -2.30 -18.03 -106.72
C ALA A 215 -1.48 -16.72 -106.76
N ILE A 216 -1.66 -15.89 -107.80
CA ILE A 216 -1.05 -14.55 -107.89
C ILE A 216 -1.78 -13.55 -106.97
N MET A 217 -3.12 -13.61 -106.89
CA MET A 217 -3.92 -12.64 -106.13
C MET A 217 -3.84 -12.90 -104.62
N SER A 218 -4.02 -14.16 -104.22
CA SER A 218 -4.00 -14.63 -102.82
C SER A 218 -2.67 -14.39 -102.09
N ASN A 219 -1.56 -14.21 -102.81
CA ASN A 219 -0.27 -13.88 -102.22
C ASN A 219 -0.26 -12.42 -101.71
N PHE A 220 -0.33 -12.24 -100.38
CA PHE A 220 -0.44 -10.93 -99.75
C PHE A 220 0.73 -9.97 -100.07
N LYS A 221 1.95 -10.48 -100.26
CA LYS A 221 3.14 -9.67 -100.59
C LYS A 221 2.98 -9.00 -101.96
N ILE A 222 2.33 -9.66 -102.92
CA ILE A 222 1.94 -9.05 -104.21
C ILE A 222 0.91 -7.93 -103.99
N VAL A 223 -0.05 -8.11 -103.07
CA VAL A 223 -1.08 -7.13 -102.75
C VAL A 223 -0.49 -5.84 -102.18
N LYS A 224 0.41 -5.88 -101.17
CA LYS A 224 1.15 -4.68 -100.69
C LYS A 224 1.99 -4.04 -101.80
N TRP A 225 2.61 -4.83 -102.67
CA TRP A 225 3.46 -4.31 -103.74
C TRP A 225 2.67 -3.56 -104.83
N LEU A 226 1.46 -4.01 -105.19
CA LEU A 226 0.64 -3.43 -106.27
C LEU A 226 0.32 -1.93 -106.07
N THR A 227 0.28 -1.45 -104.83
CA THR A 227 -0.02 -0.05 -104.48
C THR A 227 0.99 0.92 -105.09
N LYS A 228 2.21 0.45 -105.34
CA LYS A 228 3.29 1.17 -106.03
C LYS A 228 2.97 1.53 -107.48
N ARG A 229 1.95 0.93 -108.13
CA ARG A 229 1.54 1.26 -109.52
C ARG A 229 0.04 0.98 -109.83
N PRO A 230 -0.85 1.98 -109.65
CA PRO A 230 -2.31 1.81 -109.83
C PRO A 230 -2.78 1.65 -111.29
N ASP A 231 -1.94 1.98 -112.26
CA ASP A 231 -2.13 1.64 -113.68
C ASP A 231 -2.32 0.13 -113.86
N LEU A 232 -1.52 -0.69 -113.16
CA LEU A 232 -1.59 -2.15 -113.23
C LEU A 232 -2.78 -2.71 -112.46
N VAL A 233 -3.09 -2.13 -111.30
CA VAL A 233 -4.29 -2.45 -110.51
C VAL A 233 -5.54 -2.37 -111.37
N ASN A 234 -5.71 -1.28 -112.14
CA ASN A 234 -6.93 -1.08 -112.92
C ASN A 234 -6.99 -1.90 -114.22
N LYS A 235 -5.84 -2.29 -114.80
CA LYS A 235 -5.76 -3.28 -115.89
C LYS A 235 -6.20 -4.66 -115.38
N LEU A 236 -5.64 -5.09 -114.25
CA LEU A 236 -5.90 -6.37 -113.59
C LEU A 236 -7.38 -6.51 -113.14
N LYS A 237 -8.01 -5.39 -112.77
CA LYS A 237 -9.41 -5.29 -112.34
C LYS A 237 -10.43 -5.88 -113.34
N VAL A 238 -10.03 -6.09 -114.61
CA VAL A 238 -10.88 -6.73 -115.63
C VAL A 238 -11.24 -8.19 -115.34
N ILE A 239 -10.46 -8.92 -114.51
CA ILE A 239 -10.75 -10.33 -114.18
C ILE A 239 -12.17 -10.48 -113.63
N TYR A 240 -12.52 -9.63 -112.65
CA TYR A 240 -13.83 -9.57 -112.00
C TYR A 240 -14.94 -9.15 -112.99
N ARG A 241 -14.64 -8.18 -113.87
CA ARG A 241 -15.57 -7.64 -114.87
C ARG A 241 -16.07 -8.68 -115.87
N TRP A 242 -15.30 -9.75 -116.10
CA TRP A 242 -15.71 -10.88 -116.93
C TRP A 242 -16.19 -12.08 -116.10
N THR A 243 -15.51 -12.40 -115.00
CA THR A 243 -15.90 -13.49 -114.07
C THR A 243 -17.34 -13.34 -113.60
N THR A 244 -17.79 -12.11 -113.32
CA THR A 244 -19.18 -11.83 -112.91
C THR A 244 -20.23 -12.16 -113.97
N GLY A 245 -19.90 -12.09 -115.26
CA GLY A 245 -20.76 -12.58 -116.34
C GLY A 245 -20.70 -14.12 -116.45
N ALA A 246 -19.51 -14.71 -116.29
CA ALA A 246 -19.20 -16.14 -116.41
C ALA A 246 -19.74 -17.04 -115.27
N LEU A 247 -20.76 -16.57 -114.53
CA LEU A 247 -21.50 -17.31 -113.49
C LEU A 247 -23.00 -17.41 -113.79
N ARG A 248 -23.56 -16.39 -114.44
CA ARG A 248 -24.99 -16.15 -114.67
C ARG A 248 -25.38 -16.13 -116.15
N ASN A 249 -24.49 -16.58 -117.04
CA ASN A 249 -24.67 -16.57 -118.48
C ASN A 249 -24.05 -17.82 -119.14
N GLU A 250 -24.55 -18.19 -120.32
CA GLU A 250 -24.09 -19.35 -121.09
C GLU A 250 -23.99 -20.65 -120.23
N ASN A 251 -23.11 -21.57 -120.60
CA ASN A 251 -23.01 -22.90 -119.99
C ASN A 251 -21.86 -22.99 -118.98
N SER A 252 -21.86 -22.10 -117.98
CA SER A 252 -20.92 -22.14 -116.85
C SER A 252 -20.98 -23.50 -116.14
N ASN A 253 -19.95 -24.32 -116.35
CA ASN A 253 -19.91 -25.70 -115.87
C ASN A 253 -19.43 -25.77 -114.40
N LYS A 254 -19.81 -26.83 -113.67
CA LYS A 254 -19.37 -27.13 -112.29
C LYS A 254 -17.89 -26.77 -112.03
N ILE A 255 -16.97 -27.17 -112.92
CA ILE A 255 -15.53 -26.85 -112.81
C ILE A 255 -15.22 -25.36 -112.98
N ILE A 256 -15.82 -24.69 -113.97
CA ILE A 256 -15.63 -23.26 -114.27
C ILE A 256 -16.07 -22.43 -113.08
N ILE A 257 -17.24 -22.75 -112.50
CA ILE A 257 -17.76 -22.09 -111.31
C ILE A 257 -16.80 -22.27 -110.12
N THR A 258 -16.41 -23.51 -109.81
CA THR A 258 -15.57 -23.82 -108.63
C THR A 258 -14.21 -23.12 -108.70
N ALA A 259 -13.58 -23.06 -109.89
CA ALA A 259 -12.33 -22.33 -110.10
C ALA A 259 -12.47 -20.82 -109.88
N GLN A 260 -13.59 -20.22 -110.28
CA GLN A 260 -13.87 -18.79 -110.08
C GLN A 260 -14.26 -18.48 -108.63
N VAL A 261 -14.95 -19.38 -107.93
CA VAL A 261 -15.35 -19.21 -106.52
C VAL A 261 -14.18 -19.39 -105.56
N SER A 262 -13.34 -20.42 -105.74
CA SER A 262 -12.10 -20.60 -104.95
C SER A 262 -11.16 -19.41 -105.13
N PHE A 263 -11.00 -18.90 -106.36
CA PHE A 263 -10.34 -17.62 -106.63
C PHE A 263 -10.92 -16.48 -105.78
N LEU A 264 -12.23 -16.21 -105.83
CA LEU A 264 -12.85 -15.13 -105.04
C LEU A 264 -12.83 -15.36 -103.53
N ARG A 265 -12.70 -16.60 -103.05
CA ARG A 265 -12.55 -16.95 -101.63
C ARG A 265 -11.14 -16.63 -101.11
N ASP A 266 -10.13 -16.90 -101.92
CA ASP A 266 -8.71 -16.75 -101.57
C ASP A 266 -8.11 -15.41 -102.02
N GLU A 267 -8.84 -14.59 -102.80
CA GLU A 267 -8.31 -13.45 -103.57
C GLU A 267 -7.57 -12.37 -102.78
N LYS A 268 -8.10 -11.93 -101.63
CA LYS A 268 -7.63 -10.85 -100.74
C LYS A 268 -7.46 -9.44 -101.37
N PHE A 269 -7.26 -9.35 -102.68
CA PHE A 269 -6.95 -8.16 -103.48
C PHE A 269 -7.95 -7.00 -103.31
N GLY A 270 -9.26 -7.29 -103.31
CA GLY A 270 -10.29 -6.24 -103.35
C GLY A 270 -10.26 -5.29 -102.14
N THR A 271 -9.87 -5.78 -100.97
CA THR A 271 -9.80 -5.03 -99.70
C THR A 271 -8.98 -3.74 -99.78
N PHE A 272 -7.98 -3.69 -100.68
CA PHE A 272 -7.08 -2.56 -100.87
C PHE A 272 -7.12 -1.97 -102.30
N PHE A 273 -7.95 -2.50 -103.19
CA PHE A 273 -7.94 -2.14 -104.62
C PHE A 273 -9.30 -2.06 -105.34
N LEU A 274 -10.37 -2.58 -104.74
CA LEU A 274 -11.74 -2.45 -105.24
C LEU A 274 -12.52 -1.51 -104.31
N SER A 275 -13.21 -0.51 -104.86
CA SER A 275 -14.15 0.29 -104.07
C SER A 275 -15.39 -0.53 -103.71
N ASN A 276 -16.13 -0.12 -102.67
CA ASN A 276 -17.34 -0.81 -102.24
C ASN A 276 -18.37 -0.99 -103.37
N GLU A 277 -18.47 -0.02 -104.28
CA GLU A 277 -19.38 -0.08 -105.44
C GLU A 277 -18.82 -0.94 -106.58
N GLU A 278 -17.49 -1.03 -106.75
CA GLU A 278 -16.86 -1.99 -107.68
C GLU A 278 -17.07 -3.44 -107.23
N ILE A 279 -17.30 -3.68 -105.93
CA ILE A 279 -17.55 -5.00 -105.33
C ILE A 279 -19.01 -5.45 -105.45
N LYS A 280 -20.00 -4.53 -105.45
CA LYS A 280 -21.43 -4.89 -105.57
C LYS A 280 -21.77 -5.73 -106.82
N PRO A 281 -21.18 -5.52 -108.01
CA PRO A 281 -21.28 -6.43 -109.16
C PRO A 281 -20.86 -7.88 -108.89
N ILE A 282 -19.98 -8.13 -107.91
CA ILE A 282 -19.55 -9.48 -107.51
C ILE A 282 -20.62 -10.13 -106.62
N ILE A 283 -21.04 -9.46 -105.53
CA ILE A 283 -22.10 -9.94 -104.63
C ILE A 283 -23.42 -10.17 -105.38
N SER A 284 -23.71 -9.34 -106.39
CA SER A 284 -24.82 -9.47 -107.34
C SER A 284 -24.88 -10.84 -108.04
N THR A 285 -23.78 -11.60 -108.14
CA THR A 285 -23.74 -12.95 -108.72
C THR A 285 -24.06 -14.06 -107.72
N PHE A 286 -24.04 -13.81 -106.40
CA PHE A 286 -24.12 -14.88 -105.40
C PHE A 286 -25.47 -15.61 -105.43
N THR A 287 -26.52 -14.86 -105.80
CA THR A 287 -27.90 -15.27 -106.06
C THR A 287 -28.09 -15.93 -107.42
N GLU A 288 -27.28 -15.57 -108.42
CA GLU A 288 -27.43 -15.97 -109.83
C GLU A 288 -26.27 -16.85 -110.31
N ILE A 289 -26.45 -18.16 -110.13
CA ILE A 289 -25.54 -19.21 -110.59
C ILE A 289 -26.30 -20.31 -111.31
N MET A 290 -25.70 -20.83 -112.39
CA MET A 290 -26.20 -22.00 -113.13
C MET A 290 -26.36 -23.19 -112.20
N GLU A 291 -27.53 -23.84 -112.24
CA GLU A 291 -27.94 -24.80 -111.22
C GLU A 291 -27.35 -26.20 -111.47
N ILE A 292 -26.47 -26.63 -110.56
CA ILE A 292 -26.18 -28.06 -110.40
C ILE A 292 -25.66 -28.33 -108.98
N ASN A 293 -26.59 -28.58 -108.05
CA ASN A 293 -26.38 -28.97 -106.64
C ASN A 293 -25.61 -30.30 -106.36
N SER A 294 -24.68 -30.65 -107.24
CA SER A 294 -23.52 -31.52 -107.00
C SER A 294 -22.74 -30.97 -105.79
N HIS A 295 -22.64 -31.71 -104.68
CA HIS A 295 -22.39 -31.14 -103.32
C HIS A 295 -21.16 -30.23 -103.19
N ASN A 296 -20.02 -30.65 -103.78
CA ASN A 296 -18.90 -29.86 -104.30
C ASN A 296 -19.17 -28.35 -104.44
N LEU A 297 -20.23 -28.00 -105.18
CA LEU A 297 -20.53 -26.66 -105.63
C LEU A 297 -21.22 -25.78 -104.57
N ILE A 298 -22.10 -26.37 -103.75
CA ILE A 298 -22.76 -25.63 -102.65
C ILE A 298 -21.76 -25.37 -101.52
N TYR A 299 -20.91 -26.37 -101.25
CA TYR A 299 -19.89 -26.32 -100.20
C TYR A 299 -18.93 -25.13 -100.40
N GLU A 300 -18.34 -25.00 -101.59
CA GLU A 300 -17.51 -23.84 -101.96
C GLU A 300 -18.32 -22.53 -102.01
N LYS A 301 -19.56 -22.54 -102.52
CA LYS A 301 -20.44 -21.35 -102.55
C LYS A 301 -20.71 -20.76 -101.17
N LEU A 302 -20.94 -21.58 -100.15
CA LEU A 302 -21.20 -21.10 -98.78
C LEU A 302 -19.91 -20.61 -98.10
N LEU A 303 -18.76 -21.24 -98.38
CA LEU A 303 -17.46 -20.78 -97.89
C LEU A 303 -17.04 -19.42 -98.46
N LEU A 304 -17.42 -19.08 -99.69
CA LEU A 304 -17.18 -17.74 -100.24
C LEU A 304 -17.83 -16.64 -99.38
N ILE A 305 -19.03 -16.90 -98.86
CA ILE A 305 -19.79 -15.96 -98.04
C ILE A 305 -19.05 -15.63 -96.75
N ARG A 306 -18.30 -16.59 -96.18
CA ARG A 306 -17.45 -16.37 -95.00
C ARG A 306 -16.35 -15.35 -95.26
N GLY A 307 -15.54 -15.61 -96.28
CA GLY A 307 -14.44 -14.72 -96.69
C GLY A 307 -14.96 -13.32 -97.00
N PHE A 308 -16.09 -13.22 -97.70
CA PHE A 308 -16.73 -11.94 -97.99
C PHE A 308 -17.31 -11.24 -96.75
N LEU A 309 -17.80 -11.93 -95.73
CA LEU A 309 -18.27 -11.29 -94.51
C LEU A 309 -17.12 -10.73 -93.68
N SER A 310 -16.02 -11.48 -93.51
CA SER A 310 -14.91 -11.00 -92.66
C SER A 310 -13.99 -9.99 -93.37
N LYS A 311 -13.88 -10.01 -94.71
CA LYS A 311 -13.12 -9.02 -95.50
C LYS A 311 -13.95 -7.89 -96.10
N TYR A 312 -15.27 -8.01 -96.20
CA TYR A 312 -16.18 -6.99 -96.77
C TYR A 312 -17.50 -6.77 -95.97
N PRO A 313 -17.47 -6.63 -94.62
CA PRO A 313 -18.67 -6.70 -93.78
C PRO A 313 -19.73 -5.65 -94.14
N LYS A 314 -19.34 -4.36 -94.19
CA LYS A 314 -20.23 -3.22 -94.48
C LYS A 314 -20.99 -3.38 -95.80
N LEU A 315 -20.38 -4.07 -96.77
CA LEU A 315 -20.85 -4.32 -98.12
C LEU A 315 -21.86 -5.48 -98.13
N MET A 316 -21.53 -6.57 -97.43
CA MET A 316 -22.38 -7.74 -97.27
C MET A 316 -23.68 -7.41 -96.52
N ILE A 317 -23.62 -6.61 -95.45
CA ILE A 317 -24.79 -6.26 -94.64
C ILE A 317 -25.78 -5.38 -95.41
N GLU A 318 -25.28 -4.39 -96.14
CA GLU A 318 -26.08 -3.48 -96.99
C GLU A 318 -26.87 -4.22 -98.10
N THR A 319 -26.49 -5.47 -98.38
CA THR A 319 -27.01 -6.32 -99.45
C THR A 319 -27.62 -7.64 -98.97
N VAL A 320 -27.72 -7.86 -97.65
CA VAL A 320 -28.09 -9.16 -97.04
C VAL A 320 -29.43 -9.72 -97.52
N THR A 321 -30.36 -8.83 -97.85
CA THR A 321 -31.69 -9.08 -98.42
C THR A 321 -31.67 -9.84 -99.75
N SER A 322 -30.51 -9.97 -100.39
CA SER A 322 -30.33 -10.74 -101.63
C SER A 322 -29.77 -12.15 -101.37
N TRP A 323 -28.53 -12.25 -100.90
CA TRP A 323 -27.77 -13.49 -100.86
C TRP A 323 -28.21 -14.45 -99.76
N LEU A 324 -28.65 -13.93 -98.60
CA LEU A 324 -29.17 -14.75 -97.51
C LEU A 324 -30.47 -15.47 -97.91
N PRO A 325 -31.60 -14.77 -98.22
CA PRO A 325 -32.85 -15.44 -98.58
C PRO A 325 -32.79 -16.17 -99.93
N GLY A 326 -31.97 -15.71 -100.88
CA GLY A 326 -31.92 -16.26 -102.23
C GLY A 326 -31.23 -17.62 -102.35
N GLU A 327 -30.17 -17.88 -101.57
CA GLU A 327 -29.23 -18.99 -101.83
C GLU A 327 -28.61 -19.65 -100.58
N VAL A 328 -28.65 -19.01 -99.40
CA VAL A 328 -28.15 -19.58 -98.13
C VAL A 328 -29.27 -20.15 -97.27
N LEU A 329 -30.27 -19.33 -96.94
CA LEU A 329 -31.42 -19.66 -96.11
C LEU A 329 -32.24 -20.87 -96.61
N PRO A 330 -32.53 -21.06 -97.93
CA PRO A 330 -33.23 -22.25 -98.42
C PRO A 330 -32.48 -23.58 -98.19
N ARG A 331 -31.15 -23.54 -98.02
CA ARG A 331 -30.31 -24.76 -97.92
C ARG A 331 -30.65 -25.60 -96.68
N ILE A 332 -30.92 -24.94 -95.56
CA ILE A 332 -31.29 -25.59 -94.29
C ILE A 332 -32.71 -26.13 -94.36
N ILE A 333 -33.63 -25.31 -94.89
CA ILE A 333 -35.08 -25.54 -94.81
C ILE A 333 -35.52 -26.80 -95.56
N ILE A 334 -34.93 -27.05 -96.75
CA ILE A 334 -35.20 -28.23 -97.57
C ILE A 334 -34.86 -29.54 -96.84
N GLY A 335 -33.94 -29.49 -95.86
CA GLY A 335 -33.57 -30.62 -95.00
C GLY A 335 -32.32 -31.38 -95.47
N ASP A 336 -31.89 -32.33 -94.64
CA ASP A 336 -30.67 -33.12 -94.81
C ASP A 336 -30.73 -34.04 -96.03
N GLU A 337 -31.93 -34.52 -96.39
CA GLU A 337 -32.08 -35.59 -97.38
C GLU A 337 -31.71 -35.17 -98.81
N ILE A 338 -32.06 -33.95 -99.21
CA ILE A 338 -31.77 -33.43 -100.56
C ILE A 338 -30.28 -33.02 -100.69
N TYR A 339 -29.53 -33.05 -99.58
CA TYR A 339 -28.18 -32.52 -99.43
C TYR A 339 -27.24 -33.53 -98.74
N SER A 340 -26.43 -33.03 -97.81
CA SER A 340 -25.51 -33.74 -96.91
C SER A 340 -25.30 -32.82 -95.70
N MET A 341 -25.13 -33.39 -94.50
CA MET A 341 -25.05 -32.62 -93.25
C MET A 341 -23.99 -31.51 -93.28
N LYS A 342 -22.88 -31.72 -94.01
CA LYS A 342 -21.84 -30.70 -94.27
C LYS A 342 -22.42 -29.39 -94.80
N ILE A 343 -23.38 -29.46 -95.72
CA ILE A 343 -23.99 -28.29 -96.37
C ILE A 343 -24.80 -27.51 -95.34
N LEU A 344 -25.64 -28.21 -94.56
CA LEU A 344 -26.52 -27.66 -93.54
C LEU A 344 -25.73 -26.92 -92.45
N ILE A 345 -24.66 -27.54 -91.94
CA ILE A 345 -23.78 -26.97 -90.92
C ILE A 345 -23.09 -25.71 -91.48
N THR A 346 -22.57 -25.76 -92.71
CA THR A 346 -21.88 -24.60 -93.32
C THR A 346 -22.82 -23.40 -93.45
N SER A 347 -24.09 -23.61 -93.85
CA SER A 347 -25.10 -22.54 -93.89
C SER A 347 -25.60 -22.08 -92.52
N ILE A 348 -25.32 -22.81 -91.42
CA ILE A 348 -25.52 -22.32 -90.03
C ILE A 348 -24.36 -21.42 -89.61
N VAL A 349 -23.11 -21.76 -89.96
CA VAL A 349 -21.91 -20.96 -89.60
C VAL A 349 -21.98 -19.54 -90.15
N VAL A 350 -22.44 -19.38 -91.40
CA VAL A 350 -22.62 -18.06 -92.06
C VAL A 350 -23.53 -17.11 -91.24
N LEU A 351 -24.47 -17.65 -90.46
CA LEU A 351 -25.38 -16.89 -89.60
C LEU A 351 -24.64 -16.29 -88.40
N LEU A 352 -23.73 -17.07 -87.81
CA LEU A 352 -22.90 -16.70 -86.66
C LEU A 352 -21.85 -15.66 -87.02
N GLU A 353 -21.27 -15.75 -88.22
CA GLU A 353 -20.31 -14.78 -88.74
C GLU A 353 -20.94 -13.42 -88.98
N LEU A 354 -22.12 -13.38 -89.63
CA LEU A 354 -22.89 -12.15 -89.77
C LEU A 354 -23.22 -11.56 -88.39
N LEU A 355 -23.57 -12.39 -87.40
CA LEU A 355 -23.84 -11.93 -86.04
C LEU A 355 -22.62 -11.27 -85.38
N LYS A 356 -21.42 -11.84 -85.52
CA LYS A 356 -20.14 -11.26 -85.06
C LYS A 356 -19.63 -10.07 -85.89
N LYS A 357 -20.37 -9.62 -86.92
CA LYS A 357 -20.02 -8.45 -87.76
C LYS A 357 -21.18 -7.49 -88.08
N CYS A 358 -22.39 -7.71 -87.52
CA CYS A 358 -23.61 -6.93 -87.80
C CYS A 358 -24.18 -6.17 -86.59
N LEU A 359 -23.95 -6.62 -85.35
CA LEU A 359 -24.36 -5.87 -84.14
C LEU A 359 -23.58 -4.55 -83.99
N ASP A 360 -22.44 -4.48 -84.69
CA ASP A 360 -21.58 -3.34 -85.00
C ASP A 360 -22.36 -2.23 -85.74
N PHE A 361 -23.35 -2.61 -86.57
CA PHE A 361 -24.18 -1.73 -87.40
C PHE A 361 -25.68 -1.76 -87.04
N VAL A 362 -26.11 -2.62 -86.11
CA VAL A 362 -27.49 -2.76 -85.57
C VAL A 362 -28.58 -3.21 -86.57
N ASP A 363 -28.31 -3.11 -87.88
CA ASP A 363 -29.30 -3.12 -88.95
C ASP A 363 -30.48 -2.14 -88.68
N GLU A 364 -30.17 -0.84 -88.63
CA GLU A 364 -31.17 0.23 -88.66
C GLU A 364 -32.10 0.19 -89.88
N HIS A 365 -31.75 -0.52 -90.98
CA HIS A 365 -32.65 -0.71 -92.13
C HIS A 365 -33.75 -1.75 -91.83
N GLU A 366 -33.63 -2.50 -90.73
CA GLU A 366 -34.55 -3.54 -90.25
C GLU A 366 -34.83 -4.68 -91.26
N ARG A 367 -33.86 -5.01 -92.12
CA ARG A 367 -33.93 -6.03 -93.18
C ARG A 367 -34.37 -7.37 -92.62
N ILE A 368 -33.87 -7.70 -91.44
CA ILE A 368 -34.09 -8.97 -90.75
C ILE A 368 -35.57 -9.28 -90.55
N TYR A 369 -36.29 -8.46 -89.78
CA TYR A 369 -37.69 -8.71 -89.50
C TYR A 369 -38.53 -8.58 -90.79
N GLN A 370 -38.17 -7.63 -91.66
CA GLN A 370 -38.84 -7.39 -92.94
C GLN A 370 -38.84 -8.64 -93.83
N CYS A 371 -37.67 -9.19 -94.17
CA CYS A 371 -37.53 -10.27 -95.16
C CYS A 371 -37.77 -11.69 -94.60
N ILE A 372 -38.12 -11.84 -93.31
CA ILE A 372 -38.18 -13.15 -92.63
C ILE A 372 -39.45 -13.38 -91.79
N MET A 373 -39.92 -12.38 -91.02
CA MET A 373 -41.05 -12.55 -90.09
C MET A 373 -42.28 -11.73 -90.47
N LEU A 374 -42.08 -10.60 -91.16
CA LEU A 374 -43.11 -9.85 -91.87
C LEU A 374 -43.48 -10.56 -93.18
N SER A 375 -42.48 -10.91 -93.99
CA SER A 375 -42.64 -11.41 -95.36
C SER A 375 -42.83 -12.94 -95.49
N PRO A 376 -43.75 -13.39 -96.38
CA PRO A 376 -43.92 -14.78 -96.81
C PRO A 376 -42.88 -15.27 -97.82
N VAL A 377 -43.04 -16.52 -98.27
CA VAL A 377 -42.10 -17.25 -99.13
C VAL A 377 -41.90 -16.57 -100.48
N CYS A 378 -42.97 -16.38 -101.25
CA CYS A 378 -42.93 -15.86 -102.63
C CYS A 378 -42.51 -14.38 -102.74
N GLU A 379 -42.42 -13.64 -101.63
CA GLU A 379 -41.89 -12.26 -101.58
C GLU A 379 -40.34 -12.22 -101.55
N THR A 380 -39.65 -13.30 -101.11
CA THR A 380 -38.18 -13.29 -100.92
C THR A 380 -37.42 -14.55 -101.32
N ILE A 381 -38.07 -15.72 -101.39
CA ILE A 381 -37.46 -17.00 -101.82
C ILE A 381 -37.71 -17.20 -103.33
N PRO A 382 -36.65 -17.33 -104.16
CA PRO A 382 -36.81 -17.66 -105.58
C PRO A 382 -37.37 -19.07 -105.82
N GLU A 383 -38.15 -19.24 -106.89
CA GLU A 383 -38.76 -20.52 -107.31
C GLU A 383 -37.71 -21.65 -107.48
N LYS A 384 -36.48 -21.27 -107.86
CA LYS A 384 -35.28 -22.12 -107.94
C LYS A 384 -35.10 -23.09 -106.76
N PHE A 385 -35.54 -22.69 -105.55
CA PHE A 385 -35.49 -23.52 -104.34
C PHE A 385 -36.86 -23.98 -103.84
N LEU A 386 -37.93 -23.24 -104.14
CA LEU A 386 -39.29 -23.55 -103.72
C LEU A 386 -39.84 -24.82 -104.41
N SER A 387 -39.50 -25.10 -105.67
CA SER A 387 -39.92 -26.35 -106.33
C SER A 387 -39.30 -27.62 -105.73
N LYS A 388 -38.14 -27.47 -105.06
CA LYS A 388 -37.41 -28.52 -104.32
C LYS A 388 -37.86 -28.65 -102.86
N LEU A 389 -38.86 -27.88 -102.41
CA LEU A 389 -39.22 -27.75 -101.00
C LEU A 389 -40.30 -28.75 -100.52
N PRO A 390 -40.08 -29.54 -99.44
CA PRO A 390 -41.11 -30.39 -98.84
C PRO A 390 -42.24 -29.60 -98.12
N LEU A 391 -43.21 -29.09 -98.89
CA LEU A 391 -44.48 -28.52 -98.43
C LEU A 391 -45.43 -29.60 -97.85
N ASN A 392 -46.52 -29.23 -97.15
CA ASN A 392 -47.31 -30.18 -96.37
C ASN A 392 -48.85 -30.15 -96.57
N SER A 393 -49.51 -29.00 -96.38
CA SER A 393 -50.97 -28.86 -96.36
C SER A 393 -51.44 -27.55 -97.03
N TYR A 394 -52.36 -26.79 -96.41
CA TYR A 394 -52.91 -25.54 -96.96
C TYR A 394 -51.81 -24.50 -97.23
N ASP A 395 -50.72 -24.56 -96.47
CA ASP A 395 -49.45 -23.84 -96.66
C ASP A 395 -48.93 -23.89 -98.11
N SER A 396 -49.11 -25.01 -98.83
CA SER A 396 -48.72 -25.14 -100.24
C SER A 396 -49.55 -24.24 -101.18
N ALA A 397 -50.82 -24.02 -100.85
CA ALA A 397 -51.74 -23.13 -101.57
C ALA A 397 -51.79 -21.70 -100.99
N ASN A 398 -51.13 -21.45 -99.86
CA ASN A 398 -51.09 -20.18 -99.13
C ASN A 398 -49.65 -19.77 -98.74
N LEU A 399 -48.79 -19.79 -99.75
CA LEU A 399 -47.41 -19.30 -99.70
C LEU A 399 -47.35 -17.78 -99.44
N ASP A 400 -48.46 -17.07 -99.69
CA ASP A 400 -48.81 -15.67 -99.34
C ASP A 400 -48.89 -15.40 -97.82
N LYS A 401 -48.98 -16.46 -96.99
CA LYS A 401 -49.27 -16.34 -95.56
C LYS A 401 -48.19 -16.96 -94.66
N VAL A 402 -47.44 -17.92 -95.16
CA VAL A 402 -46.32 -18.59 -94.47
C VAL A 402 -45.10 -17.69 -94.45
N THR A 403 -44.96 -16.88 -93.39
CA THR A 403 -43.75 -16.11 -93.10
C THR A 403 -42.57 -17.02 -92.77
N ILE A 404 -41.37 -16.67 -93.24
CA ILE A 404 -40.19 -17.56 -93.23
C ILE A 404 -39.87 -18.08 -91.82
N GLY A 405 -40.10 -17.28 -90.77
CA GLY A 405 -39.98 -17.68 -89.36
C GLY A 405 -40.79 -18.93 -88.97
N HIS A 406 -41.96 -19.16 -89.58
CA HIS A 406 -42.82 -20.34 -89.32
C HIS A 406 -42.16 -21.62 -89.81
N LEU A 407 -41.74 -21.65 -91.08
CA LEU A 407 -41.14 -22.84 -91.70
C LEU A 407 -39.77 -23.17 -91.09
N LEU A 408 -38.99 -22.16 -90.68
CA LEU A 408 -37.75 -22.33 -89.91
C LEU A 408 -38.05 -23.00 -88.56
N THR A 409 -39.04 -22.49 -87.83
CA THR A 409 -39.45 -23.01 -86.52
C THR A 409 -39.88 -24.48 -86.60
N GLN A 410 -40.51 -24.90 -87.70
CA GLN A 410 -40.87 -26.29 -87.90
C GLN A 410 -39.63 -27.19 -88.08
N GLN A 411 -38.67 -26.80 -88.93
CA GLN A 411 -37.48 -27.61 -89.21
C GLN A 411 -36.62 -27.84 -87.96
N ILE A 412 -36.49 -26.81 -87.09
CA ILE A 412 -35.79 -26.93 -85.80
C ILE A 412 -36.48 -27.96 -84.88
N LYS A 413 -37.81 -28.07 -84.94
CA LYS A 413 -38.62 -29.01 -84.16
C LYS A 413 -38.29 -30.47 -84.50
N ASN A 414 -38.07 -30.81 -85.77
CA ASN A 414 -37.66 -32.18 -86.13
C ASN A 414 -36.25 -32.54 -85.65
N TYR A 415 -35.29 -31.61 -85.59
CA TYR A 415 -33.93 -31.94 -85.11
C TYR A 415 -33.97 -32.52 -83.69
N ILE A 416 -34.70 -31.89 -82.76
CA ILE A 416 -34.81 -32.35 -81.37
C ILE A 416 -35.64 -33.64 -81.26
N VAL A 417 -36.80 -33.69 -81.91
CA VAL A 417 -37.81 -34.75 -81.70
C VAL A 417 -37.60 -35.99 -82.57
N VAL A 418 -36.82 -35.90 -83.65
CA VAL A 418 -36.59 -36.99 -84.64
C VAL A 418 -35.12 -37.43 -84.69
N LYS A 419 -34.20 -36.49 -84.88
CA LYS A 419 -32.76 -36.79 -85.07
C LYS A 419 -31.99 -36.88 -83.74
N ASN A 420 -32.45 -36.12 -82.74
CA ASN A 420 -31.76 -35.79 -81.48
C ASN A 420 -30.57 -34.80 -81.65
N ASP A 421 -30.52 -34.04 -82.75
CA ASP A 421 -29.49 -33.03 -83.09
C ASP A 421 -29.61 -31.73 -82.26
N ASN A 422 -29.63 -31.87 -80.93
CA ASN A 422 -29.96 -30.81 -79.98
C ASN A 422 -29.07 -29.56 -80.09
N LYS A 423 -27.77 -29.73 -80.37
CA LYS A 423 -26.81 -28.62 -80.55
C LYS A 423 -27.12 -27.79 -81.80
N ILE A 424 -27.28 -28.48 -82.95
CA ILE A 424 -27.59 -27.87 -84.26
C ILE A 424 -28.88 -27.04 -84.17
N ALA A 425 -29.90 -27.57 -83.49
CA ALA A 425 -31.17 -26.90 -83.29
C ALA A 425 -31.05 -25.58 -82.50
N MET A 426 -30.23 -25.57 -81.45
CA MET A 426 -30.12 -24.45 -80.50
C MET A 426 -29.11 -23.38 -80.93
N ASP A 427 -27.96 -23.77 -81.49
CA ASP A 427 -26.97 -22.83 -82.02
C ASP A 427 -27.53 -22.05 -83.23
N LEU A 428 -28.33 -22.71 -84.09
CA LEU A 428 -29.12 -22.05 -85.14
C LEU A 428 -30.11 -21.07 -84.51
N TRP A 429 -30.99 -21.56 -83.64
CA TRP A 429 -32.09 -20.79 -83.02
C TRP A 429 -31.59 -19.47 -82.40
N LEU A 430 -30.45 -19.54 -81.71
CA LEU A 430 -29.71 -18.42 -81.13
C LEU A 430 -29.49 -17.27 -82.12
N SER A 431 -28.92 -17.60 -83.28
CA SER A 431 -28.34 -16.61 -84.18
C SER A 431 -29.42 -15.72 -84.80
N MET A 432 -30.57 -16.34 -85.08
CA MET A 432 -31.73 -15.66 -85.65
C MET A 432 -32.34 -14.69 -84.64
N THR A 433 -32.52 -15.10 -83.36
CA THR A 433 -33.18 -14.26 -82.35
C THR A 433 -32.41 -12.98 -82.08
N GLY A 434 -31.06 -13.04 -82.07
CA GLY A 434 -30.20 -11.88 -81.90
C GLY A 434 -30.33 -10.89 -83.05
N LEU A 435 -30.02 -11.34 -84.27
CA LEU A 435 -30.11 -10.51 -85.48
C LEU A 435 -31.51 -9.91 -85.64
N LEU A 436 -32.58 -10.70 -85.47
CA LEU A 436 -33.96 -10.24 -85.64
C LEU A 436 -34.37 -9.08 -84.74
N TYR A 437 -33.89 -9.06 -83.48
CA TYR A 437 -34.41 -8.19 -82.42
C TYR A 437 -33.40 -7.18 -81.87
N ASP A 438 -32.18 -7.08 -82.42
CA ASP A 438 -31.22 -6.02 -82.06
C ASP A 438 -31.76 -4.60 -82.34
N SER A 439 -32.62 -4.46 -83.34
CA SER A 439 -33.37 -3.24 -83.62
C SER A 439 -34.11 -2.76 -82.37
N GLY A 440 -33.79 -1.57 -81.85
CA GLY A 440 -34.23 -1.08 -80.52
C GLY A 440 -35.74 -0.89 -80.28
N LYS A 441 -36.59 -1.39 -81.18
CA LYS A 441 -38.05 -1.51 -81.03
C LYS A 441 -38.54 -2.97 -81.08
N ARG A 442 -37.80 -3.90 -81.71
CA ARG A 442 -38.13 -5.33 -81.88
C ARG A 442 -37.84 -6.17 -80.65
N VAL A 443 -37.01 -5.68 -79.74
CA VAL A 443 -36.73 -6.33 -78.45
C VAL A 443 -38.02 -6.70 -77.70
N TYR A 444 -39.05 -5.88 -77.80
CA TYR A 444 -40.35 -6.08 -77.16
C TYR A 444 -41.17 -7.23 -77.78
N ASP A 445 -40.91 -7.63 -79.03
CA ASP A 445 -41.61 -8.72 -79.74
C ASP A 445 -41.42 -10.09 -79.05
N LEU A 446 -40.36 -10.24 -78.21
CA LEU A 446 -40.14 -11.40 -77.32
C LEU A 446 -41.33 -11.68 -76.39
N THR A 447 -42.15 -10.67 -76.08
CA THR A 447 -43.33 -10.80 -75.22
C THR A 447 -44.53 -11.43 -75.94
N SER A 448 -44.54 -11.45 -77.28
CA SER A 448 -45.72 -11.80 -78.08
C SER A 448 -45.99 -13.31 -78.14
N GLU A 449 -47.24 -13.73 -78.00
CA GLU A 449 -47.62 -15.16 -77.97
C GLU A 449 -47.29 -15.90 -79.29
N SER A 450 -47.35 -15.20 -80.43
CA SER A 450 -46.90 -15.71 -81.74
C SER A 450 -45.40 -16.01 -81.81
N ASN A 451 -44.63 -15.54 -80.82
CA ASN A 451 -43.17 -15.59 -80.76
C ASN A 451 -42.70 -16.49 -79.60
N LYS A 452 -43.53 -16.73 -78.58
CA LYS A 452 -43.23 -17.62 -77.45
C LYS A 452 -43.01 -19.09 -77.83
N VAL A 453 -43.44 -19.51 -79.02
CA VAL A 453 -43.12 -20.83 -79.61
C VAL A 453 -41.61 -21.11 -79.64
N TRP A 454 -40.77 -20.07 -79.64
CA TRP A 454 -39.31 -20.16 -79.54
C TRP A 454 -38.86 -20.61 -78.13
N PHE A 455 -39.55 -20.15 -77.06
CA PHE A 455 -39.33 -20.61 -75.68
C PHE A 455 -39.86 -22.02 -75.48
N ASP A 456 -41.02 -22.36 -76.05
CA ASP A 456 -41.58 -23.72 -76.03
C ASP A 456 -40.59 -24.71 -76.65
N LEU A 457 -40.04 -24.37 -77.81
CA LEU A 457 -39.03 -25.14 -78.53
C LEU A 457 -37.77 -25.39 -77.67
N ASN A 458 -37.31 -24.39 -76.90
CA ASN A 458 -36.25 -24.55 -75.89
C ASN A 458 -36.67 -25.50 -74.75
N ASN A 459 -37.90 -25.37 -74.25
CA ASN A 459 -38.45 -26.22 -73.18
C ASN A 459 -38.46 -27.71 -73.59
N LEU A 460 -38.84 -28.00 -74.84
CA LEU A 460 -38.85 -29.36 -75.40
C LEU A 460 -37.44 -29.97 -75.53
N CYS A 461 -36.38 -29.16 -75.57
CA CYS A 461 -34.99 -29.60 -75.45
C CYS A 461 -34.62 -29.85 -73.97
N PHE A 462 -34.99 -28.95 -73.05
CA PHE A 462 -34.67 -29.04 -71.62
C PHE A 462 -35.32 -30.23 -70.88
N ILE A 463 -36.46 -30.74 -71.34
CA ILE A 463 -37.08 -31.96 -70.77
C ILE A 463 -36.35 -33.26 -71.15
N ASN A 464 -35.30 -33.21 -71.99
CA ASN A 464 -34.50 -34.37 -72.36
C ASN A 464 -33.48 -34.75 -71.26
N ASN A 465 -33.00 -35.99 -71.32
CA ASN A 465 -32.17 -36.65 -70.31
C ASN A 465 -30.81 -35.96 -70.11
N HIS A 466 -30.16 -35.64 -71.24
CA HIS A 466 -28.72 -35.37 -71.32
C HIS A 466 -28.33 -34.09 -70.52
N PRO A 467 -27.49 -34.16 -69.46
CA PRO A 467 -27.18 -32.99 -68.62
C PRO A 467 -26.54 -31.84 -69.40
N LYS A 468 -25.64 -32.18 -70.35
CA LYS A 468 -25.02 -31.25 -71.31
C LYS A 468 -26.05 -30.53 -72.20
N THR A 469 -27.08 -31.23 -72.68
CA THR A 469 -28.22 -30.63 -73.41
C THR A 469 -29.02 -29.67 -72.52
N ARG A 470 -29.30 -30.06 -71.27
CA ARG A 470 -29.99 -29.20 -70.29
C ARG A 470 -29.20 -27.94 -69.94
N LEU A 471 -27.88 -28.03 -69.75
CA LEU A 471 -27.00 -26.86 -69.58
C LEU A 471 -27.02 -25.94 -70.81
N MET A 472 -26.85 -26.52 -72.00
CA MET A 472 -26.76 -25.78 -73.26
C MET A 472 -28.05 -25.00 -73.56
N SER A 473 -29.23 -25.58 -73.34
CA SER A 473 -30.54 -24.90 -73.48
C SER A 473 -30.75 -23.73 -72.47
N ILE A 474 -29.80 -23.50 -71.55
CA ILE A 474 -29.70 -22.28 -70.73
C ILE A 474 -28.53 -21.39 -71.19
N LYS A 475 -27.40 -21.98 -71.59
CA LYS A 475 -26.20 -21.31 -72.15
C LYS A 475 -26.55 -20.36 -73.31
N VAL A 476 -27.58 -20.70 -74.10
CA VAL A 476 -28.14 -19.87 -75.19
C VAL A 476 -28.74 -18.53 -74.75
N TRP A 477 -29.22 -18.40 -73.51
CA TRP A 477 -29.98 -17.21 -73.08
C TRP A 477 -29.16 -15.92 -73.01
N ARG A 478 -27.82 -16.01 -73.18
CA ARG A 478 -26.89 -14.87 -73.31
C ARG A 478 -27.39 -13.76 -74.26
N ILE A 479 -28.03 -14.13 -75.38
CA ILE A 479 -28.56 -13.15 -76.34
C ILE A 479 -29.79 -12.42 -75.82
N ILE A 480 -30.63 -13.12 -75.04
CA ILE A 480 -31.89 -12.62 -74.50
C ILE A 480 -31.58 -11.52 -73.48
N THR A 481 -30.55 -11.73 -72.64
CA THR A 481 -29.92 -10.70 -71.81
C THR A 481 -29.41 -9.52 -72.62
N TYR A 482 -28.59 -9.76 -73.65
CA TYR A 482 -27.97 -8.69 -74.43
C TYR A 482 -29.03 -7.79 -75.09
N CYS A 483 -30.05 -8.35 -75.76
CA CYS A 483 -31.12 -7.57 -76.39
C CYS A 483 -31.93 -6.78 -75.36
N ILE A 484 -32.39 -7.44 -74.28
CA ILE A 484 -33.23 -6.82 -73.23
C ILE A 484 -32.51 -5.75 -72.41
N CYS A 485 -31.18 -5.82 -72.30
CA CYS A 485 -30.40 -4.95 -71.40
C CYS A 485 -29.48 -3.93 -72.11
N THR A 486 -29.37 -3.97 -73.44
CA THR A 486 -28.61 -2.97 -74.23
C THR A 486 -29.49 -2.09 -75.12
N LYS A 487 -30.42 -2.68 -75.89
CA LYS A 487 -31.22 -1.96 -76.92
C LYS A 487 -32.61 -1.55 -76.41
N ILE A 488 -32.76 -1.45 -75.09
CA ILE A 488 -34.01 -1.20 -74.35
C ILE A 488 -34.38 0.29 -74.29
N SER A 489 -35.68 0.61 -74.20
CA SER A 489 -36.16 1.99 -74.05
C SER A 489 -37.13 2.15 -72.86
N GLN A 490 -36.69 2.90 -71.83
CA GLN A 490 -37.39 3.03 -70.53
C GLN A 490 -38.88 3.34 -70.67
N LYS A 491 -39.21 4.19 -71.65
CA LYS A 491 -40.54 4.65 -72.08
C LYS A 491 -41.63 3.59 -71.96
N ASN A 492 -41.40 2.38 -72.48
CA ASN A 492 -42.35 1.26 -72.40
C ASN A 492 -42.22 0.51 -71.07
N GLN A 493 -42.69 1.12 -69.98
CA GLN A 493 -42.48 0.64 -68.61
C GLN A 493 -42.92 -0.82 -68.38
N GLU A 494 -44.15 -1.17 -68.79
CA GLU A 494 -44.71 -2.52 -68.68
C GLU A 494 -44.10 -3.50 -69.70
N GLY A 495 -43.67 -3.01 -70.87
CA GLY A 495 -42.89 -3.79 -71.83
C GLY A 495 -41.56 -4.26 -71.23
N ASN A 496 -40.79 -3.34 -70.64
CA ASN A 496 -39.54 -3.68 -69.94
C ASN A 496 -39.81 -4.72 -68.86
N LYS A 497 -40.75 -4.44 -67.95
CA LYS A 497 -41.18 -5.33 -66.86
C LYS A 497 -41.53 -6.75 -67.35
N SER A 498 -42.18 -6.86 -68.51
CA SER A 498 -42.58 -8.16 -69.11
C SER A 498 -41.36 -8.95 -69.60
N LEU A 499 -40.44 -8.29 -70.31
CA LEU A 499 -39.16 -8.86 -70.75
C LEU A 499 -38.33 -9.35 -69.55
N LEU A 500 -38.21 -8.53 -68.50
CA LEU A 500 -37.48 -8.85 -67.27
C LEU A 500 -38.10 -10.04 -66.50
N SER A 501 -39.40 -10.28 -66.65
CA SER A 501 -40.09 -11.43 -66.08
C SER A 501 -39.81 -12.71 -66.89
N LEU A 502 -39.92 -12.64 -68.23
CA LEU A 502 -39.55 -13.75 -69.13
C LEU A 502 -38.09 -14.15 -68.94
N LEU A 503 -37.18 -13.21 -68.71
CA LEU A 503 -35.75 -13.45 -68.54
C LEU A 503 -35.42 -14.35 -67.33
N ARG A 504 -36.33 -14.48 -66.35
CA ARG A 504 -36.24 -15.40 -65.19
C ARG A 504 -36.72 -16.83 -65.48
N THR A 505 -37.23 -17.11 -66.68
CA THR A 505 -37.77 -18.43 -67.08
C THR A 505 -36.79 -19.60 -66.88
N PRO A 506 -35.47 -19.48 -67.14
CA PRO A 506 -34.51 -20.55 -66.82
C PRO A 506 -34.54 -21.00 -65.35
N PHE A 507 -34.77 -20.07 -64.42
CA PHE A 507 -34.86 -20.40 -62.99
C PHE A 507 -36.14 -21.18 -62.69
N GLN A 508 -37.25 -20.87 -63.39
CA GLN A 508 -38.49 -21.64 -63.31
C GLN A 508 -38.35 -23.08 -63.84
N MET A 509 -37.56 -23.27 -64.91
CA MET A 509 -37.25 -24.59 -65.50
C MET A 509 -36.35 -25.43 -64.58
N THR A 510 -35.30 -24.82 -64.02
CA THR A 510 -34.29 -25.49 -63.17
C THR A 510 -34.70 -25.70 -61.72
N LEU A 511 -35.69 -24.96 -61.21
CA LEU A 511 -36.18 -25.05 -59.83
C LEU A 511 -36.43 -26.49 -59.31
N PRO A 512 -37.17 -27.39 -59.99
CA PRO A 512 -37.32 -28.79 -59.57
C PRO A 512 -36.03 -29.61 -59.73
N TYR A 513 -35.12 -29.18 -60.61
CA TYR A 513 -33.90 -29.91 -61.00
C TYR A 513 -32.66 -29.47 -60.20
N VAL A 514 -32.79 -28.64 -59.15
CA VAL A 514 -31.66 -28.15 -58.31
C VAL A 514 -30.74 -29.25 -57.76
N ASN A 515 -31.25 -30.49 -57.69
CA ASN A 515 -30.51 -31.71 -57.38
C ASN A 515 -29.35 -31.99 -58.35
N ASP A 516 -29.53 -31.70 -59.65
CA ASP A 516 -28.59 -31.99 -60.74
C ASP A 516 -27.43 -30.96 -60.79
N PRO A 517 -26.15 -31.36 -61.00
CA PRO A 517 -25.03 -30.43 -61.11
C PRO A 517 -25.20 -29.37 -62.21
N SER A 518 -25.58 -29.80 -63.41
CA SER A 518 -25.68 -28.94 -64.60
C SER A 518 -26.76 -27.87 -64.47
N ALA A 519 -27.88 -28.22 -63.82
CA ALA A 519 -29.01 -27.33 -63.58
C ALA A 519 -28.65 -26.18 -62.63
N ARG A 520 -27.77 -26.42 -61.65
CA ARG A 520 -27.22 -25.39 -60.75
C ARG A 520 -26.30 -24.44 -61.51
N GLU A 521 -25.47 -24.96 -62.39
CA GLU A 521 -24.44 -24.18 -63.08
C GLU A 521 -25.02 -23.19 -64.11
N GLY A 522 -26.08 -23.60 -64.82
CA GLY A 522 -26.79 -22.74 -65.77
C GLY A 522 -27.40 -21.48 -65.13
N ILE A 523 -27.80 -21.55 -63.85
CA ILE A 523 -28.30 -20.39 -63.08
C ILE A 523 -27.19 -19.35 -62.95
N ILE A 524 -25.96 -19.78 -62.61
CA ILE A 524 -24.81 -18.90 -62.39
C ILE A 524 -24.36 -18.27 -63.71
N TYR A 525 -24.19 -19.09 -64.77
CA TYR A 525 -23.73 -18.63 -66.10
C TYR A 525 -24.64 -17.55 -66.67
N HIS A 526 -25.96 -17.76 -66.60
CA HIS A 526 -26.97 -16.79 -67.00
C HIS A 526 -26.84 -15.49 -66.20
N LEU A 527 -26.87 -15.61 -64.87
CA LEU A 527 -26.95 -14.46 -63.98
C LEU A 527 -25.73 -13.53 -64.06
N LEU A 528 -24.53 -14.09 -64.26
CA LEU A 528 -23.30 -13.33 -64.55
C LEU A 528 -23.49 -12.42 -65.76
N GLY A 529 -24.04 -12.96 -66.86
CA GLY A 529 -24.33 -12.20 -68.07
C GLY A 529 -25.35 -11.08 -67.85
N VAL A 530 -26.40 -11.31 -67.04
CA VAL A 530 -27.41 -10.29 -66.68
C VAL A 530 -26.73 -9.10 -65.99
N VAL A 531 -25.99 -9.39 -64.92
CA VAL A 531 -25.34 -8.39 -64.07
C VAL A 531 -24.30 -7.59 -64.85
N TYR A 532 -23.43 -8.31 -65.56
CA TYR A 532 -22.40 -7.72 -66.39
C TYR A 532 -22.99 -6.74 -67.40
N THR A 533 -24.03 -7.16 -68.12
CA THR A 533 -24.55 -6.37 -69.24
C THR A 533 -25.37 -5.17 -68.77
N ALA A 534 -26.16 -5.32 -67.70
CA ALA A 534 -26.99 -4.25 -67.15
C ALA A 534 -26.21 -3.16 -66.38
N PHE A 535 -25.03 -3.48 -65.83
CA PHE A 535 -24.30 -2.60 -64.89
C PHE A 535 -22.82 -2.36 -65.21
N THR A 536 -22.07 -3.37 -65.66
CA THR A 536 -20.62 -3.24 -65.94
C THR A 536 -20.38 -2.69 -67.35
N SER A 537 -21.05 -3.25 -68.37
CA SER A 537 -20.87 -2.86 -69.77
C SER A 537 -21.89 -1.84 -70.28
N ASN A 538 -23.09 -1.77 -69.69
CA ASN A 538 -23.97 -0.61 -69.85
C ASN A 538 -23.35 0.64 -69.18
N LYS A 539 -22.99 1.65 -69.97
CA LYS A 539 -22.55 2.97 -69.48
C LYS A 539 -23.75 3.85 -69.06
N ASN A 540 -24.88 3.67 -69.73
CA ASN A 540 -26.10 4.48 -69.60
C ASN A 540 -27.00 3.95 -68.47
N LEU A 541 -26.58 4.09 -67.21
CA LEU A 541 -27.35 3.59 -66.06
C LEU A 541 -28.23 4.65 -65.38
N SER A 542 -27.81 5.92 -65.39
CA SER A 542 -28.57 7.08 -64.86
C SER A 542 -29.12 6.79 -63.45
N THR A 543 -30.38 7.14 -63.16
CA THR A 543 -31.15 6.56 -62.04
C THR A 543 -32.17 5.54 -62.55
N ASP A 544 -32.80 5.86 -63.67
CA ASP A 544 -34.02 5.23 -64.16
C ASP A 544 -33.82 3.77 -64.61
N MET A 545 -32.72 3.46 -65.31
CA MET A 545 -32.41 2.09 -65.73
C MET A 545 -32.17 1.19 -64.52
N PHE A 546 -31.45 1.69 -63.51
CA PHE A 546 -31.15 0.95 -62.29
C PHE A 546 -32.41 0.51 -61.54
N GLU A 547 -33.42 1.39 -61.43
CA GLU A 547 -34.71 1.08 -60.78
C GLU A 547 -35.43 -0.10 -61.46
N LEU A 548 -35.39 -0.17 -62.81
CA LEU A 548 -35.92 -1.31 -63.58
C LEU A 548 -35.12 -2.57 -63.30
N PHE A 549 -33.79 -2.44 -63.33
CA PHE A 549 -32.87 -3.52 -63.02
C PHE A 549 -32.85 -3.92 -61.54
N TRP A 550 -33.67 -3.33 -60.65
CA TRP A 550 -33.66 -3.62 -59.22
C TRP A 550 -34.95 -4.20 -58.65
N ASP A 551 -35.90 -3.38 -58.19
CA ASP A 551 -37.15 -3.85 -57.57
C ASP A 551 -38.08 -4.56 -58.60
N HIS A 552 -37.86 -4.40 -59.91
CA HIS A 552 -38.50 -5.21 -60.97
C HIS A 552 -37.64 -6.40 -61.49
N LEU A 553 -36.38 -6.53 -61.06
CA LEU A 553 -35.45 -7.57 -61.55
C LEU A 553 -34.69 -8.32 -60.44
N ILE A 554 -33.70 -7.73 -59.78
CA ILE A 554 -32.88 -8.46 -58.77
C ILE A 554 -33.75 -8.95 -57.62
N THR A 555 -34.67 -8.12 -57.11
CA THR A 555 -35.57 -8.54 -56.01
C THR A 555 -36.42 -9.75 -56.43
N PRO A 556 -37.17 -9.74 -57.56
CA PRO A 556 -37.83 -10.95 -58.11
C PRO A 556 -36.93 -12.15 -58.45
N ILE A 557 -35.62 -11.97 -58.72
CA ILE A 557 -34.67 -13.08 -58.85
C ILE A 557 -34.43 -13.71 -57.47
N TYR A 558 -34.05 -12.90 -56.49
CA TYR A 558 -33.53 -13.42 -55.23
C TYR A 558 -34.62 -13.84 -54.24
N GLU A 559 -35.69 -13.06 -54.07
CA GLU A 559 -36.83 -13.42 -53.22
C GLU A 559 -37.60 -14.63 -53.76
N ASP A 560 -37.83 -14.69 -55.08
CA ASP A 560 -38.70 -15.74 -55.64
C ASP A 560 -37.96 -17.02 -56.08
N TYR A 561 -36.63 -17.01 -56.20
CA TYR A 561 -35.82 -18.20 -56.52
C TYR A 561 -34.67 -18.45 -55.53
N VAL A 562 -33.76 -17.47 -55.33
CA VAL A 562 -32.47 -17.74 -54.66
C VAL A 562 -32.64 -18.12 -53.18
N PHE A 563 -33.51 -17.43 -52.44
CA PHE A 563 -33.79 -17.69 -51.01
C PHE A 563 -34.59 -18.97 -50.73
N LYS A 564 -34.64 -19.90 -51.70
CA LYS A 564 -35.38 -21.18 -51.63
C LYS A 564 -34.51 -22.40 -51.99
N TYR A 565 -33.26 -22.21 -52.40
CA TYR A 565 -32.33 -23.30 -52.72
C TYR A 565 -31.54 -23.78 -51.48
N ASP A 566 -31.78 -25.01 -51.03
CA ASP A 566 -30.99 -25.70 -50.00
C ASP A 566 -29.51 -25.96 -50.40
N SER A 567 -29.15 -25.74 -51.66
CA SER A 567 -27.79 -25.87 -52.18
C SER A 567 -26.91 -24.71 -51.72
N ILE A 568 -26.17 -24.91 -50.61
CA ILE A 568 -25.38 -23.86 -49.97
C ILE A 568 -24.18 -23.38 -50.81
N HIS A 569 -23.51 -24.26 -51.57
CA HIS A 569 -22.34 -23.88 -52.37
C HIS A 569 -22.77 -23.03 -53.57
N LEU A 570 -23.94 -23.32 -54.16
CA LEU A 570 -24.61 -22.46 -55.15
C LEU A 570 -24.89 -21.07 -54.54
N GLN A 571 -25.56 -20.99 -53.38
CA GLN A 571 -25.85 -19.72 -52.71
C GLN A 571 -24.59 -18.89 -52.41
N ASN A 572 -23.48 -19.54 -52.03
CA ASN A 572 -22.18 -18.91 -51.78
C ASN A 572 -21.75 -18.05 -53.00
N VAL A 573 -21.81 -18.63 -54.20
CA VAL A 573 -21.48 -17.96 -55.46
C VAL A 573 -22.53 -16.89 -55.82
N LEU A 574 -23.83 -17.21 -55.70
CA LEU A 574 -24.92 -16.26 -56.03
C LEU A 574 -24.91 -15.00 -55.16
N PHE A 575 -24.43 -15.08 -53.91
CA PHE A 575 -24.25 -13.91 -53.03
C PHE A 575 -22.88 -13.22 -53.21
N THR A 576 -21.86 -13.91 -53.74
CA THR A 576 -20.53 -13.32 -54.00
C THR A 576 -20.60 -12.15 -55.00
N VAL A 577 -21.48 -12.25 -56.01
CA VAL A 577 -21.68 -11.20 -57.02
C VAL A 577 -22.15 -9.87 -56.39
N LEU A 578 -22.77 -9.90 -55.22
CA LEU A 578 -23.20 -8.72 -54.47
C LEU A 578 -22.00 -7.94 -53.93
N HIS A 579 -20.99 -8.63 -53.39
CA HIS A 579 -19.77 -8.05 -52.80
C HIS A 579 -18.96 -7.26 -53.83
N LEU A 580 -18.86 -7.84 -55.04
CA LEU A 580 -18.23 -7.27 -56.22
C LEU A 580 -18.82 -5.92 -56.62
N LEU A 581 -20.15 -5.80 -56.64
CA LEU A 581 -20.86 -4.57 -57.02
C LEU A 581 -20.81 -3.45 -55.98
N ILE A 582 -20.50 -3.74 -54.71
CA ILE A 582 -20.52 -2.72 -53.63
C ILE A 582 -19.13 -2.19 -53.28
N GLY A 583 -18.07 -2.99 -53.42
CA GLY A 583 -16.69 -2.50 -53.28
C GLY A 583 -15.65 -3.51 -52.80
N GLY A 584 -16.06 -4.65 -52.23
CA GLY A 584 -15.17 -5.76 -51.90
C GLY A 584 -15.01 -6.68 -53.11
N LYS A 585 -13.96 -6.47 -53.90
CA LYS A 585 -13.72 -7.23 -55.14
C LYS A 585 -12.87 -8.50 -54.89
N ASN A 586 -13.25 -9.28 -53.88
CA ASN A 586 -12.62 -10.54 -53.50
C ASN A 586 -13.10 -11.70 -54.40
N ALA A 587 -12.57 -11.77 -55.62
CA ALA A 587 -12.94 -12.78 -56.64
C ALA A 587 -11.84 -12.94 -57.72
N ASP A 588 -10.58 -13.01 -57.30
CA ASP A 588 -9.36 -13.20 -58.10
C ASP A 588 -9.00 -12.07 -59.09
N VAL A 589 -9.99 -11.53 -59.81
CA VAL A 589 -9.97 -10.36 -60.72
C VAL A 589 -9.07 -10.54 -61.95
N ALA A 590 -7.79 -10.81 -61.76
CA ALA A 590 -6.85 -11.41 -62.69
C ALA A 590 -5.56 -11.72 -61.91
N LEU A 591 -5.38 -13.00 -61.54
CA LEU A 591 -4.14 -13.51 -60.94
C LEU A 591 -3.09 -13.68 -62.05
N GLU A 592 -3.33 -14.68 -62.89
CA GLU A 592 -2.63 -14.97 -64.14
C GLU A 592 -3.71 -15.39 -65.16
N ARG A 593 -3.93 -16.71 -65.35
CA ARG A 593 -4.90 -17.29 -66.29
C ARG A 593 -6.26 -16.55 -66.26
N LYS A 597 -10.27 -8.79 -69.16
CA LYS A 597 -11.27 -8.47 -68.13
C LYS A 597 -12.46 -7.82 -68.84
N HIS A 598 -13.60 -8.49 -68.88
CA HIS A 598 -14.67 -8.13 -69.82
C HIS A 598 -15.31 -6.76 -69.52
N ILE A 599 -15.52 -5.92 -70.56
CA ILE A 599 -16.05 -4.53 -70.42
C ILE A 599 -17.02 -4.04 -71.52
N HIS A 600 -16.96 -4.57 -72.75
CA HIS A 600 -17.92 -4.23 -73.84
C HIS A 600 -19.05 -5.28 -73.97
N PRO A 601 -20.33 -4.91 -74.24
CA PRO A 601 -21.46 -5.86 -74.30
C PRO A 601 -21.29 -7.10 -75.17
N MET A 602 -20.45 -7.08 -76.22
CA MET A 602 -20.18 -8.28 -77.05
C MET A 602 -19.64 -9.46 -76.22
N SER A 603 -18.95 -9.19 -75.10
CA SER A 603 -18.23 -10.21 -74.32
C SER A 603 -19.17 -11.31 -73.80
N VAL A 604 -20.45 -11.00 -73.52
CA VAL A 604 -21.41 -12.00 -73.04
C VAL A 604 -21.81 -13.01 -74.11
N ILE A 605 -21.54 -12.74 -75.41
CA ILE A 605 -21.85 -13.64 -76.53
C ILE A 605 -20.94 -14.89 -76.53
N ALA A 606 -19.76 -14.81 -75.89
CA ALA A 606 -18.73 -15.85 -75.87
C ALA A 606 -19.14 -17.21 -75.25
N SER A 607 -18.37 -18.26 -75.54
CA SER A 607 -18.68 -19.62 -75.06
C SER A 607 -18.46 -19.80 -73.55
N GLU A 608 -17.36 -19.28 -72.97
CA GLU A 608 -17.15 -19.19 -71.51
C GLU A 608 -18.11 -18.19 -70.85
N GLY A 609 -18.68 -17.28 -71.63
CA GLY A 609 -19.55 -16.20 -71.16
C GLY A 609 -18.73 -15.15 -70.38
N VAL A 610 -19.07 -14.96 -69.11
CA VAL A 610 -18.47 -13.96 -68.20
C VAL A 610 -18.19 -14.62 -66.86
N LYS A 611 -17.26 -14.12 -66.05
CA LYS A 611 -17.01 -14.60 -64.68
C LYS A 611 -17.04 -13.47 -63.65
N LEU A 612 -16.86 -13.87 -62.40
CA LEU A 612 -16.92 -13.00 -61.23
C LEU A 612 -15.81 -11.93 -61.29
N LYS A 613 -14.69 -12.31 -61.91
CA LYS A 613 -13.47 -11.54 -62.11
C LYS A 613 -13.62 -10.32 -63.05
N ASP A 614 -14.78 -10.14 -63.67
CA ASP A 614 -15.11 -9.03 -64.60
C ASP A 614 -16.02 -7.95 -63.99
N ILE A 615 -16.63 -8.19 -62.82
CA ILE A 615 -17.68 -7.32 -62.27
C ILE A 615 -17.07 -6.10 -61.56
N SER A 616 -16.87 -5.00 -62.30
CA SER A 616 -16.03 -3.86 -61.88
C SER A 616 -16.66 -2.85 -60.89
N SER A 617 -17.46 -3.34 -59.94
CA SER A 617 -18.27 -2.55 -59.01
C SER A 617 -19.37 -1.72 -59.68
N LEU A 618 -20.12 -0.95 -58.89
CA LEU A 618 -21.21 -0.06 -59.29
C LEU A 618 -20.82 1.40 -58.95
N PRO A 619 -21.09 2.41 -59.81
CA PRO A 619 -20.68 3.80 -59.57
C PRO A 619 -21.18 4.39 -58.21
N PRO A 620 -20.34 5.10 -57.44
CA PRO A 620 -20.64 5.55 -56.07
C PRO A 620 -21.95 6.33 -55.89
N GLN A 621 -22.38 7.08 -56.91
CA GLN A 621 -23.66 7.78 -56.94
C GLN A 621 -24.82 6.80 -56.66
N ILE A 622 -24.93 5.70 -57.41
CA ILE A 622 -26.07 4.78 -57.35
C ILE A 622 -26.20 4.17 -55.96
N ILE A 623 -25.05 3.77 -55.39
CA ILE A 623 -24.96 3.21 -54.03
C ILE A 623 -25.54 4.20 -53.02
N LYS A 624 -25.12 5.47 -53.08
CA LYS A 624 -25.61 6.54 -52.19
C LYS A 624 -27.10 6.82 -52.40
N ARG A 625 -27.55 6.78 -53.65
CA ARG A 625 -28.87 7.23 -54.09
C ARG A 625 -30.00 6.31 -53.63
N GLU A 626 -30.09 5.10 -54.16
CA GLU A 626 -31.15 4.14 -53.83
C GLU A 626 -30.65 3.09 -52.81
N TYR A 627 -29.73 3.48 -51.92
CA TYR A 627 -29.13 2.63 -50.87
C TYR A 627 -30.15 1.75 -50.15
N ASP A 628 -31.27 2.37 -49.77
CA ASP A 628 -32.39 1.77 -49.01
C ASP A 628 -33.13 0.68 -49.81
N LYS A 629 -33.06 0.73 -51.15
CA LYS A 629 -33.58 -0.31 -52.06
C LYS A 629 -32.56 -1.43 -52.25
N ILE A 630 -31.27 -1.07 -52.36
CA ILE A 630 -30.17 -2.00 -52.57
C ILE A 630 -30.07 -2.97 -51.39
N MET A 631 -30.05 -2.45 -50.16
CA MET A 631 -29.79 -3.25 -48.95
C MET A 631 -30.90 -4.23 -48.55
N LYS A 632 -32.14 -4.10 -49.07
CA LYS A 632 -33.26 -5.04 -48.83
C LYS A 632 -32.82 -6.50 -49.07
N VAL A 633 -32.32 -6.73 -50.28
CA VAL A 633 -31.94 -8.06 -50.78
C VAL A 633 -30.73 -8.61 -50.01
N VAL A 634 -29.78 -7.72 -49.71
CA VAL A 634 -28.53 -8.02 -49.00
C VAL A 634 -28.81 -8.54 -47.58
N PHE A 635 -29.74 -7.90 -46.86
CA PHE A 635 -30.17 -8.33 -45.53
C PHE A 635 -30.80 -9.72 -45.57
N GLN A 636 -31.72 -9.96 -46.52
CA GLN A 636 -32.41 -11.24 -46.66
C GLN A 636 -31.46 -12.39 -47.03
N ALA A 637 -30.44 -12.13 -47.85
CA ALA A 637 -29.37 -13.08 -48.16
C ALA A 637 -28.59 -13.49 -46.89
N VAL A 638 -28.23 -12.53 -46.04
CA VAL A 638 -27.49 -12.81 -44.79
C VAL A 638 -28.33 -13.54 -43.75
N GLU A 639 -29.65 -13.27 -43.67
CA GLU A 639 -30.55 -14.00 -42.76
C GLU A 639 -30.68 -15.50 -43.05
N VAL A 640 -30.44 -15.94 -44.30
CA VAL A 640 -30.35 -17.37 -44.66
C VAL A 640 -28.91 -17.90 -44.63
N ALA A 641 -27.92 -17.09 -45.02
CA ALA A 641 -26.50 -17.50 -45.09
C ALA A 641 -25.75 -17.57 -43.74
N ILE A 642 -26.46 -17.65 -42.60
CA ILE A 642 -25.91 -17.72 -41.22
C ILE A 642 -24.94 -18.91 -41.02
N SER A 643 -25.04 -19.93 -41.88
CA SER A 643 -24.15 -21.09 -41.97
C SER A 643 -22.73 -20.74 -42.41
N ASN A 644 -22.53 -19.63 -43.13
CA ASN A 644 -21.25 -19.24 -43.71
C ASN A 644 -20.75 -17.92 -43.10
N VAL A 645 -19.95 -18.05 -42.04
CA VAL A 645 -19.53 -16.92 -41.18
C VAL A 645 -18.83 -15.82 -41.97
N ASN A 646 -17.92 -16.20 -42.87
CA ASN A 646 -17.06 -15.28 -43.61
C ASN A 646 -17.87 -14.45 -44.64
N LEU A 647 -18.86 -15.09 -45.26
CA LEU A 647 -19.78 -14.49 -46.23
C LEU A 647 -20.56 -13.33 -45.60
N ALA A 648 -21.18 -13.59 -44.45
CA ALA A 648 -21.94 -12.57 -43.71
C ALA A 648 -21.03 -11.43 -43.20
N HIS A 649 -19.82 -11.76 -42.75
CA HIS A 649 -18.83 -10.86 -42.15
C HIS A 649 -18.37 -9.74 -43.10
N ASP A 650 -17.85 -10.06 -44.29
CA ASP A 650 -17.34 -9.05 -45.23
C ASP A 650 -18.47 -8.24 -45.92
N LEU A 651 -19.64 -8.84 -46.12
CA LEU A 651 -20.83 -8.12 -46.61
C LEU A 651 -21.21 -6.96 -45.67
N ILE A 652 -21.21 -7.20 -44.36
CA ILE A 652 -21.48 -6.15 -43.37
C ILE A 652 -20.36 -5.10 -43.44
N LEU A 653 -19.08 -5.52 -43.43
CA LEU A 653 -17.93 -4.62 -43.42
C LEU A 653 -17.92 -3.65 -44.61
N THR A 654 -18.18 -4.14 -45.81
CA THR A 654 -18.28 -3.32 -47.04
C THR A 654 -19.54 -2.46 -47.07
N SER A 655 -20.71 -2.99 -46.72
CA SER A 655 -21.95 -2.19 -46.71
C SER A 655 -21.90 -0.98 -45.77
N LEU A 656 -21.16 -1.08 -44.65
CA LEU A 656 -20.84 0.00 -43.72
C LEU A 656 -19.74 0.93 -44.24
N LYS A 657 -18.67 0.38 -44.82
CA LYS A 657 -17.56 1.17 -45.40
C LYS A 657 -18.01 2.07 -46.55
N HIS A 658 -19.13 1.73 -47.20
CA HIS A 658 -19.81 2.50 -48.24
C HIS A 658 -21.13 3.16 -47.78
N LEU A 659 -21.51 3.06 -46.50
CA LEU A 659 -22.74 3.64 -45.94
C LEU A 659 -22.67 5.19 -45.94
N PRO A 660 -23.51 5.88 -46.73
CA PRO A 660 -23.40 7.33 -46.89
C PRO A 660 -23.77 8.15 -45.65
N GLU A 661 -23.11 9.30 -45.48
CA GLU A 661 -23.35 10.28 -44.40
C GLU A 661 -24.82 10.70 -44.25
N ASP A 662 -25.52 10.91 -45.36
CA ASP A 662 -26.95 11.27 -45.43
C ASP A 662 -27.87 10.13 -44.93
N ARG A 663 -27.31 8.94 -44.65
CA ARG A 663 -28.00 7.75 -44.12
C ARG A 663 -27.52 7.35 -42.71
N LYS A 664 -26.61 8.11 -42.09
CA LYS A 664 -26.09 7.82 -40.74
C LYS A 664 -27.09 8.26 -39.67
N ASP A 665 -28.23 7.56 -39.60
CA ASP A 665 -29.32 7.80 -38.66
C ASP A 665 -29.57 6.64 -37.68
N GLN A 666 -30.62 6.75 -36.86
CA GLN A 666 -31.02 5.72 -35.89
C GLN A 666 -31.63 4.47 -36.56
N THR A 667 -32.37 4.60 -37.67
CA THR A 667 -33.06 3.48 -38.34
C THR A 667 -32.06 2.50 -38.96
N HIS A 668 -31.09 3.03 -39.71
CA HIS A 668 -30.07 2.20 -40.37
C HIS A 668 -29.14 1.58 -39.32
N LEU A 669 -28.80 2.31 -38.25
CA LEU A 669 -28.05 1.80 -37.09
C LEU A 669 -28.71 0.57 -36.47
N GLU A 670 -29.99 0.68 -36.08
CA GLU A 670 -30.70 -0.41 -35.41
C GLU A 670 -30.88 -1.63 -36.31
N SER A 671 -31.00 -1.42 -37.63
CA SER A 671 -31.11 -2.48 -38.63
C SER A 671 -29.88 -3.40 -38.64
N PHE A 672 -28.65 -2.85 -38.70
CA PHE A 672 -27.43 -3.66 -38.60
C PHE A 672 -27.33 -4.40 -37.26
N SER A 673 -27.74 -3.78 -36.15
CA SER A 673 -27.74 -4.44 -34.84
C SER A 673 -28.68 -5.66 -34.79
N SER A 674 -29.86 -5.55 -35.42
CA SER A 674 -30.87 -6.60 -35.51
C SER A 674 -30.45 -7.76 -36.43
N LEU A 675 -29.62 -7.47 -37.43
CA LEU A 675 -29.01 -8.49 -38.30
C LEU A 675 -27.99 -9.35 -37.52
N ILE A 676 -27.02 -8.70 -36.86
CA ILE A 676 -25.92 -9.40 -36.13
C ILE A 676 -26.48 -10.27 -34.98
N LEU A 677 -27.57 -9.82 -34.34
CA LEU A 677 -28.32 -10.55 -33.29
C LEU A 677 -28.66 -11.99 -33.71
N LYS A 678 -29.19 -12.17 -34.94
CA LYS A 678 -29.66 -13.45 -35.47
C LYS A 678 -28.48 -14.40 -35.69
N VAL A 679 -27.44 -13.90 -36.37
CA VAL A 679 -26.19 -14.61 -36.68
C VAL A 679 -25.52 -15.17 -35.41
N THR A 680 -25.48 -14.37 -34.35
CA THR A 680 -24.76 -14.67 -33.11
C THR A 680 -25.51 -15.65 -32.21
N GLN A 681 -26.85 -15.65 -32.25
CA GLN A 681 -27.71 -16.54 -31.46
C GLN A 681 -27.76 -17.98 -31.99
N ASN A 682 -27.54 -18.20 -33.28
CA ASN A 682 -27.53 -19.54 -33.88
C ASN A 682 -26.18 -20.26 -33.71
N ASN A 683 -25.10 -19.51 -33.91
CA ASN A 683 -23.72 -19.95 -33.70
C ASN A 683 -23.36 -20.01 -32.20
N LYS A 684 -22.07 -20.01 -31.88
CA LYS A 684 -21.50 -20.17 -30.53
C LYS A 684 -20.19 -19.38 -30.46
N ASP A 685 -19.77 -18.99 -29.26
CA ASP A 685 -18.40 -18.50 -29.05
C ASP A 685 -17.40 -19.60 -29.43
N THR A 686 -16.74 -19.41 -30.57
CA THR A 686 -15.53 -20.13 -31.01
C THR A 686 -14.50 -19.07 -31.38
N PRO A 687 -13.19 -19.35 -31.32
CA PRO A 687 -12.15 -18.35 -31.62
C PRO A 687 -12.40 -17.62 -32.96
N ILE A 688 -12.65 -18.40 -34.02
CA ILE A 688 -12.90 -17.92 -35.38
C ILE A 688 -14.15 -17.02 -35.43
N PHE A 689 -15.23 -17.44 -34.78
CA PHE A 689 -16.48 -16.69 -34.76
C PHE A 689 -16.33 -15.39 -33.95
N ARG A 690 -15.60 -15.43 -32.83
CA ARG A 690 -15.42 -14.31 -31.88
C ARG A 690 -14.59 -13.16 -32.45
N ASP A 691 -13.43 -13.46 -33.04
CA ASP A 691 -12.50 -12.43 -33.52
C ASP A 691 -13.02 -11.71 -34.78
N PHE A 692 -13.68 -12.41 -35.71
CA PHE A 692 -14.45 -11.77 -36.80
C PHE A 692 -15.63 -10.93 -36.26
N PHE A 693 -16.44 -11.47 -35.33
CA PHE A 693 -17.55 -10.75 -34.71
C PHE A 693 -17.10 -9.44 -34.03
N GLY A 694 -15.93 -9.43 -33.38
CA GLY A 694 -15.31 -8.22 -32.83
C GLY A 694 -15.04 -7.17 -33.91
N ALA A 695 -14.37 -7.54 -35.00
CA ALA A 695 -14.06 -6.64 -36.11
C ALA A 695 -15.33 -6.09 -36.81
N VAL A 696 -16.37 -6.91 -36.99
CA VAL A 696 -17.69 -6.52 -37.52
C VAL A 696 -18.35 -5.46 -36.64
N THR A 697 -18.60 -5.80 -35.38
CA THR A 697 -19.31 -4.93 -34.43
C THR A 697 -18.57 -3.63 -34.14
N SER A 698 -17.24 -3.65 -34.09
CA SER A 698 -16.43 -2.45 -33.88
C SER A 698 -16.50 -1.49 -35.08
N SER A 699 -16.55 -2.04 -36.31
CA SER A 699 -16.74 -1.25 -37.53
C SER A 699 -18.13 -0.63 -37.60
N PHE A 700 -19.15 -1.35 -37.13
CA PHE A 700 -20.52 -0.86 -36.97
C PHE A 700 -20.59 0.34 -36.02
N VAL A 701 -20.03 0.23 -34.80
CA VAL A 701 -20.00 1.36 -33.84
C VAL A 701 -19.17 2.53 -34.38
N TYR A 702 -18.01 2.27 -34.99
CA TYR A 702 -17.15 3.27 -35.64
C TYR A 702 -17.86 4.04 -36.76
N THR A 703 -18.71 3.39 -37.56
CA THR A 703 -19.41 4.03 -38.68
C THR A 703 -20.48 5.02 -38.21
N PHE A 704 -21.08 4.77 -37.04
CA PHE A 704 -22.16 5.54 -36.40
C PHE A 704 -21.69 6.26 -35.12
N LEU A 705 -20.40 6.57 -35.01
CA LEU A 705 -19.76 6.82 -33.70
C LEU A 705 -20.42 7.93 -32.87
N ASP A 706 -20.72 9.09 -33.44
CA ASP A 706 -21.41 10.20 -32.77
C ASP A 706 -22.86 9.88 -32.34
N LEU A 707 -23.51 8.91 -33.00
CA LEU A 707 -24.84 8.42 -32.62
C LEU A 707 -24.81 7.43 -31.45
N PHE A 708 -23.62 6.94 -31.09
CA PHE A 708 -23.34 6.13 -29.89
C PHE A 708 -22.69 6.94 -28.74
N LEU A 709 -22.28 8.18 -28.99
CA LEU A 709 -21.48 9.00 -28.06
C LEU A 709 -22.16 10.30 -27.59
N ARG A 710 -23.49 10.35 -27.53
CA ARG A 710 -24.26 11.51 -27.07
C ARG A 710 -24.03 11.77 -25.58
N LYS A 711 -24.81 11.13 -24.70
CA LYS A 711 -24.76 11.24 -23.22
C LYS A 711 -25.79 10.39 -22.44
N ASN A 712 -26.43 9.40 -23.08
CA ASN A 712 -27.56 8.63 -22.54
C ASN A 712 -27.79 7.28 -23.28
N ASP A 713 -26.78 6.83 -24.02
CA ASP A 713 -27.02 6.27 -25.34
C ASP A 713 -27.73 4.91 -25.34
N SER A 714 -29.03 4.95 -25.68
CA SER A 714 -29.94 3.81 -25.62
C SER A 714 -29.43 2.64 -26.47
N SER A 715 -28.85 2.97 -27.62
CA SER A 715 -28.19 2.08 -28.58
C SER A 715 -26.97 1.38 -27.95
N LEU A 716 -26.11 2.13 -27.25
CA LEU A 716 -24.88 1.64 -26.60
C LEU A 716 -25.21 0.56 -25.56
N VAL A 717 -26.07 0.90 -24.58
CA VAL A 717 -26.36 0.03 -23.43
C VAL A 717 -27.18 -1.20 -23.83
N ASN A 718 -28.22 -1.04 -24.65
CA ASN A 718 -29.05 -2.15 -25.10
C ASN A 718 -28.26 -3.18 -25.93
N PHE A 719 -27.29 -2.71 -26.73
CA PHE A 719 -26.41 -3.57 -27.51
C PHE A 719 -25.59 -4.50 -26.61
N ASN A 720 -24.94 -3.96 -25.58
CA ASN A 720 -24.12 -4.78 -24.66
C ASN A 720 -24.94 -5.89 -23.97
N ILE A 721 -26.18 -5.60 -23.61
CA ILE A 721 -27.09 -6.56 -22.96
C ILE A 721 -27.45 -7.73 -23.91
N GLN A 722 -27.28 -7.60 -25.23
CA GLN A 722 -27.42 -8.70 -26.19
C GLN A 722 -26.12 -9.48 -26.44
N ILE A 723 -24.93 -8.86 -26.43
CA ILE A 723 -23.66 -9.57 -26.73
C ILE A 723 -23.24 -10.49 -25.57
N SER A 724 -23.54 -10.12 -24.32
CA SER A 724 -23.18 -10.87 -23.11
C SER A 724 -23.76 -12.30 -23.00
N LYS A 725 -24.66 -12.67 -23.92
CA LYS A 725 -25.42 -13.94 -23.94
C LYS A 725 -24.59 -15.15 -24.37
N VAL A 726 -23.55 -14.95 -25.19
CA VAL A 726 -22.76 -16.04 -25.81
C VAL A 726 -21.28 -15.66 -25.86
N GLY A 727 -20.59 -15.84 -24.73
CA GLY A 727 -19.14 -15.68 -24.62
C GLY A 727 -18.57 -16.49 -23.45
N ILE A 728 -17.33 -16.96 -23.58
CA ILE A 728 -16.52 -17.63 -22.55
C ILE A 728 -16.34 -16.72 -21.32
N SER A 729 -16.29 -15.41 -21.54
CA SER A 729 -16.32 -14.39 -20.48
C SER A 729 -16.90 -13.08 -21.03
N GLN A 730 -18.00 -12.63 -20.43
CA GLN A 730 -18.65 -11.36 -20.76
C GLN A 730 -17.64 -10.19 -20.71
N GLY A 731 -16.80 -10.17 -19.67
CA GLY A 731 -15.79 -9.11 -19.45
C GLY A 731 -14.59 -9.15 -20.40
N ASN A 732 -14.45 -10.14 -21.27
CA ASN A 732 -13.50 -10.03 -22.40
C ASN A 732 -14.21 -9.45 -23.62
N MET A 733 -15.43 -9.88 -23.91
CA MET A 733 -16.17 -9.47 -25.11
C MET A 733 -16.39 -7.94 -25.16
N THR A 734 -16.87 -7.32 -24.08
CA THR A 734 -17.08 -5.85 -24.03
C THR A 734 -15.77 -5.05 -24.10
N LEU A 735 -14.69 -5.58 -23.53
CA LEU A 735 -13.38 -4.91 -23.46
C LEU A 735 -12.65 -4.95 -24.80
N ASP A 736 -12.60 -6.12 -25.44
CA ASP A 736 -11.91 -6.31 -26.72
C ASP A 736 -12.64 -5.56 -27.87
N LEU A 737 -13.97 -5.36 -27.75
CA LEU A 737 -14.76 -4.38 -28.52
C LEU A 737 -14.15 -2.97 -28.45
N LEU A 738 -13.98 -2.42 -27.25
CA LEU A 738 -13.46 -1.07 -27.02
C LEU A 738 -12.03 -0.91 -27.58
N LYS A 739 -11.21 -1.95 -27.43
CA LYS A 739 -9.81 -2.00 -27.90
C LYS A 739 -9.71 -2.02 -29.43
N ASP A 740 -10.65 -2.63 -30.14
CA ASP A 740 -10.70 -2.57 -31.61
C ASP A 740 -11.22 -1.20 -32.10
N VAL A 741 -12.30 -0.68 -31.52
CA VAL A 741 -12.87 0.63 -31.88
C VAL A 741 -11.83 1.75 -31.79
N ILE A 742 -11.07 1.82 -30.69
CA ILE A 742 -9.97 2.80 -30.53
C ILE A 742 -8.83 2.52 -31.50
N ARG A 743 -8.59 1.27 -31.95
CA ARG A 743 -7.58 0.97 -32.97
C ARG A 743 -8.00 1.43 -34.38
N LYS A 744 -9.30 1.62 -34.61
CA LYS A 744 -9.83 2.24 -35.86
C LYS A 744 -9.75 3.76 -35.77
N ALA A 745 -10.42 4.34 -34.77
CA ALA A 745 -10.42 5.79 -34.54
C ALA A 745 -9.10 6.27 -33.89
N ARG A 746 -8.05 6.51 -34.69
CA ARG A 746 -6.69 6.89 -34.22
C ARG A 746 -6.35 8.38 -34.31
N ASN A 747 -7.17 9.21 -34.95
CA ASN A 747 -6.96 10.67 -35.01
C ASN A 747 -8.25 11.51 -35.11
N GLU A 748 -9.41 10.87 -35.28
CA GLU A 748 -10.72 11.49 -35.44
C GLU A 748 -11.40 11.75 -34.09
N THR A 749 -11.29 10.78 -33.16
CA THR A 749 -12.02 10.80 -31.89
C THR A 749 -11.13 10.37 -30.72
N SER A 750 -10.93 11.29 -29.77
CA SER A 750 -10.24 11.09 -28.49
C SER A 750 -10.78 9.89 -27.69
N GLU A 751 -9.89 9.10 -27.08
CA GLU A 751 -10.27 7.94 -26.27
C GLU A 751 -11.22 8.31 -25.14
N PHE A 752 -11.07 9.51 -24.56
CA PHE A 752 -11.84 9.94 -23.39
C PHE A 752 -13.34 9.89 -23.67
N LEU A 753 -13.79 10.46 -24.80
CA LEU A 753 -15.21 10.51 -25.20
C LEU A 753 -15.80 9.11 -25.41
N ILE A 754 -14.99 8.18 -25.91
CA ILE A 754 -15.37 6.79 -26.14
C ILE A 754 -15.53 6.06 -24.79
N ILE A 755 -14.56 6.22 -23.89
CA ILE A 755 -14.54 5.62 -22.55
C ILE A 755 -15.68 6.18 -21.67
N GLU A 756 -16.02 7.47 -21.82
CA GLU A 756 -17.04 8.18 -21.03
C GLU A 756 -18.38 7.42 -20.98
N LYS A 757 -18.81 6.81 -22.09
CA LYS A 757 -20.06 6.05 -22.23
C LYS A 757 -19.87 4.55 -21.95
N PHE A 758 -18.69 4.00 -22.26
CA PHE A 758 -18.41 2.58 -21.98
C PHE A 758 -18.45 2.26 -20.47
N LEU A 759 -18.12 3.23 -19.60
CA LEU A 759 -18.22 3.06 -18.15
C LEU A 759 -19.67 3.18 -17.61
N GLU A 760 -20.62 3.72 -18.38
CA GLU A 760 -22.06 3.69 -18.05
C GLU A 760 -22.64 2.25 -18.07
N LEU A 761 -21.90 1.28 -18.63
CA LEU A 761 -22.24 -0.15 -18.60
C LEU A 761 -21.99 -0.83 -17.23
N ASP A 762 -21.24 -0.19 -16.32
CA ASP A 762 -20.66 -0.78 -15.09
C ASP A 762 -19.82 -2.07 -15.34
N ASP A 763 -19.43 -2.35 -16.59
CA ASP A 763 -18.65 -3.53 -16.93
C ASP A 763 -17.25 -3.45 -16.30
N LYS A 764 -17.03 -4.28 -15.27
CA LYS A 764 -15.86 -4.24 -14.41
C LYS A 764 -14.53 -4.42 -15.15
N LYS A 765 -14.53 -5.05 -16.34
CA LYS A 765 -13.32 -5.20 -17.15
C LYS A 765 -13.00 -3.95 -17.96
N THR A 766 -14.02 -3.16 -18.33
CA THR A 766 -13.82 -1.83 -18.93
C THR A 766 -13.25 -0.85 -17.91
N GLU A 767 -13.72 -0.89 -16.65
CA GLU A 767 -13.16 -0.11 -15.54
C GLU A 767 -11.67 -0.40 -15.29
N VAL A 768 -11.26 -1.68 -15.32
CA VAL A 768 -9.85 -2.11 -15.15
C VAL A 768 -8.95 -1.45 -16.19
N TYR A 769 -9.30 -1.52 -17.48
CA TYR A 769 -8.49 -0.95 -18.54
C TYR A 769 -8.47 0.59 -18.50
N ALA A 770 -9.57 1.24 -18.11
CA ALA A 770 -9.63 2.69 -17.91
C ALA A 770 -8.63 3.16 -16.84
N GLN A 771 -8.50 2.45 -15.70
CA GLN A 771 -7.49 2.76 -14.68
C GLN A 771 -6.06 2.60 -15.22
N ASN A 772 -5.79 1.53 -15.99
CA ASN A 772 -4.48 1.31 -16.62
C ASN A 772 -4.10 2.42 -17.61
N TRP A 773 -5.05 2.91 -18.42
CA TRP A 773 -4.81 4.00 -19.37
C TRP A 773 -4.61 5.35 -18.68
N VAL A 774 -5.64 5.81 -17.96
CA VAL A 774 -5.70 7.16 -17.37
C VAL A 774 -4.63 7.38 -16.30
N GLY A 775 -4.22 6.31 -15.59
CA GLY A 775 -3.14 6.38 -14.61
C GLY A 775 -1.71 6.38 -15.15
N SER A 776 -1.50 6.32 -16.47
CA SER A 776 -0.13 6.16 -17.02
C SER A 776 0.16 6.79 -18.37
N THR A 777 -0.84 7.02 -19.24
CA THR A 777 -0.62 7.75 -20.51
C THR A 777 -0.42 9.25 -20.27
N LEU A 778 0.70 9.82 -20.74
CA LEU A 778 0.95 11.28 -20.75
C LEU A 778 -0.13 12.00 -21.57
N LEU A 779 -0.63 13.13 -21.06
CA LEU A 779 -1.74 13.89 -21.64
C LEU A 779 -1.28 15.09 -22.50
N PRO A 780 -2.03 15.46 -23.57
CA PRO A 780 -1.64 16.50 -24.52
C PRO A 780 -1.80 17.94 -23.97
N PRO A 781 -0.74 18.79 -23.89
CA PRO A 781 -0.78 20.18 -23.37
C PRO A 781 -1.58 21.22 -24.20
N ASN A 782 -2.54 20.75 -25.00
CA ASN A 782 -3.40 21.51 -25.91
C ASN A 782 -4.89 21.11 -25.79
N ILE A 783 -5.17 20.10 -24.98
CA ILE A 783 -6.46 19.48 -24.68
C ILE A 783 -7.62 20.49 -24.66
N SER A 784 -8.58 20.30 -25.58
CA SER A 784 -9.83 21.07 -25.65
C SER A 784 -10.61 20.92 -24.35
N PHE A 785 -11.41 21.93 -24.00
CA PHE A 785 -12.23 21.88 -22.79
C PHE A 785 -13.19 20.67 -22.80
N ARG A 786 -13.65 20.29 -24.01
CA ARG A 786 -14.52 19.14 -24.30
C ARG A 786 -13.86 17.79 -23.98
N GLU A 787 -12.55 17.69 -24.16
CA GLU A 787 -11.76 16.53 -23.75
C GLU A 787 -11.51 16.56 -22.23
N PHE A 788 -11.23 17.75 -21.67
CA PHE A 788 -10.89 17.93 -20.27
C PHE A 788 -12.01 17.49 -19.32
N GLN A 789 -13.24 17.90 -19.62
CA GLN A 789 -14.46 17.49 -18.88
C GLN A 789 -14.70 15.97 -18.97
N SER A 790 -14.39 15.35 -20.12
CA SER A 790 -14.57 13.91 -20.36
C SER A 790 -13.60 13.08 -19.50
N LEU A 791 -12.31 13.43 -19.57
CA LEU A 791 -11.24 12.88 -18.74
C LEU A 791 -11.54 13.04 -17.23
N ALA A 792 -12.08 14.19 -16.80
CA ALA A 792 -12.49 14.42 -15.41
C ALA A 792 -13.63 13.47 -14.97
N ASN A 793 -14.67 13.28 -15.80
CA ASN A 793 -15.78 12.39 -15.51
C ASN A 793 -15.36 10.91 -15.36
N ILE A 794 -14.35 10.45 -16.11
CA ILE A 794 -13.79 9.10 -15.95
C ILE A 794 -13.24 8.93 -14.52
N VAL A 795 -12.42 9.86 -14.04
CA VAL A 795 -11.85 9.80 -12.69
C VAL A 795 -12.94 9.87 -11.62
N ASN A 796 -14.05 10.56 -11.87
CA ASN A 796 -15.20 10.59 -10.95
C ASN A 796 -15.95 9.25 -10.84
N LYS A 797 -15.74 8.29 -11.77
CA LYS A 797 -16.33 6.93 -11.75
C LYS A 797 -15.33 5.84 -11.34
N VAL A 798 -14.07 5.91 -11.77
CA VAL A 798 -13.01 4.92 -11.47
C VAL A 798 -11.80 5.47 -10.69
N PRO A 799 -11.97 6.29 -9.63
CA PRO A 799 -10.85 6.97 -8.97
C PRO A 799 -9.88 5.97 -8.34
N ASN A 800 -8.58 6.19 -8.57
CA ASN A 800 -7.49 5.32 -8.14
C ASN A 800 -6.16 6.10 -8.02
N GLU A 801 -5.25 5.63 -7.17
CA GLU A 801 -3.93 6.22 -6.88
C GLU A 801 -3.20 6.77 -8.14
N ASN A 802 -2.90 5.92 -9.13
CA ASN A 802 -2.19 6.34 -10.33
C ASN A 802 -2.99 7.31 -11.22
N SER A 803 -4.32 7.17 -11.29
CA SER A 803 -5.21 8.05 -12.08
C SER A 803 -5.23 9.48 -11.51
N ILE A 804 -5.16 9.62 -10.18
CA ILE A 804 -5.03 10.90 -9.48
C ILE A 804 -3.63 11.50 -9.75
N GLU A 805 -2.58 10.70 -9.60
CA GLU A 805 -1.18 11.17 -9.75
C GLU A 805 -0.86 11.73 -11.15
N ASN A 806 -1.47 11.18 -12.22
CA ASN A 806 -1.32 11.70 -13.58
C ASN A 806 -2.04 13.05 -13.78
N PHE A 807 -3.25 13.20 -13.23
CA PHE A 807 -4.06 14.43 -13.34
C PHE A 807 -3.37 15.65 -12.67
N LEU A 808 -2.54 15.38 -11.65
CA LEU A 808 -1.72 16.39 -10.97
C LEU A 808 -0.52 16.79 -11.83
N ASP A 809 0.21 15.82 -12.40
CA ASP A 809 1.30 16.08 -13.35
C ASP A 809 0.82 16.77 -14.64
N LEU A 810 -0.48 16.70 -14.94
CA LEU A 810 -1.20 17.48 -15.94
C LEU A 810 -1.45 18.92 -15.48
N CYS A 811 -2.12 19.14 -14.34
CA CYS A 811 -2.52 20.49 -13.92
C CYS A 811 -1.32 21.39 -13.62
N LEU A 812 -0.21 20.80 -13.17
CA LEU A 812 1.12 21.44 -13.03
C LEU A 812 1.66 22.04 -14.33
N LYS A 813 1.15 21.61 -15.50
CA LYS A 813 1.58 22.01 -16.85
C LYS A 813 0.50 22.81 -17.61
N LEU A 814 -0.58 23.23 -16.93
CA LEU A 814 -1.70 23.94 -17.56
C LEU A 814 -1.43 25.42 -17.89
N SER A 815 -2.11 25.88 -18.94
CA SER A 815 -2.21 27.28 -19.35
C SER A 815 -3.50 27.98 -18.88
N PHE A 816 -4.46 27.25 -18.30
CA PHE A 816 -5.76 27.77 -17.88
C PHE A 816 -6.14 27.32 -16.45
N PRO A 817 -6.79 28.18 -15.64
CA PRO A 817 -6.85 27.99 -14.17
C PRO A 817 -7.92 27.01 -13.67
N VAL A 818 -9.10 26.96 -14.31
CA VAL A 818 -10.28 26.11 -14.01
C VAL A 818 -10.30 25.50 -12.60
N ASN A 819 -10.89 26.21 -11.63
CA ASN A 819 -10.89 25.79 -10.22
C ASN A 819 -11.45 24.36 -10.08
N LEU A 820 -10.53 23.41 -9.87
CA LEU A 820 -10.69 22.04 -10.36
C LEU A 820 -11.95 21.35 -9.84
N PHE A 821 -12.24 21.59 -8.58
CA PHE A 821 -13.30 21.01 -7.75
C PHE A 821 -14.69 21.05 -8.40
N THR A 822 -14.95 22.06 -9.23
CA THR A 822 -16.16 22.20 -10.07
C THR A 822 -16.40 21.01 -11.01
N LEU A 823 -15.35 20.27 -11.35
CA LEU A 823 -15.36 19.08 -12.21
C LEU A 823 -14.98 17.79 -11.46
N LEU A 824 -14.22 17.87 -10.36
CA LEU A 824 -13.70 16.67 -9.67
C LEU A 824 -14.70 15.98 -8.73
N HIS A 825 -15.50 16.73 -7.98
CA HIS A 825 -16.50 16.19 -7.02
C HIS A 825 -15.94 15.19 -5.99
N VAL A 826 -14.71 15.42 -5.51
CA VAL A 826 -13.92 14.49 -4.68
C VAL A 826 -14.63 13.96 -3.43
N SER A 827 -15.57 14.72 -2.85
CA SER A 827 -16.43 14.28 -1.73
C SER A 827 -17.35 13.09 -2.02
N MET A 828 -17.43 12.62 -3.27
CA MET A 828 -18.11 11.37 -3.65
C MET A 828 -17.18 10.16 -3.64
N TRP A 829 -15.86 10.37 -3.67
CA TRP A 829 -14.86 9.30 -3.80
C TRP A 829 -14.59 8.64 -2.43
N SER A 830 -14.09 7.39 -2.40
CA SER A 830 -13.82 6.70 -1.13
C SER A 830 -12.72 7.39 -0.29
N ASN A 831 -12.65 7.05 1.00
CA ASN A 831 -11.82 7.72 1.99
C ASN A 831 -10.35 7.81 1.55
N ASN A 832 -9.78 6.70 1.06
CA ASN A 832 -8.42 6.62 0.53
C ASN A 832 -8.18 7.55 -0.67
N ASN A 833 -9.16 7.68 -1.56
CA ASN A 833 -9.08 8.53 -2.75
C ASN A 833 -9.05 10.00 -2.36
N PHE A 834 -9.92 10.42 -1.43
CA PHE A 834 -9.94 11.80 -0.93
C PHE A 834 -8.63 12.13 -0.20
N ILE A 835 -8.11 11.23 0.65
CA ILE A 835 -6.83 11.45 1.36
C ILE A 835 -5.71 11.72 0.36
N TYR A 836 -5.43 10.75 -0.51
CA TYR A 836 -4.24 10.75 -1.37
C TYR A 836 -4.20 11.94 -2.34
N PHE A 837 -5.37 12.34 -2.85
CA PHE A 837 -5.57 13.55 -3.66
C PHE A 837 -5.02 14.82 -2.98
N ILE A 838 -5.29 15.03 -1.68
CA ILE A 838 -4.83 16.22 -0.95
C ILE A 838 -3.31 16.23 -0.81
N GLN A 839 -2.68 15.09 -0.50
CA GLN A 839 -1.25 14.99 -0.20
C GLN A 839 -0.39 15.50 -1.36
N SER A 840 -0.61 14.94 -2.54
CA SER A 840 0.13 15.27 -3.76
C SER A 840 -0.29 16.63 -4.32
N TYR A 841 -1.57 17.03 -4.23
CA TYR A 841 -2.01 18.35 -4.73
C TYR A 841 -1.40 19.51 -3.93
N VAL A 842 -1.51 19.51 -2.60
CA VAL A 842 -1.01 20.62 -1.76
C VAL A 842 0.49 20.82 -1.94
N SER A 843 1.25 19.72 -1.96
CA SER A 843 2.71 19.74 -2.08
C SER A 843 3.20 20.18 -3.47
N LYS A 844 2.62 19.67 -4.58
CA LYS A 844 3.02 20.04 -5.95
C LYS A 844 2.54 21.43 -6.39
N ASN A 845 1.52 21.99 -5.74
CA ASN A 845 0.86 23.25 -6.13
C ASN A 845 1.51 24.50 -5.50
N GLU A 846 1.41 24.65 -4.17
CA GLU A 846 1.88 25.86 -3.47
C GLU A 846 2.21 25.63 -1.98
N ASN A 847 2.37 24.37 -1.56
CA ASN A 847 2.65 23.94 -0.19
C ASN A 847 1.62 24.45 0.86
N LYS A 848 0.40 24.77 0.42
CA LYS A 848 -0.71 25.32 1.21
C LYS A 848 -2.06 25.14 0.50
N LEU A 849 -3.16 25.63 1.10
CA LEU A 849 -4.51 25.47 0.55
C LEU A 849 -5.02 26.75 -0.17
N ASN A 850 -5.68 26.56 -1.32
CA ASN A 850 -6.40 27.57 -2.08
C ASN A 850 -7.93 27.49 -1.85
N VAL A 851 -8.67 28.60 -1.93
CA VAL A 851 -10.10 28.77 -1.51
C VAL A 851 -10.97 27.51 -1.50
N ASP A 852 -11.16 26.87 -2.66
CA ASP A 852 -12.03 25.70 -2.83
C ASP A 852 -11.65 24.50 -1.95
N LEU A 853 -10.35 24.28 -1.68
CA LEU A 853 -9.87 23.23 -0.77
C LEU A 853 -10.42 23.44 0.64
N ILE A 854 -10.37 24.66 1.15
CA ILE A 854 -10.81 24.96 2.51
C ILE A 854 -12.33 24.76 2.62
N THR A 855 -13.08 25.22 1.62
CA THR A 855 -14.55 25.09 1.60
C THR A 855 -15.01 23.63 1.44
N LEU A 856 -14.24 22.82 0.70
CA LEU A 856 -14.39 21.37 0.58
C LEU A 856 -14.14 20.68 1.93
N LEU A 857 -12.93 20.83 2.47
CA LEU A 857 -12.44 20.14 3.67
C LEU A 857 -13.29 20.44 4.91
N LYS A 858 -13.77 21.67 5.06
CA LYS A 858 -14.64 22.10 6.17
C LYS A 858 -15.99 21.38 6.25
N THR A 859 -16.41 20.66 5.21
CA THR A 859 -17.74 20.01 5.19
C THR A 859 -17.69 18.53 4.77
N SER A 860 -16.60 18.05 4.17
CA SER A 860 -16.34 16.61 4.00
C SER A 860 -15.81 15.95 5.28
N LEU A 861 -14.94 16.61 6.05
CA LEU A 861 -14.30 16.01 7.24
C LEU A 861 -15.21 15.86 8.47
N PRO A 862 -15.98 16.86 8.93
CA PRO A 862 -16.73 16.73 10.20
C PRO A 862 -17.77 15.60 10.21
N GLY A 863 -18.24 15.18 9.03
CA GLY A 863 -19.20 14.11 8.82
C GLY A 863 -18.61 12.72 8.56
N ASN A 864 -17.28 12.53 8.52
CA ASN A 864 -16.66 11.23 8.27
C ASN A 864 -15.41 10.97 9.14
N PRO A 865 -15.51 10.15 10.21
CA PRO A 865 -14.41 9.94 11.15
C PRO A 865 -13.25 9.15 10.55
N GLU A 866 -13.49 8.25 9.59
CA GLU A 866 -12.44 7.49 8.92
C GLU A 866 -11.53 8.44 8.13
N LEU A 867 -12.13 9.35 7.35
CA LEU A 867 -11.40 10.38 6.59
C LEU A 867 -10.65 11.34 7.52
N PHE A 868 -11.29 11.76 8.63
CA PHE A 868 -10.64 12.60 9.64
C PHE A 868 -9.42 11.91 10.24
N SER A 869 -9.50 10.61 10.56
CA SER A 869 -8.39 9.85 11.15
C SER A 869 -7.14 9.80 10.24
N GLY A 870 -7.32 9.65 8.92
CA GLY A 870 -6.21 9.61 7.96
C GLY A 870 -5.63 10.98 7.60
N LEU A 871 -6.44 12.05 7.59
CA LEU A 871 -5.97 13.42 7.27
C LEU A 871 -5.43 14.18 8.50
N LEU A 872 -5.80 13.78 9.72
CA LEU A 872 -5.38 14.43 10.96
C LEU A 872 -3.86 14.62 11.10
N PRO A 873 -2.98 13.63 10.77
CA PRO A 873 -1.54 13.81 10.84
C PRO A 873 -1.01 14.88 9.89
N PHE A 874 -1.51 14.92 8.64
CA PHE A 874 -1.13 15.90 7.63
C PHE A 874 -1.51 17.32 8.09
N LEU A 875 -2.76 17.52 8.50
CA LEU A 875 -3.26 18.81 9.00
C LEU A 875 -2.49 19.30 10.24
N ARG A 876 -2.06 18.36 11.10
CA ARG A 876 -1.17 18.63 12.24
C ARG A 876 0.22 19.11 11.79
N ARG A 877 0.97 18.34 10.98
CA ARG A 877 2.34 18.74 10.55
C ARG A 877 2.37 19.97 9.65
N ASN A 878 1.27 20.29 8.97
CA ASN A 878 1.09 21.53 8.21
C ASN A 878 0.46 22.71 9.00
N LYS A 879 0.31 22.62 10.34
CA LYS A 879 -0.04 23.76 11.24
C LYS A 879 -1.45 24.38 10.98
N PHE A 880 -2.37 23.63 10.39
CA PHE A 880 -3.73 24.06 10.00
C PHE A 880 -4.73 24.16 11.17
N MET A 881 -4.59 25.25 11.95
CA MET A 881 -5.27 25.51 13.23
C MET A 881 -6.80 25.51 13.14
N ASP A 882 -7.36 26.46 12.41
CA ASP A 882 -8.79 26.72 12.21
C ASP A 882 -9.49 25.52 11.55
N ILE A 883 -8.75 24.77 10.74
CA ILE A 883 -9.24 23.59 10.02
C ILE A 883 -9.56 22.46 11.01
N LEU A 884 -8.67 22.23 11.98
CA LEU A 884 -8.84 21.29 13.10
C LEU A 884 -9.90 21.79 14.09
N GLU A 885 -9.82 23.06 14.50
CA GLU A 885 -10.74 23.68 15.47
C GLU A 885 -12.20 23.63 15.00
N TYR A 886 -12.46 23.91 13.72
CA TYR A 886 -13.82 23.88 13.15
C TYR A 886 -14.45 22.49 13.20
N CYS A 887 -13.65 21.43 13.02
CA CYS A 887 -14.11 20.04 13.12
C CYS A 887 -14.58 19.73 14.55
N ILE A 888 -13.81 20.10 15.59
CA ILE A 888 -14.20 19.87 16.99
C ILE A 888 -15.44 20.70 17.38
N HIS A 889 -15.50 21.98 16.97
CA HIS A 889 -16.65 22.88 17.21
C HIS A 889 -17.96 22.39 16.57
N SER A 890 -17.88 21.70 15.43
CA SER A 890 -19.03 21.11 14.73
C SER A 890 -19.32 19.66 15.16
N ASN A 891 -18.35 18.93 15.70
CA ASN A 891 -18.47 17.54 16.14
C ASN A 891 -17.51 17.23 17.31
N PRO A 892 -17.94 17.37 18.58
CA PRO A 892 -17.08 17.13 19.75
C PRO A 892 -16.67 15.66 19.92
N ASN A 893 -17.44 14.71 19.35
CA ASN A 893 -17.22 13.27 19.50
C ASN A 893 -15.88 12.80 18.90
N LEU A 894 -15.28 13.61 18.01
CA LEU A 894 -13.98 13.35 17.38
C LEU A 894 -12.85 13.11 18.41
N LEU A 895 -12.83 13.83 19.54
CA LEU A 895 -11.71 13.76 20.49
C LEU A 895 -11.61 12.41 21.23
N ASN A 896 -12.70 11.65 21.34
CA ASN A 896 -12.68 10.31 21.94
C ASN A 896 -12.54 9.17 20.92
N SER A 897 -12.69 9.42 19.62
CA SER A 897 -12.42 8.43 18.57
C SER A 897 -10.99 8.47 18.03
N ILE A 898 -10.21 9.53 18.33
CA ILE A 898 -8.78 9.62 18.00
C ILE A 898 -7.97 8.60 18.84
N PRO A 899 -7.21 7.67 18.21
CA PRO A 899 -6.22 6.86 18.92
C PRO A 899 -5.03 7.70 19.42
N ASP A 900 -4.65 7.53 20.68
CA ASP A 900 -3.50 8.18 21.35
C ASP A 900 -3.51 9.73 21.31
N LEU A 901 -4.57 10.31 21.88
CA LEU A 901 -4.63 11.72 22.20
C LEU A 901 -3.78 12.02 23.46
N ASN A 902 -2.45 12.08 23.29
CA ASN A 902 -1.53 12.50 24.37
C ASN A 902 -1.97 13.87 24.95
N SER A 903 -1.81 14.09 26.26
CA SER A 903 -2.36 15.27 26.94
C SER A 903 -1.84 16.60 26.36
N ASP A 904 -0.60 16.62 25.84
CA ASP A 904 -0.03 17.75 25.08
C ASP A 904 -0.83 18.09 23.81
N LEU A 905 -1.34 17.08 23.08
CA LEU A 905 -2.21 17.28 21.92
C LEU A 905 -3.52 17.94 22.35
N LEU A 906 -4.20 17.44 23.39
CA LEU A 906 -5.49 17.98 23.81
C LEU A 906 -5.37 19.40 24.37
N LEU A 907 -4.29 19.69 25.14
CA LEU A 907 -3.94 21.04 25.58
C LEU A 907 -3.72 22.03 24.40
N LYS A 908 -3.40 21.52 23.20
CA LYS A 908 -3.22 22.30 21.96
C LYS A 908 -4.41 22.23 21.00
N LEU A 909 -5.36 21.31 21.22
CA LEU A 909 -6.68 21.24 20.59
C LEU A 909 -7.77 21.83 21.52
N LEU A 910 -7.48 23.03 22.06
CA LEU A 910 -8.35 23.79 22.96
C LEU A 910 -9.80 23.83 22.41
N PRO A 911 -10.82 23.26 23.09
CA PRO A 911 -12.20 23.21 22.55
C PRO A 911 -12.77 24.58 22.17
N ARG A 912 -12.42 25.62 22.95
CA ARG A 912 -12.70 27.03 22.68
C ARG A 912 -14.20 27.33 22.76
N SER A 913 -14.91 27.27 21.64
CA SER A 913 -16.37 27.15 21.61
C SER A 913 -16.78 25.83 22.28
N ARG A 914 -18.05 25.64 22.65
CA ARG A 914 -18.55 24.40 23.29
C ARG A 914 -17.86 24.05 24.62
N ALA A 915 -17.29 25.01 25.35
CA ALA A 915 -16.95 24.85 26.77
C ALA A 915 -18.14 24.25 27.56
N SER A 916 -19.36 24.70 27.22
CA SER A 916 -20.71 24.21 27.57
C SER A 916 -21.07 22.79 27.11
N TYR A 917 -20.06 21.96 26.84
CA TYR A 917 -20.20 20.59 26.36
C TYR A 917 -19.24 19.65 27.09
N PHE A 918 -18.03 20.12 27.38
CA PHE A 918 -16.96 19.31 28.00
C PHE A 918 -17.16 19.15 29.51
N ALA A 919 -17.46 20.24 30.24
CA ALA A 919 -17.82 20.13 31.66
C ALA A 919 -19.14 19.38 31.84
N ALA A 920 -20.12 19.60 30.96
CA ALA A 920 -21.42 18.92 30.97
C ALA A 920 -21.35 17.40 30.70
N ASN A 921 -20.18 16.89 30.30
CA ASN A 921 -19.93 15.48 30.02
C ASN A 921 -18.51 15.04 30.47
N ILE A 922 -17.89 15.68 31.48
CA ILE A 922 -16.49 15.41 31.86
C ILE A 922 -16.23 13.93 32.19
N LYS A 923 -17.22 13.23 32.75
CA LYS A 923 -17.21 11.79 33.02
C LYS A 923 -17.05 10.91 31.77
N LEU A 924 -17.34 11.43 30.57
CA LEU A 924 -17.25 10.71 29.28
C LEU A 924 -15.84 10.78 28.67
N PHE A 925 -14.83 11.17 29.45
CA PHE A 925 -13.42 11.06 29.12
C PHE A 925 -12.79 9.76 29.68
N LYS A 926 -11.73 9.84 30.50
CA LYS A 926 -10.83 8.72 30.80
C LYS A 926 -10.27 8.78 32.24
N CYS A 927 -9.18 9.52 32.45
CA CYS A 927 -8.43 9.60 33.70
C CYS A 927 -7.54 10.86 33.74
N SER A 928 -6.46 10.86 32.96
CA SER A 928 -5.51 11.97 32.79
C SER A 928 -6.16 13.20 32.14
N GLU A 929 -7.05 12.99 31.17
CA GLU A 929 -7.70 14.05 30.38
C GLU A 929 -8.59 14.95 31.26
N GLN A 930 -9.00 14.46 32.44
CA GLN A 930 -9.79 15.21 33.41
C GLN A 930 -8.97 16.37 34.00
N LEU A 931 -7.69 16.13 34.28
CA LEU A 931 -6.76 17.13 34.81
C LEU A 931 -6.55 18.23 33.78
N THR A 932 -6.20 17.87 32.54
CA THR A 932 -5.93 18.86 31.49
C THR A 932 -7.18 19.53 30.92
N LEU A 933 -8.36 18.94 31.08
CA LEU A 933 -9.64 19.63 30.85
C LEU A 933 -9.84 20.76 31.87
N VAL A 934 -9.70 20.51 33.18
CA VAL A 934 -9.86 21.57 34.19
C VAL A 934 -8.75 22.62 34.09
N ARG A 935 -7.51 22.19 33.77
CA ARG A 935 -6.36 23.05 33.41
C ARG A 935 -6.69 24.04 32.29
N TRP A 936 -7.53 23.64 31.33
CA TRP A 936 -8.00 24.49 30.23
C TRP A 936 -9.16 25.40 30.65
N LEU A 937 -10.16 24.88 31.37
CA LEU A 937 -11.32 25.66 31.82
C LEU A 937 -10.87 26.88 32.65
N LEU A 938 -9.90 26.69 33.53
CA LEU A 938 -9.25 27.76 34.32
C LEU A 938 -8.53 28.78 33.43
N LYS A 939 -7.65 28.32 32.53
CA LYS A 939 -6.86 29.20 31.64
C LYS A 939 -7.67 29.86 30.52
N GLY A 940 -8.94 29.48 30.36
CA GLY A 940 -9.95 30.20 29.56
C GLY A 940 -10.88 31.09 30.39
N GLN A 941 -10.73 31.17 31.73
CA GLN A 941 -11.63 31.87 32.65
C GLN A 941 -13.09 31.40 32.57
N GLN A 942 -13.31 30.11 32.29
CA GLN A 942 -14.62 29.49 32.04
C GLN A 942 -15.38 29.20 33.36
N LEU A 943 -15.52 30.19 34.23
CA LEU A 943 -16.04 30.05 35.61
C LEU A 943 -17.37 29.28 35.64
N GLU A 944 -18.33 29.72 34.83
CA GLU A 944 -19.69 29.16 34.80
C GLU A 944 -19.77 27.71 34.32
N GLN A 945 -18.70 27.17 33.74
CA GLN A 945 -18.64 25.75 33.36
C GLN A 945 -18.18 24.85 34.51
N LEU A 946 -17.41 25.38 35.45
CA LEU A 946 -16.94 24.64 36.62
C LEU A 946 -18.06 24.56 37.67
N ASN A 947 -18.87 25.62 37.75
CA ASN A 947 -20.04 25.72 38.63
C ASN A 947 -21.18 24.74 38.24
N GLN A 948 -21.76 24.90 37.04
CA GLN A 948 -22.97 24.18 36.60
C GLN A 948 -22.81 22.63 36.55
N ASN A 949 -21.58 22.13 36.63
CA ASN A 949 -21.20 20.72 36.52
C ASN A 949 -20.29 20.24 37.67
N PHE A 950 -20.27 20.98 38.79
CA PHE A 950 -19.40 20.78 39.95
C PHE A 950 -19.30 19.30 40.43
N SER A 951 -20.44 18.61 40.46
CA SER A 951 -20.56 17.22 40.94
C SER A 951 -19.74 16.20 40.15
N GLU A 952 -19.63 16.35 38.84
CA GLU A 952 -18.81 15.45 38.01
C GLU A 952 -17.31 15.79 38.13
N ILE A 953 -16.95 16.96 38.70
CA ILE A 953 -15.56 17.39 38.96
C ILE A 953 -15.07 16.88 40.32
N GLU A 954 -15.86 16.96 41.40
CA GLU A 954 -15.45 16.45 42.72
C GLU A 954 -15.11 14.95 42.68
N ASN A 955 -15.83 14.21 41.82
CA ASN A 955 -15.59 12.81 41.51
C ASN A 955 -14.15 12.55 41.06
N VAL A 956 -13.59 13.41 40.20
CA VAL A 956 -12.24 13.27 39.65
C VAL A 956 -11.20 13.51 40.74
N LEU A 957 -11.25 14.66 41.41
CA LEU A 957 -10.20 15.07 42.36
C LEU A 957 -10.09 14.11 43.55
N GLN A 958 -11.21 13.45 43.90
CA GLN A 958 -11.29 12.37 44.89
C GLN A 958 -10.61 11.06 44.44
N ASN A 959 -10.72 10.66 43.17
CA ASN A 959 -10.33 9.34 42.65
C ASN A 959 -8.82 9.17 42.34
N ALA A 960 -7.95 10.01 42.93
CA ALA A 960 -6.54 10.16 42.53
C ALA A 960 -6.40 10.47 41.02
N SER A 961 -5.18 10.37 40.46
CA SER A 961 -4.94 10.60 39.03
C SER A 961 -3.65 9.94 38.53
N ASP A 962 -3.27 10.13 37.26
CA ASP A 962 -1.96 9.71 36.74
C ASP A 962 -0.83 10.67 37.18
N SER A 963 -1.17 11.80 37.82
CA SER A 963 -0.21 12.73 38.39
C SER A 963 -0.80 13.52 39.55
N GLU A 964 -0.54 13.05 40.78
CA GLU A 964 -0.93 13.73 42.03
C GLU A 964 -0.32 15.15 42.13
N LEU A 965 0.73 15.42 41.33
CA LEU A 965 1.40 16.71 41.17
C LEU A 965 0.50 17.73 40.48
N GLU A 966 -0.16 17.37 39.36
CA GLU A 966 -1.01 18.33 38.64
C GLU A 966 -2.24 18.73 39.46
N LYS A 967 -2.72 17.84 40.36
CA LYS A 967 -3.78 18.16 41.34
C LYS A 967 -3.42 19.40 42.15
N SER A 968 -2.23 19.48 42.78
CA SER A 968 -1.87 20.61 43.64
C SER A 968 -1.91 21.97 42.90
N GLU A 969 -1.36 22.02 41.68
CA GLU A 969 -1.41 23.24 40.86
C GLU A 969 -2.83 23.61 40.39
N ILE A 970 -3.66 22.62 40.06
CA ILE A 970 -5.09 22.86 39.74
C ILE A 970 -5.80 23.45 40.96
N ILE A 971 -5.56 22.89 42.15
CA ILE A 971 -6.18 23.30 43.41
C ILE A 971 -5.80 24.75 43.75
N ARG A 972 -4.55 25.15 43.46
CA ARG A 972 -4.07 26.55 43.54
C ARG A 972 -4.85 27.51 42.65
N GLU A 973 -5.02 27.15 41.37
CA GLU A 973 -5.79 27.95 40.42
C GLU A 973 -7.28 28.06 40.80
N LEU A 974 -7.83 27.06 41.53
CA LEU A 974 -9.20 27.10 42.06
C LEU A 974 -9.35 28.11 43.21
N LEU A 975 -8.54 28.00 44.27
CA LEU A 975 -8.75 28.80 45.50
C LEU A 975 -8.61 30.30 45.29
N HIS A 976 -7.59 30.74 44.54
CA HIS A 976 -7.35 32.16 44.26
C HIS A 976 -8.50 32.83 43.50
N LEU A 977 -9.17 32.09 42.60
CA LEU A 977 -10.34 32.58 41.88
C LEU A 977 -11.64 32.44 42.68
N ALA A 978 -11.79 31.37 43.47
CA ALA A 978 -12.95 31.15 44.34
C ALA A 978 -13.06 32.24 45.42
N MET A 979 -11.92 32.62 46.02
CA MET A 979 -11.82 33.71 46.99
C MET A 979 -12.42 35.02 46.43
N ALA A 980 -12.00 35.43 45.23
CA ALA A 980 -12.49 36.65 44.59
C ALA A 980 -13.89 36.51 43.95
N ASN A 981 -14.46 35.30 43.86
CA ASN A 981 -15.72 35.01 43.18
C ASN A 981 -16.53 33.90 43.90
N PRO A 982 -17.20 34.18 45.04
CA PRO A 982 -17.91 33.17 45.84
C PRO A 982 -18.90 32.30 45.06
N ILE A 983 -19.75 32.96 44.26
CA ILE A 983 -20.73 32.37 43.33
C ILE A 983 -21.61 31.31 44.03
N GLU A 984 -21.34 30.02 43.86
CA GLU A 984 -22.00 28.89 44.55
C GLU A 984 -20.97 27.87 45.06
N PRO A 985 -19.93 27.45 44.28
CA PRO A 985 -19.01 26.40 44.72
C PRO A 985 -18.05 26.80 45.84
N LEU A 986 -18.06 28.04 46.34
CA LEU A 986 -17.28 28.39 47.54
C LEU A 986 -17.70 27.49 48.72
N PHE A 987 -19.00 27.22 48.91
CA PHE A 987 -19.46 26.23 49.90
C PHE A 987 -19.12 24.81 49.40
N SER A 988 -19.68 24.40 48.26
CA SER A 988 -19.65 23.00 47.80
C SER A 988 -18.22 22.45 47.64
N GLY A 989 -17.31 23.29 47.16
CA GLY A 989 -15.88 23.05 47.07
C GLY A 989 -15.22 23.00 48.45
N LEU A 990 -15.31 24.05 49.28
CA LEU A 990 -14.60 24.11 50.57
C LEU A 990 -15.05 23.02 51.57
N LEU A 991 -16.30 22.54 51.48
CA LEU A 991 -16.73 21.32 52.16
C LEU A 991 -15.89 20.11 51.69
N ASN A 992 -15.76 19.93 50.37
CA ASN A 992 -14.98 18.86 49.76
C ASN A 992 -13.47 18.93 50.07
N PHE A 993 -12.93 20.13 50.29
CA PHE A 993 -11.55 20.35 50.73
C PHE A 993 -11.29 19.70 52.11
N CYS A 994 -12.10 20.00 53.13
CA CYS A 994 -11.84 19.50 54.48
C CYS A 994 -12.27 18.04 54.73
N ILE A 995 -13.16 17.43 53.94
CA ILE A 995 -13.36 15.96 53.98
C ILE A 995 -12.15 15.17 53.46
N LYS A 996 -11.05 15.84 53.07
CA LYS A 996 -9.78 15.25 52.61
C LYS A 996 -8.61 16.04 53.23
N ASN A 997 -8.35 15.82 54.53
CA ASN A 997 -7.33 16.56 55.32
C ASN A 997 -5.93 16.63 54.70
N ASN A 998 -5.65 15.77 53.72
CA ASN A 998 -4.65 15.85 52.63
C ASN A 998 -4.68 17.18 51.79
N MET A 999 -5.18 18.28 52.34
CA MET A 999 -5.28 19.63 51.76
C MET A 999 -4.68 20.71 52.70
N ALA A 1000 -3.95 20.30 53.75
CA ALA A 1000 -3.54 21.16 54.86
C ALA A 1000 -2.75 22.43 54.43
N ASP A 1001 -1.91 22.32 53.39
CA ASP A 1001 -1.17 23.41 52.76
C ASP A 1001 -2.12 24.45 52.13
N HIS A 1002 -3.12 23.99 51.37
CA HIS A 1002 -4.12 24.82 50.71
C HIS A 1002 -5.13 25.46 51.69
N LEU A 1003 -5.39 24.81 52.83
CA LEU A 1003 -6.28 25.31 53.89
C LEU A 1003 -5.66 26.48 54.66
N ASP A 1004 -4.38 26.38 55.05
CA ASP A 1004 -3.66 27.50 55.68
C ASP A 1004 -3.51 28.68 54.71
N GLU A 1005 -3.23 28.41 53.43
CA GLU A 1005 -3.18 29.42 52.37
C GLU A 1005 -4.53 30.15 52.20
N PHE A 1006 -5.66 29.42 52.18
CA PHE A 1006 -6.97 30.05 52.09
C PHE A 1006 -7.29 30.88 53.34
N CYS A 1007 -6.88 30.43 54.53
CA CYS A 1007 -6.95 31.19 55.77
C CYS A 1007 -6.03 32.44 55.76
N GLY A 1008 -5.10 32.56 54.81
CA GLY A 1008 -4.37 33.79 54.50
C GLY A 1008 -5.07 34.70 53.48
N ASN A 1009 -5.91 34.15 52.59
CA ASN A 1009 -6.67 34.86 51.55
C ASN A 1009 -7.99 35.49 52.05
N MET A 1010 -8.08 35.78 53.35
CA MET A 1010 -9.25 36.38 53.98
C MET A 1010 -9.42 37.86 53.56
N THR A 1011 -10.66 38.29 53.33
CA THR A 1011 -11.06 39.66 52.94
C THR A 1011 -12.50 39.90 53.40
N SER A 1012 -12.88 41.14 53.76
CA SER A 1012 -14.21 41.55 54.25
C SER A 1012 -15.39 40.73 53.67
N GLU A 1013 -15.62 40.80 52.35
CA GLU A 1013 -16.71 40.07 51.71
C GLU A 1013 -16.51 38.55 51.70
N VAL A 1014 -15.28 38.04 51.64
CA VAL A 1014 -15.00 36.59 51.70
C VAL A 1014 -15.54 36.03 53.01
N LEU A 1015 -15.13 36.57 54.16
CA LEU A 1015 -15.52 36.06 55.49
C LEU A 1015 -17.00 36.25 55.76
N PHE A 1016 -17.57 37.38 55.33
CA PHE A 1016 -18.98 37.70 55.49
C PHE A 1016 -19.90 36.89 54.54
N LYS A 1017 -19.32 36.12 53.61
CA LYS A 1017 -20.01 35.13 52.76
C LYS A 1017 -19.63 33.68 53.08
N ILE A 1018 -18.70 33.43 54.01
CA ILE A 1018 -18.50 32.07 54.57
C ILE A 1018 -19.75 31.72 55.39
N SER A 1019 -20.40 30.61 55.04
CA SER A 1019 -21.56 30.07 55.78
C SER A 1019 -21.17 29.65 57.22
N PRO A 1020 -21.98 29.94 58.25
CA PRO A 1020 -21.74 29.50 59.63
C PRO A 1020 -21.53 28.00 59.83
N GLU A 1021 -22.30 27.17 59.10
CA GLU A 1021 -22.15 25.71 59.01
C GLU A 1021 -20.78 25.27 58.50
N LEU A 1022 -20.05 26.17 57.83
CA LEU A 1022 -18.77 25.90 57.18
C LEU A 1022 -17.57 26.50 57.93
N LEU A 1023 -17.68 27.72 58.47
CA LEU A 1023 -16.62 28.37 59.27
C LEU A 1023 -16.23 27.50 60.48
N LEU A 1024 -17.22 26.87 61.14
CA LEU A 1024 -16.97 25.94 62.23
C LEU A 1024 -16.35 24.62 61.72
N LYS A 1025 -16.90 23.99 60.67
CA LYS A 1025 -16.40 22.69 60.16
C LYS A 1025 -15.00 22.77 59.54
N LEU A 1026 -14.51 23.99 59.27
CA LEU A 1026 -13.13 24.31 58.97
C LEU A 1026 -12.23 24.25 60.23
N LEU A 1027 -12.56 25.01 61.28
CA LEU A 1027 -11.68 25.22 62.45
C LEU A 1027 -11.79 24.15 63.55
N THR A 1028 -12.91 23.42 63.64
CA THR A 1028 -13.15 22.38 64.66
C THR A 1028 -12.31 21.11 64.47
N TYR A 1029 -12.19 20.62 63.23
CA TYR A 1029 -11.31 19.49 62.88
C TYR A 1029 -9.86 19.97 62.62
N LYS A 1030 -9.37 20.93 63.42
CA LYS A 1030 -8.08 21.65 63.31
C LYS A 1030 -7.65 22.25 64.66
N GLU A 1031 -6.45 22.83 64.66
CA GLU A 1031 -5.75 23.41 65.81
C GLU A 1031 -5.04 24.73 65.41
N LYS A 1032 -3.92 25.06 66.10
CA LYS A 1032 -3.14 26.32 66.00
C LYS A 1032 -2.94 26.87 64.56
N PRO A 1033 -2.66 26.07 63.50
CA PRO A 1033 -2.45 26.60 62.14
C PRO A 1033 -3.69 27.28 61.53
N ASN A 1034 -4.77 26.53 61.26
CA ASN A 1034 -5.99 27.09 60.64
C ASN A 1034 -6.66 28.11 61.58
N GLY A 1035 -6.44 27.98 62.90
CA GLY A 1035 -6.93 28.90 63.93
C GLY A 1035 -6.64 30.38 63.66
N LYS A 1036 -5.57 30.76 62.95
CA LYS A 1036 -5.28 32.19 62.67
C LYS A 1036 -6.31 32.89 61.78
N LEU A 1037 -7.22 32.15 61.13
CA LEU A 1037 -8.39 32.72 60.43
C LEU A 1037 -9.22 33.62 61.36
N LEU A 1038 -9.23 33.34 62.67
CA LEU A 1038 -9.94 34.11 63.69
C LEU A 1038 -9.53 35.60 63.68
N ALA A 1039 -8.32 35.94 63.21
CA ALA A 1039 -7.82 37.31 63.09
C ALA A 1039 -8.80 38.25 62.35
N ALA A 1040 -9.45 37.77 61.28
CA ALA A 1040 -10.44 38.54 60.50
C ALA A 1040 -11.91 38.21 60.87
N VAL A 1041 -12.15 37.41 61.92
CA VAL A 1041 -13.50 37.13 62.47
C VAL A 1041 -13.87 38.16 63.55
N ILE A 1042 -12.87 38.76 64.20
CA ILE A 1042 -13.07 39.83 65.21
C ILE A 1042 -13.84 41.02 64.61
N GLU A 1043 -13.62 41.36 63.33
CA GLU A 1043 -14.35 42.39 62.55
C GLU A 1043 -15.88 42.19 62.49
N LYS A 1044 -16.38 40.99 62.80
CA LYS A 1044 -17.80 40.63 62.68
C LYS A 1044 -18.45 40.22 63.99
N ILE A 1045 -17.67 39.81 64.99
CA ILE A 1045 -18.13 39.60 66.37
C ILE A 1045 -18.12 40.92 67.14
N GLU A 1046 -16.95 41.48 67.45
CA GLU A 1046 -16.86 42.80 68.08
C GLU A 1046 -17.33 43.88 67.09
N ASN A 1047 -18.46 44.51 67.40
CA ASN A 1047 -18.96 45.71 66.69
C ASN A 1047 -19.26 45.50 65.18
N GLY A 1048 -19.75 44.31 64.81
CA GLY A 1048 -19.88 43.85 63.42
C GLY A 1048 -21.31 43.65 62.88
N ASP A 1049 -21.95 42.53 63.20
CA ASP A 1049 -23.31 42.16 62.73
C ASP A 1049 -24.05 41.28 63.76
N ASP A 1050 -25.24 41.69 64.19
CA ASP A 1050 -26.03 41.00 65.24
C ASP A 1050 -26.31 39.52 64.93
N ASP A 1051 -27.00 39.22 63.82
CA ASP A 1051 -27.55 37.89 63.59
C ASP A 1051 -26.52 36.90 63.02
N TYR A 1052 -25.45 37.37 62.37
CA TYR A 1052 -24.32 36.53 61.94
C TYR A 1052 -23.64 35.84 63.14
N ILE A 1053 -23.43 36.57 64.25
CA ILE A 1053 -22.89 36.02 65.51
C ILE A 1053 -23.83 34.93 66.06
N LEU A 1054 -25.14 35.14 65.95
CA LEU A 1054 -26.15 34.26 66.55
C LEU A 1054 -26.44 33.00 65.71
N GLU A 1055 -26.29 33.05 64.38
CA GLU A 1055 -26.33 31.83 63.52
C GLU A 1055 -25.09 30.96 63.77
N LEU A 1056 -23.91 31.58 63.96
CA LEU A 1056 -22.68 30.90 64.37
C LEU A 1056 -22.81 30.24 65.76
N LEU A 1057 -23.43 30.93 66.73
CA LEU A 1057 -23.61 30.42 68.10
C LEU A 1057 -24.48 29.16 68.18
N GLU A 1058 -25.41 28.92 67.26
CA GLU A 1058 -26.15 27.64 67.20
C GLU A 1058 -25.18 26.46 67.07
N LYS A 1059 -24.25 26.55 66.10
CA LYS A 1059 -23.48 25.38 65.64
C LYS A 1059 -22.55 24.80 66.70
N ILE A 1060 -21.86 25.66 67.47
CA ILE A 1060 -20.99 25.27 68.57
C ILE A 1060 -21.78 24.59 69.72
N ILE A 1061 -23.02 25.03 69.98
CA ILE A 1061 -23.88 24.45 71.03
C ILE A 1061 -24.46 23.08 70.59
N ILE A 1062 -24.93 22.95 69.34
CA ILE A 1062 -25.55 21.70 68.86
C ILE A 1062 -24.56 20.54 68.67
N GLN A 1063 -23.29 20.82 68.38
CA GLN A 1063 -22.24 19.80 68.22
C GLN A 1063 -21.29 19.66 69.43
N LYS A 1064 -21.31 20.62 70.38
CA LYS A 1064 -20.53 20.62 71.64
C LYS A 1064 -19.02 20.75 71.45
N GLU A 1065 -18.61 21.70 70.60
CA GLU A 1065 -17.22 21.92 70.17
C GLU A 1065 -16.37 22.70 71.21
N ILE A 1066 -16.25 22.16 72.43
CA ILE A 1066 -15.84 22.94 73.63
C ILE A 1066 -14.42 23.52 73.58
N GLN A 1067 -13.45 22.83 72.99
CA GLN A 1067 -12.05 23.30 72.97
C GLN A 1067 -11.88 24.59 72.14
N ILE A 1068 -12.74 24.79 71.14
CA ILE A 1068 -12.78 25.99 70.27
C ILE A 1068 -13.59 27.13 70.92
N LEU A 1069 -14.31 26.85 72.02
CA LEU A 1069 -15.11 27.82 72.79
C LEU A 1069 -14.22 28.82 73.56
N GLU A 1070 -12.89 28.62 73.62
CA GLU A 1070 -11.96 29.51 74.32
C GLU A 1070 -11.72 30.83 73.57
N LYS A 1071 -12.79 31.61 73.51
CA LYS A 1071 -12.88 32.90 72.84
C LYS A 1071 -13.85 33.83 73.56
N LEU A 1072 -13.95 33.74 74.89
CA LEU A 1072 -14.95 34.48 75.67
C LEU A 1072 -14.60 35.97 75.95
N LYS A 1073 -13.38 36.47 75.65
CA LYS A 1073 -12.94 37.86 75.95
C LYS A 1073 -13.47 38.95 74.99
N GLU A 1074 -14.06 38.53 73.86
CA GLU A 1074 -14.58 39.40 72.79
C GLU A 1074 -16.12 39.35 72.67
N PRO A 1075 -16.78 38.20 72.39
CA PRO A 1075 -18.24 38.10 72.33
C PRO A 1075 -18.94 38.44 73.66
N LEU A 1076 -18.36 38.17 74.84
CA LEU A 1076 -18.98 38.59 76.12
C LEU A 1076 -18.98 40.12 76.30
N LEU A 1077 -18.01 40.81 75.71
CA LEU A 1077 -17.95 42.27 75.64
C LEU A 1077 -19.18 42.78 74.86
N VAL A 1078 -19.51 42.12 73.76
CA VAL A 1078 -20.71 42.41 72.94
C VAL A 1078 -22.00 41.99 73.64
N PHE A 1079 -22.06 40.85 74.34
CA PHE A 1079 -23.22 40.45 75.17
C PHE A 1079 -23.56 41.47 76.28
N PHE A 1080 -22.63 42.36 76.66
CA PHE A 1080 -22.94 43.50 77.53
C PHE A 1080 -23.27 44.79 76.74
N LEU A 1081 -22.62 45.05 75.59
CA LEU A 1081 -22.72 46.32 74.85
C LEU A 1081 -23.69 46.35 73.64
N ASN A 1082 -24.16 45.22 73.12
CA ASN A 1082 -25.22 45.16 72.11
C ASN A 1082 -26.54 45.90 72.48
N PRO A 1083 -26.91 46.12 73.76
CA PRO A 1083 -28.17 46.76 74.14
C PRO A 1083 -28.35 48.23 73.74
N VAL A 1084 -27.37 48.88 73.09
CA VAL A 1084 -27.52 50.21 72.44
C VAL A 1084 -28.76 50.27 71.54
N SER A 1085 -29.07 49.15 70.86
CA SER A 1085 -30.32 48.97 70.10
C SER A 1085 -30.99 47.65 70.50
N SER A 1086 -31.19 47.47 71.82
CA SER A 1086 -31.62 46.23 72.48
C SER A 1086 -32.91 45.61 71.88
N ASN A 1087 -34.08 46.10 72.29
CA ASN A 1087 -35.42 45.56 71.99
C ASN A 1087 -35.65 44.08 72.41
N MET A 1088 -36.90 43.72 72.74
CA MET A 1088 -37.30 42.38 73.19
C MET A 1088 -36.85 41.22 72.27
N GLN A 1089 -36.73 41.44 70.96
CA GLN A 1089 -36.25 40.44 69.99
C GLN A 1089 -34.76 40.10 70.21
N LYS A 1090 -33.85 41.06 70.01
CA LYS A 1090 -32.40 40.89 70.14
C LYS A 1090 -32.00 40.60 71.60
N HIS A 1091 -32.71 41.19 72.57
CA HIS A 1091 -32.50 40.96 74.00
C HIS A 1091 -32.79 39.52 74.44
N LYS A 1092 -34.02 39.01 74.27
CA LYS A 1092 -34.37 37.68 74.82
C LYS A 1092 -33.52 36.57 74.17
N LYS A 1093 -33.20 36.71 72.87
CA LYS A 1093 -32.29 35.82 72.13
C LYS A 1093 -30.90 35.80 72.77
N SER A 1094 -30.38 36.96 73.15
CA SER A 1094 -29.09 37.11 73.85
C SER A 1094 -29.13 36.39 75.19
N THR A 1095 -30.11 36.68 76.06
CA THR A 1095 -30.25 36.04 77.38
C THR A 1095 -30.42 34.52 77.30
N ASN A 1096 -31.17 34.02 76.30
CA ASN A 1096 -31.36 32.59 76.05
C ASN A 1096 -30.05 31.89 75.65
N MET A 1097 -29.29 32.44 74.69
CA MET A 1097 -28.06 31.84 74.18
C MET A 1097 -26.89 31.96 75.16
N LEU A 1098 -26.79 33.09 75.88
CA LEU A 1098 -25.74 33.38 76.87
C LEU A 1098 -25.78 32.43 78.09
N ARG A 1099 -26.94 31.85 78.38
CA ARG A 1099 -27.10 30.73 79.34
C ARG A 1099 -26.42 29.45 78.83
N GLU A 1100 -26.73 29.04 77.61
CA GLU A 1100 -26.23 27.81 76.98
C GLU A 1100 -24.73 27.90 76.65
N LEU A 1101 -24.23 29.10 76.32
CA LEU A 1101 -22.82 29.41 76.08
C LEU A 1101 -21.90 28.91 77.21
N VAL A 1102 -22.35 29.03 78.47
CA VAL A 1102 -21.55 28.70 79.67
C VAL A 1102 -21.98 27.36 80.29
N LEU A 1103 -23.02 26.69 79.76
CA LEU A 1103 -23.50 25.38 80.24
C LEU A 1103 -22.44 24.28 80.10
N LEU A 1104 -21.52 24.41 79.14
CA LEU A 1104 -20.53 23.37 78.80
C LEU A 1104 -19.07 23.87 78.78
N TYR A 1105 -18.84 25.18 78.87
CA TYR A 1105 -17.53 25.84 79.03
C TYR A 1105 -16.68 25.23 80.17
N LEU A 1106 -17.31 24.60 81.16
CA LEU A 1106 -16.65 23.96 82.31
C LEU A 1106 -17.06 22.49 82.48
N THR A 1107 -17.09 21.72 81.39
CA THR A 1107 -17.45 20.28 81.43
C THR A 1107 -16.40 19.44 82.19
N LYS A 1108 -15.11 19.77 82.03
CA LYS A 1108 -14.03 19.39 82.98
C LYS A 1108 -13.92 20.46 84.09
N PRO A 1109 -13.48 20.11 85.31
CA PRO A 1109 -13.02 21.09 86.30
C PRO A 1109 -11.78 21.78 85.71
N LEU A 1110 -11.89 23.04 85.31
CA LEU A 1110 -11.11 23.53 84.16
C LEU A 1110 -9.60 23.51 84.42
N SER A 1111 -9.19 24.08 85.55
CA SER A 1111 -7.94 23.74 86.23
C SER A 1111 -7.98 24.27 87.66
N ARG A 1112 -6.98 23.90 88.49
CA ARG A 1112 -6.79 24.54 89.82
C ARG A 1112 -6.55 26.06 89.71
N SER A 1113 -6.15 26.56 88.53
CA SER A 1113 -5.78 27.95 88.22
C SER A 1113 -6.93 28.76 87.57
N ALA A 1114 -7.82 28.13 86.79
CA ALA A 1114 -8.88 28.79 86.00
C ALA A 1114 -9.79 29.73 86.82
N ALA A 1115 -10.13 29.33 88.05
CA ALA A 1115 -10.91 30.10 89.02
C ALA A 1115 -10.21 31.40 89.50
N LYS A 1116 -8.95 31.65 89.12
CA LYS A 1116 -8.22 32.91 89.30
C LYS A 1116 -7.82 33.56 87.96
N LYS A 1117 -7.52 32.81 86.89
CA LYS A 1117 -7.18 33.36 85.56
C LYS A 1117 -8.41 33.96 84.85
N PHE A 1118 -9.36 33.13 84.39
CA PHE A 1118 -10.52 33.59 83.60
C PHE A 1118 -11.45 34.53 84.39
N PHE A 1119 -11.71 34.20 85.65
CA PHE A 1119 -12.48 35.04 86.57
C PHE A 1119 -11.79 36.37 86.95
N SER A 1120 -10.61 36.69 86.42
CA SER A 1120 -9.91 37.96 86.66
C SER A 1120 -9.76 38.83 85.41
N MET A 1121 -9.32 38.27 84.27
CA MET A 1121 -9.18 39.07 83.03
C MET A 1121 -10.54 39.56 82.50
N LEU A 1122 -11.58 38.71 82.49
CA LEU A 1122 -12.88 39.03 81.89
C LEU A 1122 -13.56 40.25 82.53
N ILE A 1123 -13.44 40.40 83.85
CA ILE A 1123 -14.11 41.45 84.63
C ILE A 1123 -13.46 42.83 84.50
N SER A 1124 -12.31 42.95 83.81
CA SER A 1124 -11.61 44.23 83.60
C SER A 1124 -12.37 45.21 82.68
N ILE A 1125 -13.11 44.69 81.68
CA ILE A 1125 -13.82 45.46 80.63
C ILE A 1125 -15.18 44.85 80.27
N LEU A 1126 -15.91 44.34 81.27
CA LEU A 1126 -17.32 43.92 81.18
C LEU A 1126 -18.30 44.80 81.99
N PRO A 1127 -18.03 45.21 83.25
CA PRO A 1127 -18.97 45.98 84.07
C PRO A 1127 -18.76 47.52 83.91
N PRO A 1128 -19.56 48.40 84.57
CA PRO A 1128 -20.70 48.11 85.46
C PRO A 1128 -22.08 48.59 84.97
N ASN A 1129 -22.16 49.68 84.20
CA ASN A 1129 -23.39 50.39 83.85
C ASN A 1129 -23.35 51.35 82.61
N PRO A 1130 -22.52 51.17 81.55
CA PRO A 1130 -22.59 51.97 80.32
C PRO A 1130 -23.99 52.17 79.69
N ASN A 1131 -24.97 51.32 80.01
CA ASN A 1131 -26.38 51.64 79.80
C ASN A 1131 -27.29 50.92 80.83
N TYR A 1132 -28.55 51.33 80.95
CA TYR A 1132 -29.56 50.58 81.71
C TYR A 1132 -29.94 49.27 81.01
N GLN A 1133 -30.14 49.28 79.68
CA GLN A 1133 -30.82 48.17 78.99
C GLN A 1133 -30.01 46.86 78.87
N THR A 1134 -28.75 46.87 79.32
CA THR A 1134 -27.88 45.70 79.56
C THR A 1134 -28.13 45.07 80.93
N ILE A 1135 -28.44 45.85 81.97
CA ILE A 1135 -28.33 45.38 83.37
C ILE A 1135 -29.39 44.35 83.77
N ASP A 1136 -30.53 44.33 83.08
CA ASP A 1136 -31.48 43.22 83.07
C ASP A 1136 -30.76 41.90 82.73
N MET A 1137 -30.03 41.87 81.61
CA MET A 1137 -29.27 40.70 81.13
C MET A 1137 -28.18 40.28 82.13
N VAL A 1138 -27.47 41.25 82.75
CA VAL A 1138 -26.37 40.94 83.67
C VAL A 1138 -26.87 40.33 84.98
N ASN A 1139 -27.96 40.83 85.57
CA ASN A 1139 -28.53 40.22 86.78
C ASN A 1139 -29.09 38.83 86.48
N LEU A 1140 -29.71 38.63 85.31
CA LEU A 1140 -30.19 37.31 84.88
C LEU A 1140 -29.03 36.30 84.71
N LEU A 1141 -27.88 36.68 84.14
CA LEU A 1141 -26.74 35.76 83.99
C LEU A 1141 -25.91 35.56 85.28
N ILE A 1142 -25.80 36.58 86.13
CA ILE A 1142 -24.93 36.52 87.31
C ILE A 1142 -25.39 35.49 88.34
N ASP A 1143 -26.70 35.29 88.55
CA ASP A 1143 -27.21 34.21 89.41
C ASP A 1143 -27.36 32.84 88.70
N LEU A 1144 -27.36 32.76 87.36
CA LEU A 1144 -27.13 31.50 86.65
C LEU A 1144 -25.72 30.95 86.99
N ILE A 1145 -24.68 31.78 86.90
CA ILE A 1145 -23.30 31.44 87.33
C ILE A 1145 -23.27 31.11 88.84
N LYS A 1146 -24.02 31.86 89.66
CA LYS A 1146 -24.10 31.66 91.12
C LYS A 1146 -24.80 30.35 91.50
N SER A 1147 -25.68 29.82 90.66
CA SER A 1147 -26.31 28.50 90.82
C SER A 1147 -25.29 27.36 90.72
N HIS A 1148 -24.47 27.33 89.65
CA HIS A 1148 -23.39 26.35 89.47
C HIS A 1148 -22.25 26.57 90.47
N ASN A 1149 -22.01 27.82 90.89
CA ASN A 1149 -21.09 28.13 91.99
C ASN A 1149 -21.42 27.46 93.33
N ARG A 1150 -22.63 26.88 93.47
CA ARG A 1150 -23.07 25.99 94.57
C ARG A 1150 -23.21 24.51 94.15
N LYS A 1151 -23.58 24.24 92.88
CA LYS A 1151 -23.68 22.91 92.26
C LYS A 1151 -22.26 22.42 91.90
N PHE A 1152 -21.92 22.31 90.61
CA PHE A 1152 -20.59 21.92 90.14
C PHE A 1152 -19.73 23.14 89.82
N LYS A 1153 -18.62 23.29 90.56
CA LYS A 1153 -17.46 24.11 90.20
C LYS A 1153 -16.26 23.72 91.08
N ASP A 1154 -15.13 24.38 90.90
CA ASP A 1154 -13.85 24.33 91.64
C ASP A 1154 -13.94 24.85 93.11
N LYS A 1155 -15.04 24.54 93.83
CA LYS A 1155 -15.35 25.05 95.19
C LYS A 1155 -14.48 24.45 96.32
N ARG A 1156 -13.31 23.93 95.98
CA ARG A 1156 -12.35 23.27 96.88
C ARG A 1156 -11.00 23.97 96.89
N THR A 1157 -10.49 24.35 95.71
CA THR A 1157 -9.26 25.13 95.52
C THR A 1157 -9.52 26.63 95.71
N TYR A 1158 -10.10 27.30 94.71
CA TYR A 1158 -10.29 28.75 94.69
C TYR A 1158 -11.75 29.17 94.95
N ASN A 1159 -12.22 29.01 96.19
CA ASN A 1159 -13.52 29.55 96.62
C ASN A 1159 -13.41 30.87 97.42
N ALA A 1160 -12.21 31.27 97.87
CA ALA A 1160 -11.95 32.56 98.52
C ALA A 1160 -12.09 33.72 97.52
N THR A 1161 -11.18 33.80 96.55
CA THR A 1161 -11.23 34.76 95.43
C THR A 1161 -12.55 34.70 94.68
N LEU A 1162 -13.14 33.53 94.39
CA LEU A 1162 -14.45 33.47 93.71
C LEU A 1162 -15.62 34.05 94.53
N LYS A 1163 -15.58 33.98 95.87
CA LYS A 1163 -16.58 34.68 96.72
C LYS A 1163 -16.33 36.19 96.73
N THR A 1164 -15.08 36.62 96.75
CA THR A 1164 -14.68 38.03 96.69
C THR A 1164 -15.03 38.67 95.34
N ILE A 1165 -14.64 38.04 94.24
CA ILE A 1165 -14.86 38.50 92.86
C ILE A 1165 -16.35 38.40 92.49
N GLY A 1166 -17.01 37.28 92.80
CA GLY A 1166 -18.46 37.14 92.65
C GLY A 1166 -19.27 38.11 93.54
N LYS A 1167 -18.61 38.76 94.51
CA LYS A 1167 -19.18 39.87 95.30
C LYS A 1167 -18.86 41.25 94.71
N TRP A 1168 -17.73 41.50 94.03
CA TRP A 1168 -17.46 42.78 93.36
C TRP A 1168 -18.61 43.19 92.41
N ILE A 1169 -19.22 42.24 91.71
CA ILE A 1169 -20.36 42.48 90.82
C ILE A 1169 -21.66 42.75 91.63
N GLN A 1170 -21.85 42.09 92.78
CA GLN A 1170 -22.97 42.38 93.70
C GLN A 1170 -22.84 43.76 94.36
N GLU A 1171 -21.64 44.16 94.75
CA GLU A 1171 -21.35 45.48 95.34
C GLU A 1171 -21.51 46.61 94.30
N SER A 1172 -21.40 46.28 93.00
CA SER A 1172 -21.80 47.16 91.90
C SER A 1172 -23.32 47.14 91.63
N GLY A 1173 -24.08 46.16 92.12
CA GLY A 1173 -25.52 45.96 91.87
C GLY A 1173 -26.44 46.96 92.58
N VAL A 1174 -25.90 48.08 93.06
CA VAL A 1174 -26.59 49.10 93.89
C VAL A 1174 -26.30 50.54 93.45
N VAL A 1175 -25.42 50.75 92.44
CA VAL A 1175 -25.06 52.10 91.95
C VAL A 1175 -25.85 52.52 90.69
N HIS A 1176 -26.76 51.66 90.22
CA HIS A 1176 -27.51 51.82 88.97
C HIS A 1176 -28.80 50.95 88.89
N GLN A 1177 -29.50 50.83 90.02
CA GLN A 1177 -30.92 50.42 90.03
C GLN A 1177 -31.84 51.58 89.55
N GLU B 90 -9.15 44.94 120.44
CA GLU B 90 -8.21 46.07 120.61
C GLU B 90 -6.81 45.57 120.32
N THR B 91 -6.10 46.17 119.38
CA THR B 91 -4.79 45.72 118.90
C THR B 91 -3.67 46.37 119.71
N ARG B 92 -3.14 45.68 120.73
CA ARG B 92 -2.02 46.22 121.54
C ARG B 92 -0.98 45.21 122.05
N VAL B 93 -0.86 44.06 121.37
CA VAL B 93 0.10 42.96 121.67
C VAL B 93 1.57 43.42 121.64
N ASN B 94 1.84 44.55 120.98
CA ASN B 94 3.14 45.18 120.74
C ASN B 94 4.09 44.37 119.83
N PRO B 95 4.74 44.97 118.81
CA PRO B 95 5.69 44.25 117.96
C PRO B 95 7.07 44.04 118.58
N ARG B 96 7.45 44.85 119.57
CA ARG B 96 8.80 44.86 120.18
C ARG B 96 8.71 44.64 121.70
N ALA B 97 9.68 45.15 122.45
CA ALA B 97 9.74 45.08 123.91
C ALA B 97 9.66 43.62 124.43
N LEU B 98 8.83 43.34 125.45
CA LEU B 98 8.73 42.04 126.09
C LEU B 98 7.30 41.46 126.04
N GLU B 99 6.34 42.23 125.52
CA GLU B 99 4.90 41.98 125.66
C GLU B 99 4.33 40.89 124.74
N TYR B 100 4.96 40.64 123.59
CA TYR B 100 4.42 39.77 122.53
C TYR B 100 4.56 38.27 122.85
N TRP B 101 5.77 37.74 122.76
CA TRP B 101 6.10 36.40 123.25
C TRP B 101 5.99 36.37 124.77
N VAL B 102 4.95 35.70 125.27
CA VAL B 102 5.00 34.98 126.55
C VAL B 102 6.23 34.04 126.53
N SER B 103 6.77 33.71 127.69
CA SER B 103 7.85 32.72 127.87
C SER B 103 7.40 31.28 127.57
N GLY B 104 7.01 31.01 126.31
CA GLY B 104 6.66 29.67 125.80
C GLY B 104 6.22 29.63 124.34
N GLU B 105 5.28 30.49 123.93
CA GLU B 105 4.56 30.47 122.63
C GLU B 105 4.25 31.92 122.13
N ILE B 106 3.06 32.14 121.53
CA ILE B 106 2.63 33.31 120.74
C ILE B 106 3.41 33.44 119.42
N HIS B 107 2.72 33.19 118.30
CA HIS B 107 3.30 33.22 116.94
C HIS B 107 2.74 34.35 116.07
N GLY B 108 1.62 34.12 115.36
CA GLY B 108 0.96 35.15 114.52
C GLY B 108 0.41 34.69 113.16
N LEU B 109 0.39 33.37 112.86
CA LEU B 109 -0.30 32.79 111.69
C LEU B 109 -1.83 32.97 111.79
N VAL B 110 -2.29 34.20 111.56
CA VAL B 110 -3.70 34.57 111.39
C VAL B 110 -3.76 35.66 110.31
N ASP B 111 -4.05 36.92 110.65
CA ASP B 111 -4.14 38.04 109.69
C ASP B 111 -2.82 38.41 109.00
N ASN B 112 -1.66 37.99 109.54
CA ASN B 112 -0.36 38.18 108.89
C ASN B 112 -0.06 37.14 107.81
N GLU B 113 -0.88 36.10 107.67
CA GLU B 113 -0.81 35.23 106.50
C GLU B 113 -1.45 35.96 105.30
N SER B 114 -0.69 36.15 104.21
CA SER B 114 -0.94 37.00 103.04
C SER B 114 -0.90 38.53 103.26
N VAL B 115 -0.33 39.03 104.37
CA VAL B 115 -0.22 40.47 104.71
C VAL B 115 1.20 40.86 105.17
N SER B 116 1.64 42.08 104.85
CA SER B 116 3.01 42.60 105.02
C SER B 116 3.45 42.73 106.48
N GLU B 117 2.48 42.96 107.37
CA GLU B 117 2.67 43.34 108.77
C GLU B 117 3.37 42.26 109.63
N PHE B 118 3.46 41.05 109.10
CA PHE B 118 4.46 40.00 109.42
C PHE B 118 5.84 40.59 109.75
N LYS B 119 6.25 41.66 109.03
CA LYS B 119 7.50 42.41 109.20
C LYS B 119 7.83 42.67 110.67
N GLU B 120 6.87 43.13 111.45
CA GLU B 120 7.14 43.63 112.80
C GLU B 120 7.36 42.49 113.80
N ILE B 121 6.89 41.27 113.50
CA ILE B 121 7.20 40.07 114.29
C ILE B 121 8.69 39.70 114.08
N ILE B 122 9.19 39.77 112.84
CA ILE B 122 10.57 39.43 112.49
C ILE B 122 11.53 40.50 113.01
N GLU B 123 11.31 41.76 112.65
CA GLU B 123 12.19 42.86 113.02
C GLU B 123 12.10 43.20 114.51
N GLY B 124 10.93 42.97 115.12
CA GLY B 124 10.71 42.87 116.55
C GLY B 124 11.71 41.91 117.19
N GLY B 125 11.67 40.64 116.79
CA GLY B 125 12.53 39.58 117.31
C GLY B 125 14.03 39.92 117.21
N LEU B 126 14.48 40.46 116.07
CA LEU B 126 15.87 40.91 115.88
C LEU B 126 16.28 42.01 116.87
N GLY B 127 15.35 42.89 117.26
CA GLY B 127 15.57 43.88 118.33
C GLY B 127 15.62 43.24 119.72
N ILE B 128 14.84 42.18 119.97
CA ILE B 128 14.84 41.41 121.23
C ILE B 128 16.14 40.60 121.40
N LEU B 129 16.83 40.26 120.31
CA LEU B 129 18.11 39.54 120.33
C LEU B 129 19.34 40.39 120.71
N ARG B 130 19.17 41.70 120.99
CA ARG B 130 20.18 42.71 121.38
C ARG B 130 20.80 42.50 122.77
N GLN B 131 21.35 41.31 123.02
CA GLN B 131 21.98 40.91 124.29
C GLN B 131 21.03 41.02 125.49
N GLU B 132 21.21 42.02 126.36
CA GLU B 132 20.59 42.24 127.70
C GLU B 132 20.58 41.01 128.62
N SER B 133 19.74 40.01 128.33
CA SER B 133 19.89 38.65 128.87
C SER B 133 19.66 38.44 130.37
N GLU B 134 18.79 39.25 130.97
CA GLU B 134 18.04 38.88 132.19
C GLU B 134 16.75 38.12 131.78
N ASP B 135 15.81 38.80 131.10
CA ASP B 135 14.52 38.22 130.65
C ASP B 135 14.56 37.71 129.19
N TYR B 136 15.49 38.26 128.41
CA TYR B 136 15.61 38.05 126.97
C TYR B 136 16.33 36.73 126.62
N VAL B 137 16.99 36.06 127.57
CA VAL B 137 17.66 34.75 127.36
C VAL B 137 16.65 33.63 127.21
N ALA B 138 15.62 33.58 128.07
CA ALA B 138 14.58 32.56 127.98
C ALA B 138 13.90 32.66 126.61
N ARG B 139 13.41 33.87 126.29
CA ARG B 139 12.66 34.24 125.08
C ARG B 139 13.40 34.05 123.74
N ARG B 140 14.69 33.67 123.77
CA ARG B 140 15.46 33.28 122.58
C ARG B 140 14.95 31.99 121.97
N PHE B 141 14.33 31.09 122.73
CA PHE B 141 13.80 29.83 122.20
C PHE B 141 12.57 30.03 121.30
N GLU B 142 11.72 30.99 121.66
CA GLU B 142 10.41 31.29 121.06
C GLU B 142 10.51 32.11 119.77
N VAL B 143 11.43 33.07 119.71
CA VAL B 143 11.65 33.90 118.51
C VAL B 143 12.12 33.07 117.31
N TYR B 144 13.12 32.19 117.48
CA TYR B 144 13.54 31.25 116.43
C TYR B 144 12.53 30.12 116.18
N ALA B 145 11.59 29.86 117.10
CA ALA B 145 10.46 28.98 116.83
C ALA B 145 9.44 29.62 115.87
N THR B 146 8.95 30.84 116.16
CA THR B 146 7.94 31.51 115.30
C THR B 146 8.45 31.84 113.90
N PHE B 147 9.76 32.11 113.74
CA PHE B 147 10.37 32.33 112.44
C PHE B 147 10.17 31.11 111.50
N ASN B 148 10.29 29.89 112.01
CA ASN B 148 10.02 28.65 111.26
C ASN B 148 8.52 28.35 111.07
N ASN B 149 7.63 29.31 111.33
CA ASN B 149 6.17 29.13 111.30
C ASN B 149 5.45 30.22 110.48
N ILE B 150 5.87 31.48 110.54
CA ILE B 150 5.30 32.55 109.68
C ILE B 150 5.97 32.59 108.28
N ILE B 151 7.05 31.81 108.07
CA ILE B 151 7.69 31.61 106.75
C ILE B 151 6.76 30.81 105.82
N PRO B 152 6.59 31.23 104.54
CA PRO B 152 5.86 30.48 103.53
C PRO B 152 6.72 29.42 102.82
N ILE B 153 6.05 28.38 102.32
CA ILE B 153 6.49 27.52 101.21
C ILE B 153 6.43 28.28 99.86
N LEU B 154 6.76 27.62 98.75
CA LEU B 154 6.78 28.15 97.37
C LEU B 154 5.47 28.85 96.94
N THR B 155 4.32 28.33 97.36
CA THR B 155 2.97 28.92 97.15
C THR B 155 2.69 29.49 95.75
N THR B 156 2.63 28.63 94.72
CA THR B 156 2.24 28.97 93.34
C THR B 156 0.97 29.82 93.25
N LYS B 157 0.01 29.65 94.19
CA LYS B 157 -1.16 30.52 94.36
C LYS B 157 -0.86 32.03 94.26
N ASN B 158 0.29 32.47 94.79
CA ASN B 158 0.80 33.84 94.79
C ASN B 158 2.32 33.82 95.11
N VAL B 159 3.20 33.53 94.14
CA VAL B 159 4.68 33.54 94.36
C VAL B 159 5.18 34.90 94.93
N ASN B 160 4.41 35.98 94.70
CA ASN B 160 4.61 37.30 95.29
C ASN B 160 4.50 37.39 96.83
N GLU B 161 3.67 36.58 97.51
CA GLU B 161 3.61 36.66 98.99
C GLU B 161 4.90 36.13 99.62
N VAL B 162 5.60 35.21 98.93
CA VAL B 162 6.95 34.75 99.26
C VAL B 162 7.95 35.85 99.02
N ASP B 163 7.94 36.43 97.81
CA ASP B 163 8.83 37.52 97.39
C ASP B 163 8.80 38.67 98.41
N GLN B 164 7.61 39.13 98.77
CA GLN B 164 7.42 40.22 99.74
C GLN B 164 7.82 39.87 101.18
N LYS B 165 7.49 38.68 101.71
CA LYS B 165 7.91 38.25 103.06
C LYS B 165 9.43 38.17 103.15
N PHE B 166 10.12 37.66 102.12
CA PHE B 166 11.58 37.60 102.07
C PHE B 166 12.26 38.96 101.76
N ASN B 167 11.58 39.90 101.09
CA ASN B 167 12.07 41.28 100.88
C ASN B 167 12.27 42.09 102.17
N ILE B 168 11.70 41.66 103.30
CA ILE B 168 12.03 42.23 104.62
C ILE B 168 13.42 41.77 105.08
N LEU B 169 13.73 40.49 104.88
CA LEU B 169 14.95 39.86 105.35
C LEU B 169 16.18 40.41 104.61
N ILE B 170 16.11 40.63 103.29
CA ILE B 170 17.21 41.22 102.49
C ILE B 170 17.56 42.66 102.89
N VAL B 171 16.68 43.35 103.61
CA VAL B 171 16.93 44.68 104.20
C VAL B 171 17.47 44.56 105.62
N ASN B 172 16.84 43.72 106.47
CA ASN B 172 17.26 43.47 107.84
C ASN B 172 18.56 42.65 107.98
N ILE B 173 19.10 42.10 106.88
CA ILE B 173 20.13 41.06 106.87
C ILE B 173 21.41 41.40 107.65
N GLU B 174 21.83 42.66 107.63
CA GLU B 174 23.01 43.11 108.36
C GLU B 174 22.84 42.86 109.87
N SER B 175 21.65 43.16 110.39
CA SER B 175 21.29 42.89 111.78
C SER B 175 21.21 41.38 112.07
N ILE B 176 20.76 40.54 111.14
CA ILE B 176 20.75 39.07 111.33
C ILE B 176 22.18 38.54 111.52
N ILE B 177 23.14 39.09 110.77
CA ILE B 177 24.53 38.63 110.75
C ILE B 177 25.30 38.98 112.04
N GLU B 178 25.06 40.15 112.67
CA GLU B 178 25.76 40.53 113.92
C GLU B 178 25.37 39.69 115.15
N ILE B 179 24.13 39.18 115.21
CA ILE B 179 23.58 38.48 116.39
C ILE B 179 23.33 37.00 116.18
N CYS B 180 22.72 36.59 115.07
CA CYS B 180 22.25 35.20 114.94
C CYS B 180 23.40 34.22 114.64
N ILE B 181 24.49 34.67 114.04
CA ILE B 181 25.71 33.87 113.87
C ILE B 181 26.36 33.56 115.24
N PRO B 182 26.67 34.55 116.11
CA PRO B 182 27.16 34.25 117.47
C PRO B 182 26.15 33.51 118.36
N HIS B 183 24.84 33.81 118.28
CA HIS B 183 23.82 33.08 119.05
C HIS B 183 23.73 31.60 118.64
N LEU B 184 23.98 31.26 117.37
CA LEU B 184 24.17 29.88 116.93
C LEU B 184 25.48 29.32 117.48
N GLN B 185 26.59 30.05 117.38
CA GLN B 185 27.91 29.55 117.76
C GLN B 185 27.99 29.20 119.25
N ILE B 186 27.47 30.02 120.16
CA ILE B 186 27.46 29.72 121.60
C ILE B 186 26.53 28.53 121.93
N ALA B 187 25.45 28.33 121.18
CA ALA B 187 24.60 27.14 121.30
C ALA B 187 25.29 25.88 120.76
N GLN B 188 26.07 26.00 119.68
CA GLN B 188 26.88 24.94 119.11
C GLN B 188 28.03 24.55 120.04
N ASP B 189 28.83 25.50 120.52
CA ASP B 189 30.09 25.22 121.23
C ASP B 189 29.85 24.74 122.67
N THR B 190 28.77 25.17 123.33
CA THR B 190 28.28 24.49 124.55
C THR B 190 27.77 23.08 124.25
N LEU B 191 27.32 22.80 123.01
CA LEU B 191 27.05 21.45 122.51
C LEU B 191 28.27 20.77 121.85
N LEU B 192 29.46 21.37 121.90
CA LEU B 192 30.75 20.85 121.46
C LEU B 192 31.83 21.14 122.55
N SER B 193 31.64 20.53 123.73
CA SER B 193 32.52 20.62 124.90
C SER B 193 32.41 19.42 125.89
N SER B 194 31.60 18.39 125.62
CA SER B 194 31.25 17.31 126.58
C SER B 194 30.49 16.11 125.92
N SER B 195 29.81 15.20 126.64
CA SER B 195 29.15 14.01 126.02
C SER B 195 27.70 13.79 126.48
N GLU B 196 27.45 13.99 127.77
CA GLU B 196 26.15 13.93 128.47
C GLU B 196 25.14 15.02 128.08
N LYS B 197 25.54 15.92 127.16
CA LYS B 197 24.95 17.22 126.80
C LYS B 197 23.55 17.24 126.16
N LYS B 198 22.68 16.27 126.46
CA LYS B 198 21.28 16.15 125.97
C LYS B 198 20.32 17.20 126.60
N ASN B 199 20.78 18.42 126.84
CA ASN B 199 20.09 19.46 127.59
C ASN B 199 18.91 20.09 126.78
N PRO B 200 17.62 19.88 127.16
CA PRO B 200 16.46 20.29 126.36
C PRO B 200 16.24 21.79 126.16
N PHE B 201 17.02 22.66 126.80
CA PHE B 201 17.02 24.09 126.46
C PHE B 201 17.84 24.34 125.19
N VAL B 202 19.16 24.19 125.26
CA VAL B 202 20.06 24.57 124.16
C VAL B 202 19.93 23.67 122.93
N ILE B 203 19.70 22.36 123.08
CA ILE B 203 19.59 21.44 121.93
C ILE B 203 18.31 21.67 121.12
N ARG B 204 17.23 22.05 121.82
CA ARG B 204 15.91 22.35 121.24
C ARG B 204 15.90 23.73 120.56
N LEU B 205 16.74 24.65 121.04
CA LEU B 205 17.04 25.93 120.37
C LEU B 205 17.94 25.73 119.15
N TYR B 206 19.03 24.94 119.24
CA TYR B 206 19.99 24.76 118.14
C TYR B 206 19.31 24.29 116.84
N VAL B 207 18.43 23.29 116.90
CA VAL B 207 17.66 22.83 115.73
C VAL B 207 16.78 23.94 115.13
N GLN B 208 16.18 24.80 115.95
CA GLN B 208 15.29 25.88 115.49
C GLN B 208 16.07 27.01 114.78
N ILE B 209 17.24 27.40 115.29
CA ILE B 209 18.09 28.40 114.62
C ILE B 209 18.71 27.85 113.32
N VAL B 210 18.99 26.55 113.21
CA VAL B 210 19.44 25.91 111.96
C VAL B 210 18.34 25.90 110.89
N ARG B 211 17.08 25.57 111.24
CA ARG B 211 15.95 25.66 110.30
C ARG B 211 15.77 27.08 109.78
N PHE B 212 15.91 28.08 110.66
CA PHE B 212 15.76 29.49 110.32
C PHE B 212 16.77 29.92 109.25
N PHE B 213 18.06 29.57 109.42
CA PHE B 213 19.06 29.78 108.36
C PHE B 213 18.77 28.95 107.10
N SER B 214 18.35 27.69 107.20
CA SER B 214 18.04 26.86 106.02
C SER B 214 17.01 27.52 105.09
N ALA B 215 15.91 28.02 105.66
CA ALA B 215 14.85 28.73 104.93
C ALA B 215 15.33 30.06 104.30
N ILE B 216 16.32 30.73 104.89
CA ILE B 216 16.97 31.92 104.31
C ILE B 216 17.82 31.55 103.09
N MET B 217 18.63 30.49 103.19
CA MET B 217 19.59 30.11 102.13
C MET B 217 18.88 29.51 100.90
N SER B 218 17.94 28.61 101.14
CA SER B 218 17.15 27.93 100.10
C SER B 218 16.27 28.86 99.27
N ASN B 219 15.96 30.07 99.76
CA ASN B 219 15.25 31.09 98.99
C ASN B 219 16.16 31.69 97.90
N PHE B 220 15.90 31.35 96.64
CA PHE B 220 16.74 31.72 95.50
C PHE B 220 16.83 33.25 95.28
N LYS B 221 15.76 34.02 95.57
CA LYS B 221 15.75 35.49 95.39
C LYS B 221 16.77 36.17 96.31
N ILE B 222 17.01 35.63 97.52
CA ILE B 222 18.11 36.05 98.40
C ILE B 222 19.48 35.75 97.78
N VAL B 223 19.62 34.60 97.10
CA VAL B 223 20.88 34.19 96.45
C VAL B 223 21.27 35.16 95.32
N LYS B 224 20.34 35.53 94.40
CA LYS B 224 20.62 36.60 93.41
C LYS B 224 21.01 37.91 94.12
N TRP B 225 20.23 38.34 95.12
CA TRP B 225 20.46 39.61 95.81
C TRP B 225 21.83 39.70 96.51
N LEU B 226 22.33 38.63 97.14
CA LEU B 226 23.62 38.60 97.84
C LEU B 226 24.80 39.02 96.95
N THR B 227 24.70 38.85 95.64
CA THR B 227 25.75 39.20 94.67
C THR B 227 26.06 40.70 94.70
N LYS B 228 25.09 41.53 95.12
CA LYS B 228 25.23 42.98 95.31
C LYS B 228 26.16 43.37 96.47
N ARG B 229 26.53 42.45 97.38
CA ARG B 229 27.42 42.73 98.53
C ARG B 229 28.22 41.50 99.04
N PRO B 230 29.47 41.28 98.53
CA PRO B 230 30.28 40.10 98.82
C PRO B 230 30.91 40.06 100.23
N ASP B 231 30.96 41.21 100.91
CA ASP B 231 31.26 41.32 102.34
C ASP B 231 30.32 40.41 103.16
N LEU B 232 29.02 40.47 102.88
CA LEU B 232 28.00 39.67 103.58
C LEU B 232 28.09 38.19 103.19
N VAL B 233 28.37 37.90 101.92
CA VAL B 233 28.64 36.55 101.42
C VAL B 233 29.75 35.88 102.25
N ASN B 234 30.88 36.57 102.47
CA ASN B 234 32.02 35.98 103.17
C ASN B 234 31.83 35.92 104.70
N LYS B 235 31.05 36.83 105.30
CA LYS B 235 30.61 36.74 106.72
C LYS B 235 29.75 35.49 106.93
N LEU B 236 28.74 35.31 106.07
CA LEU B 236 27.78 34.20 106.08
C LEU B 236 28.45 32.83 105.87
N LYS B 237 29.56 32.80 105.11
CA LYS B 237 30.34 31.60 104.79
C LYS B 237 30.84 30.81 106.01
N VAL B 238 30.87 31.43 107.19
CA VAL B 238 31.27 30.77 108.45
C VAL B 238 30.33 29.62 108.87
N ILE B 239 29.07 29.59 108.42
CA ILE B 239 28.10 28.51 108.75
C ILE B 239 28.69 27.14 108.42
N TYR B 240 29.26 27.01 107.22
CA TYR B 240 29.88 25.79 106.69
C TYR B 240 31.16 25.44 107.45
N ARG B 241 31.97 26.45 107.80
CA ARG B 241 33.24 26.31 108.53
C ARG B 241 33.08 25.67 109.90
N TRP B 242 31.91 25.83 110.52
CA TRP B 242 31.56 25.17 111.79
C TRP B 242 30.74 23.89 111.61
N THR B 243 29.74 23.91 110.73
CA THR B 243 28.89 22.74 110.41
C THR B 243 29.73 21.52 110.03
N THR B 244 30.83 21.72 109.28
CA THR B 244 31.76 20.65 108.90
C THR B 244 32.49 19.98 110.07
N GLY B 245 32.72 20.69 111.18
CA GLY B 245 33.19 20.11 112.45
C GLY B 245 32.06 19.39 113.19
N ALA B 246 30.87 20.02 113.25
CA ALA B 246 29.66 19.56 113.95
C ALA B 246 28.95 18.31 113.36
N LEU B 247 29.68 17.49 112.58
CA LEU B 247 29.25 16.20 112.04
C LEU B 247 30.19 15.05 112.45
N ARG B 248 31.48 15.35 112.66
CA ARG B 248 32.58 14.39 112.83
C ARG B 248 33.36 14.57 114.15
N ASN B 249 32.80 15.34 115.08
CA ASN B 249 33.39 15.64 116.38
C ASN B 249 32.29 15.66 117.47
N GLU B 250 32.68 15.43 118.73
CA GLU B 250 31.78 15.48 119.88
C GLU B 250 30.49 14.64 119.68
N ASN B 251 29.38 15.01 120.33
CA ASN B 251 28.15 14.23 120.38
C ASN B 251 27.07 14.75 119.42
N SER B 252 27.42 14.86 118.14
CA SER B 252 26.48 15.22 117.06
C SER B 252 25.29 14.26 117.04
N ASN B 253 24.14 14.73 117.54
CA ASN B 253 22.95 13.91 117.72
C ASN B 253 22.13 13.75 116.42
N LYS B 254 21.35 12.67 116.30
CA LYS B 254 20.42 12.38 115.18
C LYS B 254 19.64 13.63 114.70
N ILE B 255 19.13 14.47 115.61
CA ILE B 255 18.43 15.72 115.27
C ILE B 255 19.36 16.82 114.74
N ILE B 256 20.53 17.01 115.35
CA ILE B 256 21.57 17.99 114.96
C ILE B 256 22.06 17.67 113.54
N ILE B 257 22.37 16.40 113.27
CA ILE B 257 22.79 15.94 111.94
C ILE B 257 21.67 16.19 110.92
N THR B 258 20.43 15.76 111.19
CA THR B 258 19.31 15.88 110.23
C THR B 258 19.02 17.35 109.88
N ALA B 259 19.07 18.26 110.86
CA ALA B 259 18.93 19.70 110.62
C ALA B 259 20.04 20.26 109.72
N GLN B 260 21.29 19.86 109.94
CA GLN B 260 22.44 20.30 109.13
C GLN B 260 22.44 19.70 107.72
N VAL B 261 22.00 18.45 107.57
CA VAL B 261 21.93 17.76 106.25
C VAL B 261 20.75 18.28 105.42
N SER B 262 19.57 18.47 106.01
CA SER B 262 18.41 19.08 105.31
C SER B 262 18.72 20.51 104.85
N PHE B 263 19.41 21.30 105.67
CA PHE B 263 20.01 22.58 105.27
C PHE B 263 20.91 22.41 104.03
N LEU B 264 21.93 21.56 104.07
CA LEU B 264 22.85 21.36 102.94
C LEU B 264 22.19 20.73 101.70
N ARG B 265 21.05 20.04 101.82
CA ARG B 265 20.27 19.51 100.69
C ARG B 265 19.51 20.62 99.95
N ASP B 266 18.98 21.59 100.68
CA ASP B 266 18.13 22.65 100.15
C ASP B 266 18.85 24.00 99.93
N GLU B 267 20.10 24.12 100.37
CA GLU B 267 20.90 25.36 100.53
C GLU B 267 21.00 26.27 99.31
N LYS B 268 21.28 25.74 98.11
CA LYS B 268 21.51 26.42 96.80
C LYS B 268 22.66 27.46 96.74
N PHE B 269 22.97 28.13 97.85
CA PHE B 269 23.92 29.23 98.01
C PHE B 269 25.30 28.95 97.39
N GLY B 270 25.89 27.77 97.62
CA GLY B 270 27.27 27.48 97.23
C GLY B 270 27.53 27.61 95.74
N THR B 271 26.53 27.35 94.89
CA THR B 271 26.66 27.40 93.42
C THR B 271 27.07 28.75 92.86
N PHE B 272 26.79 29.85 93.57
CA PHE B 272 27.13 31.22 93.16
C PHE B 272 28.11 31.91 94.13
N PHE B 273 28.51 31.26 95.22
CA PHE B 273 29.26 31.90 96.31
C PHE B 273 30.36 31.07 97.01
N LEU B 274 30.46 29.76 96.73
CA LEU B 274 31.53 28.90 97.22
C LEU B 274 32.42 28.43 96.07
N SER B 275 33.74 28.60 96.20
CA SER B 275 34.70 28.04 95.25
C SER B 275 34.70 26.50 95.29
N ASN B 276 35.14 25.86 94.20
CA ASN B 276 35.21 24.39 94.16
C ASN B 276 36.10 23.80 95.26
N GLU B 277 37.14 24.52 95.70
CA GLU B 277 37.98 24.11 96.83
C GLU B 277 37.35 24.44 98.19
N GLU B 278 36.60 25.54 98.33
CA GLU B 278 35.83 25.86 99.54
C GLU B 278 34.76 24.79 99.84
N ILE B 279 34.29 24.08 98.81
CA ILE B 279 33.29 23.01 98.92
C ILE B 279 33.91 21.65 99.32
N LYS B 280 35.19 21.38 99.01
CA LYS B 280 35.84 20.08 99.35
C LYS B 280 35.82 19.75 100.86
N PRO B 281 35.98 20.71 101.80
CA PRO B 281 35.74 20.50 103.23
C PRO B 281 34.34 19.98 103.59
N ILE B 282 33.31 20.26 102.79
CA ILE B 282 31.93 19.77 103.00
C ILE B 282 31.84 18.29 102.59
N ILE B 283 32.25 17.95 101.37
CA ILE B 283 32.26 16.55 100.86
C ILE B 283 33.15 15.65 101.74
N SER B 284 34.24 16.19 102.28
CA SER B 284 35.10 15.56 103.28
C SER B 284 34.32 15.01 104.50
N THR B 285 33.16 15.58 104.87
CA THR B 285 32.32 15.07 105.97
C THR B 285 31.40 13.93 105.57
N PHE B 286 31.14 13.67 104.29
CA PHE B 286 30.10 12.72 103.86
C PHE B 286 30.41 11.28 104.30
N THR B 287 31.71 10.99 104.38
CA THR B 287 32.36 9.77 104.88
C THR B 287 32.46 9.70 106.41
N GLU B 288 32.38 10.82 107.11
CA GLU B 288 32.68 10.94 108.55
C GLU B 288 31.52 11.56 109.33
N ILE B 289 30.67 10.68 109.87
CA ILE B 289 29.49 11.02 110.66
C ILE B 289 29.36 10.06 111.84
N MET B 290 28.91 10.60 112.98
CA MET B 290 28.59 9.83 114.19
C MET B 290 27.50 8.79 113.92
N GLU B 291 27.72 7.56 114.39
CA GLU B 291 26.94 6.41 113.92
C GLU B 291 25.68 6.12 114.76
N ILE B 292 24.52 6.23 114.11
CA ILE B 292 23.25 5.68 114.59
C ILE B 292 22.29 5.48 113.41
N ASN B 293 22.34 4.30 112.80
CA ASN B 293 21.52 3.88 111.64
C ASN B 293 20.00 3.78 111.85
N SER B 294 19.42 4.58 112.76
CA SER B 294 17.98 4.87 112.80
C SER B 294 17.55 5.45 111.43
N HIS B 295 16.61 4.79 110.74
CA HIS B 295 16.43 4.88 109.28
C HIS B 295 16.30 6.29 108.69
N ASN B 296 15.70 7.20 109.45
CA ASN B 296 15.59 8.64 109.19
C ASN B 296 16.91 9.26 108.71
N LEU B 297 18.02 8.85 109.33
CA LEU B 297 19.33 9.50 109.16
C LEU B 297 20.04 9.08 107.86
N ILE B 298 19.94 7.81 107.46
CA ILE B 298 20.51 7.34 106.18
C ILE B 298 19.71 7.91 105.01
N TYR B 299 18.39 8.00 105.16
CA TYR B 299 17.46 8.50 104.14
C TYR B 299 17.81 9.95 103.75
N GLU B 300 17.98 10.84 104.73
CA GLU B 300 18.43 12.23 104.50
C GLU B 300 19.87 12.28 103.95
N LYS B 301 20.80 11.47 104.50
CA LYS B 301 22.21 11.39 104.04
C LYS B 301 22.34 11.05 102.56
N LEU B 302 21.56 10.10 102.04
CA LEU B 302 21.63 9.70 100.63
C LEU B 302 20.97 10.74 99.71
N LEU B 303 19.92 11.44 100.16
CA LEU B 303 19.29 12.53 99.42
C LEU B 303 20.21 13.75 99.25
N LEU B 304 21.11 14.02 100.21
CA LEU B 304 22.13 15.08 100.07
C LEU B 304 23.01 14.86 98.83
N ILE B 305 23.39 13.60 98.57
CA ILE B 305 24.31 13.22 97.49
C ILE B 305 23.70 13.53 96.11
N ARG B 306 22.37 13.39 95.97
CA ARG B 306 21.61 13.75 94.76
C ARG B 306 21.72 15.24 94.45
N GLY B 307 21.41 16.08 95.43
CA GLY B 307 21.53 17.54 95.31
C GLY B 307 22.95 17.94 94.92
N PHE B 308 23.95 17.41 95.62
CA PHE B 308 25.35 17.68 95.35
C PHE B 308 25.82 17.19 93.97
N LEU B 309 25.31 16.07 93.43
CA LEU B 309 25.67 15.64 92.07
C LEU B 309 25.07 16.55 90.99
N SER B 310 23.82 16.97 91.13
CA SER B 310 23.18 17.81 90.11
C SER B 310 23.58 19.30 90.20
N LYS B 311 24.06 19.76 91.38
CA LYS B 311 24.53 21.15 91.61
C LYS B 311 26.05 21.31 91.67
N TYR B 312 26.81 20.25 91.97
CA TYR B 312 28.28 20.26 92.10
C TYR B 312 28.98 19.07 91.38
N PRO B 313 28.64 18.73 90.12
CA PRO B 313 29.04 17.47 89.47
C PRO B 313 30.57 17.28 89.38
N LYS B 314 31.29 18.27 88.82
CA LYS B 314 32.76 18.24 88.63
C LYS B 314 33.51 17.96 89.94
N LEU B 315 32.97 18.47 91.05
CA LEU B 315 33.48 18.40 92.41
C LEU B 315 33.23 17.01 93.01
N MET B 316 32.01 16.49 92.82
CA MET B 316 31.62 15.15 93.25
C MET B 316 32.41 14.04 92.54
N ILE B 317 32.67 14.19 91.24
CA ILE B 317 33.40 13.17 90.44
C ILE B 317 34.87 13.08 90.84
N GLU B 318 35.54 14.23 91.01
CA GLU B 318 36.95 14.32 91.45
C GLU B 318 37.22 13.67 92.83
N THR B 319 36.15 13.42 93.59
CA THR B 319 36.16 12.93 94.98
C THR B 319 35.44 11.58 95.18
N VAL B 320 34.93 10.96 94.10
CA VAL B 320 34.02 9.79 94.17
C VAL B 320 34.58 8.61 94.98
N THR B 321 35.90 8.44 94.94
CA THR B 321 36.68 7.42 95.68
C THR B 321 36.55 7.50 97.20
N SER B 322 35.95 8.57 97.74
CA SER B 322 35.66 8.74 99.16
C SER B 322 34.21 8.37 99.49
N TRP B 323 33.23 9.16 99.04
CA TRP B 323 31.86 9.09 99.51
C TRP B 323 31.08 7.88 98.97
N LEU B 324 31.37 7.44 97.74
CA LEU B 324 30.73 6.25 97.16
C LEU B 324 31.13 4.98 97.92
N PRO B 325 32.42 4.53 97.96
CA PRO B 325 32.80 3.30 98.65
C PRO B 325 32.67 3.40 100.18
N GLY B 326 32.80 4.60 100.77
CA GLY B 326 32.80 4.78 102.22
C GLY B 326 31.44 4.64 102.88
N GLU B 327 30.35 5.09 102.24
CA GLU B 327 29.05 5.33 102.90
C GLU B 327 27.80 5.07 102.04
N VAL B 328 27.92 5.02 100.70
CA VAL B 328 26.80 4.72 99.78
C VAL B 328 26.81 3.25 99.35
N LEU B 329 27.92 2.79 98.79
CA LEU B 329 28.13 1.43 98.27
C LEU B 329 27.91 0.32 99.31
N PRO B 330 28.35 0.41 100.58
CA PRO B 330 28.07 -0.63 101.59
C PRO B 330 26.57 -0.82 101.90
N ARG B 331 25.73 0.21 101.69
CA ARG B 331 24.31 0.19 102.07
C ARG B 331 23.53 -0.92 101.36
N ILE B 332 23.83 -1.18 100.09
CA ILE B 332 23.18 -2.22 99.29
C ILE B 332 23.74 -3.61 99.61
N ILE B 333 25.06 -3.68 99.85
CA ILE B 333 25.79 -4.94 99.98
C ILE B 333 25.39 -5.70 101.25
N ILE B 334 25.19 -4.98 102.36
CA ILE B 334 24.74 -5.53 103.65
C ILE B 334 23.36 -6.21 103.52
N GLY B 335 22.54 -5.74 102.58
CA GLY B 335 21.23 -6.31 102.24
C GLY B 335 20.05 -5.61 102.93
N ASP B 336 18.85 -6.06 102.55
CA ASP B 336 17.55 -5.51 102.98
C ASP B 336 17.33 -5.53 104.50
N GLU B 337 17.82 -6.58 105.16
CA GLU B 337 17.53 -6.97 106.54
C GLU B 337 17.97 -5.94 107.59
N ILE B 338 19.12 -5.30 107.38
CA ILE B 338 19.76 -4.39 108.36
C ILE B 338 19.28 -2.93 108.17
N TYR B 339 18.30 -2.72 107.28
CA TYR B 339 17.88 -1.42 106.77
C TYR B 339 16.35 -1.38 106.51
N SER B 340 15.96 -0.83 105.36
CA SER B 340 14.60 -0.74 104.83
C SER B 340 14.73 -0.60 103.32
N MET B 341 13.80 -1.15 102.54
CA MET B 341 13.87 -1.13 101.07
C MET B 341 14.01 0.29 100.49
N LYS B 342 13.45 1.31 101.16
CA LYS B 342 13.67 2.73 100.82
C LYS B 342 15.15 3.12 100.74
N ILE B 343 15.97 2.62 101.67
CA ILE B 343 17.40 2.91 101.77
C ILE B 343 18.15 2.31 100.57
N LEU B 344 17.82 1.05 100.25
CA LEU B 344 18.38 0.30 99.12
C LEU B 344 18.06 0.99 97.79
N ILE B 345 16.77 1.31 97.56
CA ILE B 345 16.32 1.99 96.32
C ILE B 345 17.01 3.35 96.18
N THR B 346 17.07 4.16 97.25
CA THR B 346 17.65 5.50 97.21
C THR B 346 19.14 5.45 96.83
N SER B 347 19.90 4.51 97.39
CA SER B 347 21.32 4.33 97.05
C SER B 347 21.53 3.84 95.60
N ILE B 348 20.58 3.09 95.00
CA ILE B 348 20.61 2.76 93.56
C ILE B 348 20.39 4.00 92.69
N VAL B 349 19.50 4.93 93.08
CA VAL B 349 19.24 6.18 92.33
C VAL B 349 20.52 7.04 92.20
N VAL B 350 21.33 7.13 93.26
CA VAL B 350 22.59 7.89 93.26
C VAL B 350 23.56 7.42 92.16
N LEU B 351 23.56 6.13 91.81
CA LEU B 351 24.40 5.54 90.77
C LEU B 351 24.01 6.08 89.38
N LEU B 352 22.69 6.17 89.13
CA LEU B 352 22.09 6.63 87.89
C LEU B 352 22.29 8.15 87.70
N GLU B 353 22.28 8.91 88.80
CA GLU B 353 22.53 10.36 88.79
C GLU B 353 23.98 10.68 88.44
N LEU B 354 24.94 9.95 89.03
CA LEU B 354 26.34 10.04 88.64
C LEU B 354 26.52 9.65 87.17
N LEU B 355 25.83 8.60 86.69
CA LEU B 355 25.90 8.16 85.30
C LEU B 355 25.41 9.24 84.31
N LYS B 356 24.35 9.98 84.64
CA LYS B 356 23.87 11.16 83.88
C LYS B 356 24.71 12.46 84.10
N LYS B 357 25.88 12.36 84.75
CA LYS B 357 26.78 13.50 85.02
C LYS B 357 28.29 13.19 84.85
N CYS B 358 28.68 11.95 84.62
CA CYS B 358 30.08 11.49 84.61
C CYS B 358 30.60 11.11 83.21
N LEU B 359 29.73 10.66 82.30
CA LEU B 359 30.13 10.36 80.90
C LEU B 359 30.48 11.65 80.14
N ASP B 360 30.01 12.78 80.67
CA ASP B 360 30.35 14.16 80.39
C ASP B 360 31.86 14.44 80.61
N PHE B 361 32.51 13.66 81.48
CA PHE B 361 33.94 13.77 81.85
C PHE B 361 34.74 12.46 81.63
N VAL B 362 34.11 11.37 81.19
CA VAL B 362 34.71 10.04 80.89
C VAL B 362 35.33 9.29 82.08
N ASP B 363 35.60 9.97 83.20
CA ASP B 363 36.52 9.52 84.27
C ASP B 363 37.85 8.99 83.71
N GLU B 364 38.62 9.86 83.04
CA GLU B 364 40.00 9.59 82.64
C GLU B 364 40.92 9.22 83.82
N HIS B 365 40.54 9.52 85.08
CA HIS B 365 41.27 9.07 86.28
C HIS B 365 41.07 7.57 86.57
N GLU B 366 40.13 6.91 85.89
CA GLU B 366 39.77 5.49 86.00
C GLU B 366 39.45 4.99 87.43
N ARG B 367 38.88 5.86 88.27
CA ARG B 367 38.54 5.61 89.69
C ARG B 367 37.68 4.38 89.85
N ILE B 368 36.78 4.20 88.90
CA ILE B 368 35.76 3.16 88.84
C ILE B 368 36.35 1.76 88.92
N TYR B 369 37.18 1.37 87.96
CA TYR B 369 37.75 0.02 87.94
C TYR B 369 38.73 -0.15 89.11
N GLN B 370 39.50 0.91 89.42
CA GLN B 370 40.49 0.92 90.49
C GLN B 370 39.87 0.57 91.86
N CYS B 371 38.87 1.31 92.31
CA CYS B 371 38.29 1.19 93.67
C CYS B 371 37.22 0.09 93.83
N ILE B 372 36.93 -0.70 92.78
CA ILE B 372 35.79 -1.65 92.75
C ILE B 372 36.15 -3.04 92.21
N MET B 373 36.95 -3.14 91.15
CA MET B 373 37.22 -4.41 90.46
C MET B 373 38.70 -4.82 90.49
N LEU B 374 39.60 -3.87 90.74
CA LEU B 374 40.99 -4.11 91.14
C LEU B 374 41.10 -4.21 92.67
N SER B 375 40.65 -3.18 93.40
CA SER B 375 40.83 -3.11 94.86
C SER B 375 39.95 -4.10 95.66
N PRO B 376 40.51 -4.78 96.67
CA PRO B 376 39.75 -5.60 97.64
C PRO B 376 38.96 -4.77 98.67
N VAL B 377 38.22 -5.46 99.56
CA VAL B 377 37.33 -4.84 100.56
C VAL B 377 38.07 -3.91 101.51
N CYS B 378 39.06 -4.41 102.23
CA CYS B 378 39.83 -3.68 103.24
C CYS B 378 40.61 -2.47 102.68
N GLU B 379 40.80 -2.41 101.36
CA GLU B 379 41.51 -1.32 100.70
C GLU B 379 40.63 -0.08 100.47
N THR B 380 39.30 -0.23 100.34
CA THR B 380 38.36 0.90 100.08
C THR B 380 37.14 0.99 101.01
N ILE B 381 36.67 -0.11 101.59
CA ILE B 381 35.53 -0.14 102.53
C ILE B 381 36.03 0.07 103.96
N PRO B 382 35.51 1.06 104.72
CA PRO B 382 35.81 1.23 106.14
C PRO B 382 35.23 0.10 107.01
N GLU B 383 35.94 -0.25 108.09
CA GLU B 383 35.52 -1.26 109.08
C GLU B 383 34.13 -0.95 109.67
N LYS B 384 33.78 0.34 109.76
CA LYS B 384 32.46 0.89 110.17
C LYS B 384 31.26 0.16 109.51
N PHE B 385 31.41 -0.37 108.31
CA PHE B 385 30.38 -1.15 107.60
C PHE B 385 30.71 -2.63 107.45
N LEU B 386 31.99 -3.01 107.49
CA LEU B 386 32.46 -4.38 107.33
C LEU B 386 32.15 -5.25 108.56
N SER B 387 32.10 -4.69 109.77
CA SER B 387 31.73 -5.46 110.98
C SER B 387 30.29 -5.99 110.97
N LYS B 388 29.35 -5.19 110.45
CA LYS B 388 27.92 -5.51 110.26
C LYS B 388 27.66 -6.34 109.00
N LEU B 389 28.68 -6.67 108.20
CA LEU B 389 28.53 -7.31 106.90
C LEU B 389 28.30 -8.83 107.00
N PRO B 390 27.23 -9.40 106.44
CA PRO B 390 27.09 -10.85 106.29
C PRO B 390 28.06 -11.39 105.21
N LEU B 391 29.16 -12.01 105.64
CA LEU B 391 30.21 -12.62 104.81
C LEU B 391 29.78 -14.04 104.29
N ASN B 392 30.68 -15.02 104.27
CA ASN B 392 30.33 -16.44 104.10
C ASN B 392 31.44 -17.35 104.67
N SER B 393 32.53 -17.51 103.93
CA SER B 393 33.44 -18.66 104.06
C SER B 393 34.90 -18.21 104.13
N TYR B 394 35.80 -18.79 103.33
CA TYR B 394 37.20 -18.37 103.21
C TYR B 394 37.31 -16.87 102.83
N ASP B 395 36.32 -16.31 102.12
CA ASP B 395 36.16 -14.89 101.83
C ASP B 395 36.15 -14.00 103.10
N SER B 396 35.74 -14.52 104.25
CA SER B 396 35.78 -13.83 105.55
C SER B 396 37.22 -13.68 106.08
N ALA B 397 38.10 -14.64 105.77
CA ALA B 397 39.53 -14.60 106.09
C ALA B 397 40.38 -13.94 104.98
N ASN B 398 39.90 -13.94 103.73
CA ASN B 398 40.59 -13.42 102.54
C ASN B 398 39.90 -12.19 101.92
N LEU B 399 39.64 -11.19 102.77
CA LEU B 399 39.13 -9.87 102.41
C LEU B 399 40.11 -9.09 101.49
N ASP B 400 41.39 -9.50 101.50
CA ASP B 400 42.48 -9.10 100.62
C ASP B 400 42.33 -9.60 99.16
N LYS B 401 41.45 -10.58 98.90
CA LYS B 401 41.22 -11.13 97.56
C LYS B 401 39.85 -10.81 96.97
N VAL B 402 38.85 -10.58 97.81
CA VAL B 402 37.47 -10.25 97.39
C VAL B 402 37.40 -8.81 96.86
N THR B 403 37.43 -8.66 95.54
CA THR B 403 37.13 -7.37 94.88
C THR B 403 35.64 -7.05 95.00
N ILE B 404 35.31 -5.76 95.11
CA ILE B 404 33.94 -5.28 95.39
C ILE B 404 32.94 -5.78 94.33
N GLY B 405 33.37 -5.90 93.07
CA GLY B 405 32.57 -6.49 91.97
C GLY B 405 32.03 -7.90 92.26
N HIS B 406 32.78 -8.76 92.98
CA HIS B 406 32.36 -10.13 93.33
C HIS B 406 31.17 -10.13 94.30
N LEU B 407 31.30 -9.39 95.40
CA LEU B 407 30.25 -9.30 96.43
C LEU B 407 28.99 -8.57 95.91
N LEU B 408 29.14 -7.58 95.04
CA LEU B 408 28.03 -6.92 94.34
C LEU B 408 27.28 -7.93 93.46
N THR B 409 28.02 -8.68 92.65
CA THR B 409 27.47 -9.72 91.75
C THR B 409 26.70 -10.78 92.53
N GLN B 410 27.19 -11.17 93.72
CA GLN B 410 26.50 -12.12 94.59
C GLN B 410 25.17 -11.56 95.08
N GLN B 411 25.13 -10.31 95.56
CA GLN B 411 23.93 -9.69 96.12
C GLN B 411 22.84 -9.49 95.05
N ILE B 412 23.23 -9.12 93.82
CA ILE B 412 22.29 -9.02 92.68
C ILE B 412 21.67 -10.40 92.37
N LYS B 413 22.44 -11.48 92.54
CA LYS B 413 22.00 -12.86 92.33
C LYS B 413 20.82 -13.24 93.24
N ASN B 414 20.80 -12.79 94.51
CA ASN B 414 19.66 -13.09 95.39
C ASN B 414 18.37 -12.38 94.98
N TYR B 415 18.38 -11.15 94.46
CA TYR B 415 17.15 -10.44 94.09
C TYR B 415 16.28 -11.26 93.11
N ILE B 416 16.89 -11.83 92.07
CA ILE B 416 16.20 -12.60 91.02
C ILE B 416 15.79 -14.00 91.50
N VAL B 417 16.66 -14.64 92.28
CA VAL B 417 16.54 -16.06 92.68
C VAL B 417 15.72 -16.25 93.97
N VAL B 418 15.59 -15.21 94.80
CA VAL B 418 14.93 -15.24 96.12
C VAL B 418 13.69 -14.34 96.19
N LYS B 419 13.85 -13.04 95.92
CA LYS B 419 12.82 -12.01 96.14
C LYS B 419 11.88 -11.83 94.94
N ASN B 420 12.38 -12.16 93.75
CA ASN B 420 11.83 -11.82 92.44
C ASN B 420 11.94 -10.31 92.05
N ASP B 421 12.81 -9.54 92.71
CA ASP B 421 13.05 -8.09 92.50
C ASP B 421 13.83 -7.77 91.20
N ASN B 422 13.38 -8.32 90.07
CA ASN B 422 14.12 -8.33 88.80
C ASN B 422 14.47 -6.94 88.26
N LYS B 423 13.62 -5.93 88.48
CA LYS B 423 13.88 -4.54 88.07
C LYS B 423 15.03 -3.92 88.85
N ILE B 424 15.03 -4.08 90.18
CA ILE B 424 16.06 -3.54 91.10
C ILE B 424 17.43 -4.14 90.74
N ALA B 425 17.46 -5.45 90.49
CA ALA B 425 18.67 -6.16 90.08
C ALA B 425 19.29 -5.61 88.79
N MET B 426 18.45 -5.37 87.76
CA MET B 426 18.90 -4.97 86.42
C MET B 426 19.18 -3.46 86.29
N ASP B 427 18.35 -2.59 86.88
CA ASP B 427 18.59 -1.14 86.92
C ASP B 427 19.90 -0.80 87.67
N LEU B 428 20.19 -1.54 88.76
CA LEU B 428 21.49 -1.50 89.44
C LEU B 428 22.60 -1.95 88.49
N TRP B 429 22.52 -3.20 87.98
CA TRP B 429 23.53 -3.83 87.13
C TRP B 429 23.96 -2.94 85.96
N LEU B 430 22.98 -2.31 85.30
CA LEU B 430 23.14 -1.32 84.23
C LEU B 430 24.15 -0.23 84.59
N SER B 431 23.94 0.39 85.76
CA SER B 431 24.61 1.64 86.12
C SER B 431 26.10 1.42 86.33
N MET B 432 26.45 0.25 86.89
CA MET B 432 27.83 -0.14 87.15
C MET B 432 28.57 -0.45 85.84
N THR B 433 27.97 -1.23 84.92
CA THR B 433 28.66 -1.65 83.70
C THR B 433 29.04 -0.47 82.81
N GLY B 434 28.17 0.56 82.75
CA GLY B 434 28.45 1.79 82.01
C GLY B 434 29.59 2.60 82.63
N LEU B 435 29.46 2.96 83.91
CA LEU B 435 30.48 3.72 84.63
C LEU B 435 31.84 3.00 84.61
N LEU B 436 31.88 1.68 84.83
CA LEU B 436 33.11 0.90 84.89
C LEU B 436 33.94 0.91 83.60
N TYR B 437 33.29 0.95 82.43
CA TYR B 437 33.91 0.65 81.15
C TYR B 437 33.86 1.79 80.11
N ASP B 438 33.40 3.00 80.47
CA ASP B 438 33.43 4.18 79.58
C ASP B 438 34.88 4.59 79.22
N SER B 439 35.84 4.29 80.10
CA SER B 439 37.27 4.42 79.87
C SER B 439 37.66 3.72 78.56
N GLY B 440 38.25 4.45 77.60
CA GLY B 440 38.48 3.98 76.22
C GLY B 440 39.44 2.78 76.02
N LYS B 441 39.86 2.14 77.12
CA LYS B 441 40.57 0.85 77.15
C LYS B 441 39.79 -0.27 77.86
N ARG B 442 38.85 0.06 78.77
CA ARG B 442 38.07 -0.90 79.59
C ARG B 442 36.87 -1.51 78.87
N VAL B 443 36.43 -0.92 77.76
CA VAL B 443 35.35 -1.46 76.91
C VAL B 443 35.61 -2.92 76.53
N TYR B 444 36.87 -3.30 76.32
CA TYR B 444 37.29 -4.65 75.93
C TYR B 444 37.14 -5.69 77.05
N ASP B 445 37.07 -5.28 78.32
CA ASP B 445 36.95 -6.17 79.49
C ASP B 445 35.64 -6.98 79.50
N LEU B 446 34.61 -6.52 78.76
CA LEU B 446 33.36 -7.25 78.45
C LEU B 446 33.60 -8.65 77.83
N THR B 447 34.75 -8.86 77.19
CA THR B 447 35.11 -10.14 76.57
C THR B 447 35.61 -11.20 77.56
N SER B 448 36.01 -10.79 78.78
CA SER B 448 36.72 -11.65 79.72
C SER B 448 35.80 -12.62 80.49
N GLU B 449 36.23 -13.86 80.69
CA GLU B 449 35.41 -14.91 81.32
C GLU B 449 35.01 -14.59 82.77
N SER B 450 35.90 -13.93 83.52
CA SER B 450 35.64 -13.39 84.87
C SER B 450 34.53 -12.33 84.90
N ASN B 451 34.16 -11.78 83.74
CA ASN B 451 33.22 -10.69 83.57
C ASN B 451 31.92 -11.16 82.87
N LYS B 452 31.95 -12.28 82.14
CA LYS B 452 30.77 -12.90 81.53
C LYS B 452 29.70 -13.35 82.52
N VAL B 453 30.06 -13.52 83.80
CA VAL B 453 29.10 -13.71 84.91
C VAL B 453 28.00 -12.63 84.95
N TRP B 454 28.25 -11.44 84.38
CA TRP B 454 27.27 -10.36 84.22
C TRP B 454 26.21 -10.69 83.14
N PHE B 455 26.58 -11.41 82.07
CA PHE B 455 25.66 -11.91 81.04
C PHE B 455 24.86 -13.11 81.57
N ASP B 456 25.52 -14.05 82.27
CA ASP B 456 24.85 -15.19 82.91
C ASP B 456 23.75 -14.72 83.88
N LEU B 457 24.05 -13.65 84.62
CA LEU B 457 23.15 -12.94 85.51
C LEU B 457 21.96 -12.31 84.77
N ASN B 458 22.18 -11.68 83.60
CA ASN B 458 21.10 -11.20 82.73
C ASN B 458 20.21 -12.35 82.23
N ASN B 459 20.81 -13.50 81.91
CA ASN B 459 20.08 -14.70 81.48
C ASN B 459 19.09 -15.20 82.55
N LEU B 460 19.27 -14.88 83.84
CA LEU B 460 18.33 -15.25 84.91
C LEU B 460 17.00 -14.49 84.83
N CYS B 461 17.07 -13.20 84.49
CA CYS B 461 15.91 -12.35 84.21
C CYS B 461 15.23 -12.76 82.90
N PHE B 462 15.97 -13.36 81.96
CA PHE B 462 15.41 -13.85 80.71
C PHE B 462 14.44 -15.05 80.93
N ILE B 463 14.79 -16.00 81.81
CA ILE B 463 13.92 -17.13 82.20
C ILE B 463 12.82 -16.70 83.22
N ASN B 464 12.79 -15.43 83.65
CA ASN B 464 11.68 -14.89 84.45
C ASN B 464 10.38 -14.78 83.65
N ASN B 465 10.46 -14.80 82.32
CA ASN B 465 9.39 -14.86 81.33
C ASN B 465 8.32 -13.76 81.30
N HIS B 466 7.98 -13.10 82.41
CA HIS B 466 7.01 -11.99 82.44
C HIS B 466 7.37 -10.90 81.42
N PRO B 467 6.45 -10.40 80.57
CA PRO B 467 6.77 -9.44 79.51
C PRO B 467 7.53 -8.19 79.98
N LYS B 468 7.18 -7.64 81.16
CA LYS B 468 7.86 -6.46 81.74
C LYS B 468 9.28 -6.79 82.23
N THR B 469 9.60 -8.07 82.48
CA THR B 469 10.97 -8.54 82.80
C THR B 469 11.74 -8.99 81.56
N ARG B 470 11.18 -9.85 80.69
CA ARG B 470 11.88 -10.41 79.52
C ARG B 470 12.35 -9.30 78.58
N LEU B 471 11.45 -8.39 78.22
CA LEU B 471 11.77 -7.20 77.41
C LEU B 471 12.84 -6.35 78.10
N MET B 472 12.73 -6.16 79.42
CA MET B 472 13.64 -5.33 80.21
C MET B 472 15.08 -5.88 80.21
N SER B 473 15.26 -7.20 80.33
CA SER B 473 16.59 -7.86 80.24
C SER B 473 17.26 -7.73 78.85
N ILE B 474 16.57 -7.17 77.84
CA ILE B 474 17.18 -6.70 76.58
C ILE B 474 17.25 -5.16 76.54
N LYS B 475 16.25 -4.46 77.08
CA LYS B 475 16.18 -2.99 77.19
C LYS B 475 17.42 -2.39 77.88
N VAL B 476 18.07 -3.13 78.78
CA VAL B 476 19.35 -2.77 79.42
C VAL B 476 20.55 -2.69 78.47
N TRP B 477 20.56 -3.43 77.36
CA TRP B 477 21.72 -3.55 76.47
C TRP B 477 22.11 -2.25 75.75
N ARG B 478 21.27 -1.21 75.84
CA ARG B 478 21.55 0.16 75.41
C ARG B 478 22.94 0.67 75.85
N ILE B 479 23.43 0.27 77.03
CA ILE B 479 24.75 0.68 77.51
C ILE B 479 25.89 -0.06 76.82
N ILE B 480 25.66 -1.34 76.49
CA ILE B 480 26.62 -2.24 75.86
C ILE B 480 26.90 -1.74 74.44
N THR B 481 25.86 -1.30 73.73
CA THR B 481 25.98 -0.53 72.48
C THR B 481 26.77 0.76 72.65
N TYR B 482 26.45 1.59 73.64
CA TYR B 482 27.10 2.88 73.81
C TYR B 482 28.61 2.74 74.10
N CYS B 483 29.03 1.83 74.98
CA CYS B 483 30.45 1.60 75.25
C CYS B 483 31.18 1.07 74.01
N ILE B 484 30.67 -0.01 73.39
CA ILE B 484 31.28 -0.68 72.22
C ILE B 484 31.32 0.20 70.96
N CYS B 485 30.41 1.18 70.83
CA CYS B 485 30.26 1.98 69.61
C CYS B 485 30.60 3.48 69.78
N THR B 486 31.07 3.93 70.95
CA THR B 486 31.57 5.32 71.15
C THR B 486 32.99 5.42 71.70
N LYS B 487 33.42 4.52 72.59
CA LYS B 487 34.75 4.58 73.26
C LYS B 487 35.73 3.50 72.75
N ILE B 488 35.46 3.00 71.53
CA ILE B 488 36.19 1.93 70.85
C ILE B 488 37.47 2.45 70.18
N SER B 489 38.48 1.60 70.02
CA SER B 489 39.71 1.94 69.31
C SER B 489 40.04 0.87 68.25
N GLN B 490 39.91 1.23 66.97
CA GLN B 490 39.99 0.30 65.82
C GLN B 490 41.19 -0.67 65.87
N LYS B 491 42.34 -0.18 66.35
CA LYS B 491 43.61 -0.87 66.64
C LYS B 491 43.45 -2.33 67.08
N ASN B 492 42.64 -2.62 68.11
CA ASN B 492 42.42 -3.98 68.60
C ASN B 492 41.36 -4.71 67.75
N GLN B 493 41.77 -5.15 66.55
CA GLN B 493 40.86 -5.68 65.52
C GLN B 493 39.99 -6.85 66.02
N GLU B 494 40.61 -7.86 66.62
CA GLU B 494 39.92 -9.06 67.16
C GLU B 494 39.16 -8.76 68.46
N GLY B 495 39.63 -7.80 69.28
CA GLY B 495 38.89 -7.28 70.42
C GLY B 495 37.57 -6.65 69.98
N ASN B 496 37.58 -5.77 68.98
CA ASN B 496 36.36 -5.18 68.41
C ASN B 496 35.43 -6.29 67.93
N LYS B 497 35.91 -7.20 67.06
CA LYS B 497 35.16 -8.34 66.53
C LYS B 497 34.50 -9.18 67.63
N SER B 498 35.18 -9.41 68.75
CA SER B 498 34.67 -10.18 69.89
C SER B 498 33.52 -9.46 70.59
N LEU B 499 33.66 -8.16 70.83
CA LEU B 499 32.61 -7.29 71.38
C LEU B 499 31.37 -7.28 70.46
N LEU B 500 31.57 -7.10 69.15
CA LEU B 500 30.48 -7.09 68.15
C LEU B 500 29.76 -8.44 68.06
N SER B 501 30.44 -9.55 68.36
CA SER B 501 29.84 -10.88 68.42
C SER B 501 28.98 -11.05 69.68
N LEU B 502 29.51 -10.68 70.85
CA LEU B 502 28.76 -10.67 72.12
C LEU B 502 27.52 -9.77 72.03
N LEU B 503 27.61 -8.63 71.33
CA LEU B 503 26.51 -7.66 71.19
C LEU B 503 25.25 -8.24 70.50
N ARG B 504 25.37 -9.36 69.77
CA ARG B 504 24.28 -10.12 69.13
C ARG B 504 23.59 -11.13 70.07
N THR B 505 24.09 -11.31 71.29
CA THR B 505 23.56 -12.29 72.27
C THR B 505 22.06 -12.15 72.57
N PRO B 506 21.44 -10.95 72.64
CA PRO B 506 19.99 -10.82 72.76
C PRO B 506 19.20 -11.55 71.66
N PHE B 507 19.73 -11.60 70.44
CA PHE B 507 19.09 -12.30 69.32
C PHE B 507 19.22 -13.81 69.51
N GLN B 508 20.35 -14.29 70.06
CA GLN B 508 20.53 -15.68 70.44
C GLN B 508 19.56 -16.13 71.54
N MET B 509 19.33 -15.28 72.55
CA MET B 509 18.35 -15.52 73.62
C MET B 509 16.91 -15.54 73.08
N THR B 510 16.55 -14.58 72.22
CA THR B 510 15.17 -14.42 71.70
C THR B 510 14.81 -15.33 70.53
N LEU B 511 15.78 -15.92 69.83
CA LEU B 511 15.56 -16.80 68.66
C LEU B 511 14.47 -17.88 68.85
N PRO B 512 14.48 -18.73 69.91
CA PRO B 512 13.38 -19.69 70.16
C PRO B 512 12.07 -19.02 70.62
N TYR B 513 12.15 -17.83 71.21
CA TYR B 513 11.02 -17.10 71.79
C TYR B 513 10.35 -16.15 70.79
N VAL B 514 10.67 -16.19 69.49
CA VAL B 514 10.08 -15.33 68.44
C VAL B 514 8.54 -15.36 68.41
N ASN B 515 7.95 -16.43 68.93
CA ASN B 515 6.52 -16.60 69.17
C ASN B 515 5.93 -15.50 70.08
N ASP B 516 6.66 -15.04 71.09
CA ASP B 516 6.20 -14.08 72.10
C ASP B 516 6.20 -12.61 71.58
N PRO B 517 5.18 -11.78 71.87
CA PRO B 517 5.15 -10.38 71.44
C PRO B 517 6.31 -9.54 71.97
N SER B 518 6.68 -9.70 73.26
CA SER B 518 7.70 -8.91 73.94
C SER B 518 9.12 -9.29 73.48
N ALA B 519 9.34 -10.57 73.14
CA ALA B 519 10.61 -11.05 72.61
C ALA B 519 10.96 -10.43 71.26
N ARG B 520 9.96 -10.27 70.38
CA ARG B 520 10.11 -9.60 69.07
C ARG B 520 10.48 -8.13 69.21
N GLU B 521 9.87 -7.43 70.17
CA GLU B 521 10.05 -5.99 70.36
C GLU B 521 11.44 -5.60 70.88
N GLY B 522 12.04 -6.46 71.75
CA GLY B 522 13.39 -6.25 72.29
C GLY B 522 14.48 -6.24 71.21
N ILE B 523 14.32 -7.05 70.14
CA ILE B 523 15.21 -7.07 68.97
C ILE B 523 15.24 -5.69 68.31
N ILE B 524 14.07 -5.08 68.10
CA ILE B 524 13.92 -3.77 67.45
C ILE B 524 14.52 -2.66 68.32
N TYR B 525 14.16 -2.60 69.60
CA TYR B 525 14.63 -1.58 70.54
C TYR B 525 16.15 -1.56 70.65
N HIS B 526 16.77 -2.74 70.76
CA HIS B 526 18.23 -2.92 70.77
C HIS B 526 18.83 -2.41 69.46
N LEU B 527 18.36 -2.92 68.33
CA LEU B 527 18.95 -2.67 67.02
C LEU B 527 18.91 -1.19 66.60
N LEU B 528 17.81 -0.48 66.93
CA LEU B 528 17.69 0.97 66.76
C LEU B 528 18.82 1.70 67.48
N GLY B 529 19.13 1.30 68.72
CA GLY B 529 20.25 1.86 69.49
C GLY B 529 21.61 1.57 68.87
N VAL B 530 21.84 0.35 68.33
CA VAL B 530 23.09 -0.02 67.64
C VAL B 530 23.32 0.91 66.45
N VAL B 531 22.33 0.99 65.56
CA VAL B 531 22.39 1.74 64.29
C VAL B 531 22.59 3.22 64.54
N TYR B 532 21.77 3.80 65.41
CA TYR B 532 21.85 5.20 65.80
C TYR B 532 23.24 5.55 66.33
N THR B 533 23.79 4.72 67.22
CA THR B 533 25.04 5.07 67.91
C THR B 533 26.27 4.89 67.02
N ALA B 534 26.31 3.86 66.17
CA ALA B 534 27.43 3.58 65.27
C ALA B 534 27.52 4.50 64.04
N PHE B 535 26.39 5.06 63.57
CA PHE B 535 26.29 5.79 62.30
C PHE B 535 25.67 7.19 62.37
N THR B 536 24.62 7.39 63.17
CA THR B 536 23.91 8.69 63.25
C THR B 536 24.61 9.64 64.22
N SER B 537 24.90 9.19 65.44
CA SER B 537 25.49 10.01 66.51
C SER B 537 27.02 9.92 66.57
N ASN B 538 27.63 8.84 66.08
CA ASN B 538 29.04 8.81 65.74
C ASN B 538 29.35 9.76 64.56
N LYS B 539 30.22 10.76 64.77
CA LYS B 539 30.74 11.64 63.71
C LYS B 539 31.96 11.03 62.99
N ASN B 540 32.73 10.20 63.70
CA ASN B 540 34.04 9.68 63.31
C ASN B 540 33.92 8.33 62.57
N LEU B 541 33.23 8.32 61.43
CA LEU B 541 32.95 7.08 60.70
C LEU B 541 34.03 6.69 59.68
N SER B 542 34.73 7.68 59.10
CA SER B 542 35.89 7.51 58.21
C SER B 542 35.60 6.48 57.08
N THR B 543 36.48 5.49 56.88
CA THR B 543 36.15 4.23 56.17
C THR B 543 36.21 3.06 57.14
N ASP B 544 37.22 3.06 58.00
CA ASP B 544 37.66 1.95 58.83
C ASP B 544 36.60 1.51 59.84
N MET B 545 35.98 2.45 60.57
CA MET B 545 34.92 2.14 61.53
C MET B 545 33.68 1.54 60.84
N PHE B 546 33.31 2.06 59.67
CA PHE B 546 32.19 1.52 58.89
C PHE B 546 32.39 0.05 58.52
N GLU B 547 33.57 -0.33 58.06
CA GLU B 547 33.91 -1.72 57.70
C GLU B 547 33.72 -2.69 58.88
N LEU B 548 34.11 -2.27 60.10
CA LEU B 548 33.85 -3.04 61.33
C LEU B 548 32.36 -3.17 61.60
N PHE B 549 31.64 -2.04 61.49
CA PHE B 549 30.20 -2.00 61.66
C PHE B 549 29.44 -2.68 60.51
N TRP B 550 30.10 -3.24 59.50
CA TRP B 550 29.44 -3.86 58.34
C TRP B 550 29.64 -5.37 58.23
N ASP B 551 30.67 -5.85 57.53
CA ASP B 551 30.91 -7.28 57.30
C ASP B 551 31.29 -8.04 58.59
N HIS B 552 31.61 -7.36 59.70
CA HIS B 552 31.73 -7.95 61.05
C HIS B 552 30.53 -7.69 61.99
N LEU B 553 29.54 -6.87 61.59
CA LEU B 553 28.37 -6.53 62.41
C LEU B 553 27.02 -6.66 61.69
N ILE B 554 26.65 -5.76 60.75
CA ILE B 554 25.32 -5.81 60.12
C ILE B 554 25.13 -7.12 59.37
N THR B 555 26.12 -7.60 58.61
CA THR B 555 26.01 -8.87 57.87
C THR B 555 25.76 -10.06 58.83
N PRO B 556 26.57 -10.28 59.90
CA PRO B 556 26.27 -11.26 60.96
C PRO B 556 24.96 -11.07 61.74
N ILE B 557 24.37 -9.86 61.79
CA ILE B 557 23.03 -9.65 62.38
C ILE B 557 21.97 -10.25 61.46
N TYR B 558 22.02 -9.92 60.17
CA TYR B 558 20.92 -10.22 59.25
C TYR B 558 20.98 -11.65 58.66
N GLU B 559 22.16 -12.12 58.24
CA GLU B 559 22.33 -13.48 57.69
C GLU B 559 22.07 -14.58 58.72
N ASP B 560 22.48 -14.39 59.98
CA ASP B 560 22.40 -15.45 60.99
C ASP B 560 21.16 -15.39 61.91
N TYR B 561 20.38 -14.30 61.89
CA TYR B 561 19.13 -14.17 62.65
C TYR B 561 17.94 -13.68 61.81
N VAL B 562 18.05 -12.54 61.14
CA VAL B 562 16.88 -11.86 60.55
C VAL B 562 16.23 -12.64 59.40
N PHE B 563 17.04 -13.23 58.50
CA PHE B 563 16.57 -14.03 57.36
C PHE B 563 16.01 -15.42 57.74
N LYS B 564 15.73 -15.65 59.04
CA LYS B 564 15.20 -16.90 59.61
C LYS B 564 13.92 -16.70 60.42
N TYR B 565 13.49 -15.45 60.64
CA TYR B 565 12.22 -15.14 61.31
C TYR B 565 11.04 -15.13 60.33
N ASP B 566 10.14 -16.12 60.42
CA ASP B 566 8.85 -16.14 59.72
C ASP B 566 7.87 -15.01 60.12
N SER B 567 8.19 -14.28 61.20
CA SER B 567 7.43 -13.10 61.65
C SER B 567 7.58 -11.94 60.66
N ILE B 568 6.69 -11.86 59.68
CA ILE B 568 6.79 -10.88 58.58
C ILE B 568 6.62 -9.43 59.01
N HIS B 569 5.80 -9.15 60.04
CA HIS B 569 5.60 -7.78 60.54
C HIS B 569 6.84 -7.30 61.31
N LEU B 570 7.54 -8.20 62.02
CA LEU B 570 8.88 -7.96 62.56
C LEU B 570 9.86 -7.64 61.43
N GLN B 571 9.98 -8.52 60.42
CA GLN B 571 10.89 -8.31 59.28
C GLN B 571 10.67 -6.97 58.56
N ASN B 572 9.41 -6.54 58.40
CA ASN B 572 9.03 -5.27 57.78
C ASN B 572 9.76 -4.09 58.45
N VAL B 573 9.71 -4.01 59.79
CA VAL B 573 10.39 -2.97 60.57
C VAL B 573 11.90 -3.13 60.53
N LEU B 574 12.42 -4.37 60.62
CA LEU B 574 13.87 -4.65 60.56
C LEU B 574 14.50 -4.26 59.21
N PHE B 575 13.75 -4.27 58.11
CA PHE B 575 14.20 -3.81 56.79
C PHE B 575 13.95 -2.31 56.56
N THR B 576 12.96 -1.70 57.23
CA THR B 576 12.66 -0.25 57.13
C THR B 576 13.86 0.63 57.50
N VAL B 577 14.66 0.21 58.49
CA VAL B 577 15.86 0.95 58.95
C VAL B 577 16.92 1.10 57.86
N LEU B 578 16.97 0.15 56.90
CA LEU B 578 17.89 0.19 55.76
C LEU B 578 17.57 1.39 54.85
N HIS B 579 16.27 1.61 54.60
CA HIS B 579 15.75 2.65 53.70
C HIS B 579 16.06 4.07 54.20
N LEU B 580 15.96 4.26 55.51
CA LEU B 580 16.39 5.47 56.23
C LEU B 580 17.88 5.79 56.01
N LEU B 581 18.76 4.79 56.08
CA LEU B 581 20.21 4.98 55.94
C LEU B 581 20.69 5.27 54.51
N ILE B 582 19.94 4.89 53.47
CA ILE B 582 20.43 4.95 52.08
C ILE B 582 20.03 6.20 51.30
N GLY B 583 18.86 6.79 51.57
CA GLY B 583 18.55 8.13 51.05
C GLY B 583 17.08 8.44 50.79
N GLY B 584 16.22 7.45 50.60
CA GLY B 584 14.76 7.65 50.51
C GLY B 584 14.09 7.58 51.87
N LYS B 585 14.69 8.21 52.90
CA LYS B 585 14.17 8.25 54.28
C LYS B 585 12.64 8.39 54.30
N ASN B 586 11.98 7.43 54.94
CA ASN B 586 10.53 7.19 54.97
C ASN B 586 9.78 8.31 55.73
N ALA B 587 9.88 9.55 55.23
CA ALA B 587 9.60 10.83 55.89
C ALA B 587 9.33 10.71 57.39
N ASP B 588 8.05 10.77 57.79
CA ASP B 588 7.46 10.21 59.01
C ASP B 588 8.32 10.34 60.26
N VAL B 589 8.95 11.51 60.42
CA VAL B 589 9.77 11.88 61.59
C VAL B 589 8.87 12.18 62.79
N ALA B 590 7.71 11.53 62.84
CA ALA B 590 6.39 12.12 63.10
C ALA B 590 6.09 13.36 62.22
N LEU B 591 4.80 13.63 62.04
CA LEU B 591 4.28 14.98 61.80
C LEU B 591 3.90 15.57 63.17
N GLU B 592 3.02 14.89 63.92
CA GLU B 592 2.61 15.27 65.29
C GLU B 592 3.12 14.32 66.39
N LYS B 596 11.34 16.60 69.19
CA LYS B 596 12.81 16.48 69.27
C LYS B 596 13.28 15.22 68.54
N LYS B 597 14.49 15.28 67.95
CA LYS B 597 15.08 14.29 67.03
C LYS B 597 16.47 13.94 67.54
N HIS B 598 16.72 12.68 67.87
CA HIS B 598 17.95 12.30 68.59
C HIS B 598 19.20 12.40 67.71
N ILE B 599 20.30 12.96 68.24
CA ILE B 599 21.57 13.18 67.52
C ILE B 599 22.86 13.01 68.34
N HIS B 600 22.84 13.16 69.66
CA HIS B 600 24.00 12.93 70.55
C HIS B 600 23.96 11.52 71.21
N PRO B 601 25.08 10.78 71.38
CA PRO B 601 25.09 9.44 71.96
C PRO B 601 24.37 9.25 73.30
N MET B 602 24.24 10.28 74.15
CA MET B 602 23.47 10.18 75.41
C MET B 602 22.01 9.74 75.19
N SER B 603 21.46 9.97 74.01
CA SER B 603 20.03 9.76 73.74
C SER B 603 19.62 8.29 73.83
N VAL B 604 20.51 7.35 73.47
CA VAL B 604 20.21 5.90 73.54
C VAL B 604 20.03 5.40 74.98
N ILE B 605 20.50 6.16 75.99
CA ILE B 605 20.38 5.82 77.43
C ILE B 605 18.92 5.93 77.91
N ALA B 606 18.06 6.66 77.20
CA ALA B 606 16.66 6.93 77.57
C ALA B 606 15.76 5.69 77.69
N SER B 607 14.63 5.81 78.41
CA SER B 607 13.70 4.69 78.60
C SER B 607 12.93 4.32 77.31
N GLU B 608 12.52 5.29 76.48
CA GLU B 608 12.00 5.06 75.11
C GLU B 608 13.11 4.55 74.16
N GLY B 609 14.39 4.72 74.53
CA GLY B 609 15.53 4.42 73.68
C GLY B 609 15.55 5.38 72.47
N VAL B 610 15.47 4.81 71.27
CA VAL B 610 15.54 5.52 69.97
C VAL B 610 14.42 4.98 69.06
N LYS B 611 13.98 5.72 68.05
CA LYS B 611 13.02 5.25 67.03
C LYS B 611 13.54 5.49 65.61
N LEU B 612 12.73 5.08 64.64
CA LEU B 612 13.08 5.15 63.22
C LEU B 612 13.22 6.61 62.77
N LYS B 613 12.41 7.49 63.38
CA LYS B 613 12.34 8.95 63.26
C LYS B 613 13.57 9.72 63.80
N ASP B 614 14.71 9.05 63.91
CA ASP B 614 16.01 9.59 64.36
C ASP B 614 17.18 9.19 63.43
N ILE B 615 16.95 8.28 62.46
CA ILE B 615 18.01 7.69 61.63
C ILE B 615 18.27 8.57 60.39
N SER B 616 19.03 9.65 60.57
CA SER B 616 19.27 10.72 59.58
C SER B 616 20.23 10.38 58.42
N SER B 617 20.02 9.22 57.78
CA SER B 617 20.81 8.71 56.65
C SER B 617 22.29 8.44 56.98
N LEU B 618 23.06 8.06 55.97
CA LEU B 618 24.50 7.79 56.00
C LEU B 618 25.23 8.76 55.04
N PRO B 619 26.40 9.33 55.39
CA PRO B 619 27.10 10.29 54.52
C PRO B 619 27.38 9.74 53.10
N PRO B 620 27.09 10.51 52.02
CA PRO B 620 27.14 10.01 50.63
C PRO B 620 28.45 9.34 50.18
N GLN B 621 29.58 9.74 50.76
CA GLN B 621 30.89 9.10 50.56
C GLN B 621 30.81 7.59 50.83
N ILE B 622 30.30 7.19 52.01
CA ILE B 622 30.31 5.79 52.45
C ILE B 622 29.49 4.92 51.50
N ILE B 623 28.31 5.44 51.09
CA ILE B 623 27.41 4.79 50.12
C ILE B 623 28.18 4.51 48.83
N LYS B 624 28.88 5.51 48.29
CA LYS B 624 29.67 5.39 47.05
C LYS B 624 30.85 4.42 47.21
N ARG B 625 31.50 4.45 48.38
CA ARG B 625 32.80 3.79 48.62
C ARG B 625 32.69 2.28 48.68
N GLU B 626 32.05 1.74 49.70
CA GLU B 626 31.90 0.29 49.91
C GLU B 626 30.52 -0.21 49.42
N TYR B 627 29.95 0.46 48.40
CA TYR B 627 28.63 0.17 47.81
C TYR B 627 28.36 -1.33 47.62
N ASP B 628 29.36 -2.04 47.07
CA ASP B 628 29.34 -3.46 46.75
C ASP B 628 29.20 -4.35 48.00
N LYS B 629 29.67 -3.87 49.16
CA LYS B 629 29.52 -4.51 50.48
C LYS B 629 28.15 -4.22 51.07
N ILE B 630 27.66 -2.99 50.90
CA ILE B 630 26.37 -2.53 51.42
C ILE B 630 25.22 -3.35 50.79
N MET B 631 25.21 -3.46 49.46
CA MET B 631 24.11 -4.07 48.71
C MET B 631 23.96 -5.59 48.89
N LYS B 632 25.00 -6.31 49.38
CA LYS B 632 24.94 -7.76 49.71
C LYS B 632 23.72 -8.09 50.59
N VAL B 633 23.53 -7.30 51.65
CA VAL B 633 22.50 -7.54 52.68
C VAL B 633 21.12 -7.14 52.15
N VAL B 634 21.08 -6.02 51.42
CA VAL B 634 19.85 -5.44 50.83
C VAL B 634 19.19 -6.39 49.84
N PHE B 635 19.99 -7.02 48.97
CA PHE B 635 19.51 -7.99 47.99
C PHE B 635 18.87 -9.22 48.68
N GLN B 636 19.53 -9.80 49.68
CA GLN B 636 19.02 -10.97 50.40
C GLN B 636 17.74 -10.68 51.19
N ALA B 637 17.62 -9.48 51.77
CA ALA B 637 16.38 -9.02 52.42
C ALA B 637 15.20 -9.02 51.44
N VAL B 638 15.40 -8.54 50.20
CA VAL B 638 14.35 -8.51 49.16
C VAL B 638 14.01 -9.91 48.64
N GLU B 639 14.98 -10.84 48.55
CA GLU B 639 14.71 -12.23 48.13
C GLU B 639 13.80 -13.01 49.09
N VAL B 640 13.76 -12.66 50.39
CA VAL B 640 12.78 -13.22 51.34
C VAL B 640 11.52 -12.37 51.47
N ALA B 641 11.63 -11.03 51.40
CA ALA B 641 10.50 -10.10 51.52
C ALA B 641 9.58 -10.01 50.28
N ILE B 642 9.61 -10.99 49.37
CA ILE B 642 8.78 -11.07 48.14
C ILE B 642 7.27 -11.00 48.44
N SER B 643 6.87 -11.33 49.67
CA SER B 643 5.52 -11.20 50.23
C SER B 643 5.03 -9.75 50.36
N ASN B 644 5.92 -8.75 50.36
CA ASN B 644 5.60 -7.36 50.62
C ASN B 644 6.05 -6.44 49.46
N VAL B 645 5.13 -6.19 48.53
CA VAL B 645 5.42 -5.53 47.23
C VAL B 645 6.07 -4.17 47.40
N ASN B 646 5.51 -3.33 48.28
CA ASN B 646 5.92 -1.94 48.45
C ASN B 646 7.32 -1.82 49.05
N LEU B 647 7.67 -2.74 49.97
CA LEU B 647 8.96 -2.84 50.65
C LEU B 647 10.09 -3.05 49.64
N ALA B 648 9.94 -4.04 48.76
CA ALA B 648 10.90 -4.33 47.71
C ALA B 648 10.99 -3.19 46.68
N HIS B 649 9.83 -2.61 46.31
CA HIS B 649 9.67 -1.58 45.28
C HIS B 649 10.49 -0.32 45.57
N ASP B 650 10.31 0.34 46.73
CA ASP B 650 11.04 1.59 46.99
C ASP B 650 12.53 1.36 47.30
N LEU B 651 12.89 0.23 47.93
CA LEU B 651 14.29 -0.15 48.20
C LEU B 651 15.12 -0.16 46.92
N ILE B 652 14.57 -0.73 45.85
CA ILE B 652 15.22 -0.74 44.53
C ILE B 652 15.33 0.69 44.01
N LEU B 653 14.24 1.46 44.06
CA LEU B 653 14.18 2.85 43.57
C LEU B 653 15.26 3.72 44.23
N THR B 654 15.45 3.62 45.55
CA THR B 654 16.51 4.34 46.26
C THR B 654 17.90 3.81 45.95
N SER B 655 18.09 2.49 45.90
CA SER B 655 19.41 1.90 45.64
C SER B 655 19.97 2.31 44.27
N LEU B 656 19.09 2.51 43.27
CA LEU B 656 19.37 3.05 41.94
C LEU B 656 19.54 4.57 41.94
N LYS B 657 18.66 5.32 42.62
CA LYS B 657 18.75 6.78 42.74
C LYS B 657 20.04 7.24 43.45
N HIS B 658 20.66 6.36 44.23
CA HIS B 658 21.96 6.53 44.88
C HIS B 658 23.08 5.64 44.31
N LEU B 659 22.85 4.92 43.20
CA LEU B 659 23.84 4.07 42.53
C LEU B 659 24.93 4.94 41.85
N PRO B 660 26.20 4.88 42.29
CA PRO B 660 27.24 5.76 41.77
C PRO B 660 27.67 5.46 40.32
N GLU B 661 28.04 6.52 39.59
CA GLU B 661 28.59 6.47 38.22
C GLU B 661 29.75 5.48 38.03
N ASP B 662 30.67 5.40 38.98
CA ASP B 662 31.82 4.49 39.00
C ASP B 662 31.41 3.00 39.15
N ARG B 663 30.11 2.73 39.33
CA ARG B 663 29.48 1.40 39.44
C ARG B 663 28.43 1.13 38.36
N LYS B 664 28.20 2.04 37.42
CA LYS B 664 27.23 1.87 36.32
C LYS B 664 27.79 0.96 35.22
N ASP B 665 28.08 -0.29 35.57
CA ASP B 665 28.65 -1.31 34.68
C ASP B 665 27.65 -2.44 34.34
N GLN B 666 28.10 -3.45 33.59
CA GLN B 666 27.30 -4.62 33.21
C GLN B 666 26.97 -5.52 34.43
N THR B 667 27.88 -5.70 35.40
CA THR B 667 27.70 -6.59 36.56
C THR B 667 26.58 -6.10 37.47
N HIS B 668 26.59 -4.81 37.82
CA HIS B 668 25.58 -4.21 38.69
C HIS B 668 24.23 -4.11 37.96
N LEU B 669 24.23 -3.81 36.66
CA LEU B 669 23.03 -3.84 35.79
C LEU B 669 22.32 -5.20 35.85
N GLU B 670 23.04 -6.28 35.55
CA GLU B 670 22.44 -7.62 35.49
C GLU B 670 21.96 -8.09 36.87
N SER B 671 22.62 -7.66 37.94
CA SER B 671 22.24 -7.96 39.33
C SER B 671 20.82 -7.46 39.66
N PHE B 672 20.49 -6.20 39.37
CA PHE B 672 19.12 -5.68 39.59
C PHE B 672 18.08 -6.41 38.73
N SER B 673 18.40 -6.77 37.49
CA SER B 673 17.49 -7.53 36.62
C SER B 673 17.15 -8.92 37.20
N SER B 674 18.15 -9.60 37.78
CA SER B 674 18.02 -10.93 38.40
C SER B 674 17.18 -10.89 39.69
N LEU B 675 17.22 -9.78 40.42
CA LEU B 675 16.38 -9.54 41.60
C LEU B 675 14.89 -9.44 41.20
N ILE B 676 14.57 -8.58 40.22
CA ILE B 676 13.19 -8.34 39.75
C ILE B 676 12.54 -9.61 39.19
N LEU B 677 13.32 -10.47 38.52
CA LEU B 677 12.90 -11.77 37.98
C LEU B 677 12.21 -12.65 39.04
N LYS B 678 12.81 -12.78 40.23
CA LYS B 678 12.33 -13.65 41.31
C LYS B 678 10.99 -13.14 41.85
N VAL B 679 10.94 -11.84 42.17
CA VAL B 679 9.75 -11.12 42.65
C VAL B 679 8.54 -11.29 41.71
N THR B 680 8.78 -11.18 40.40
CA THR B 680 7.73 -11.17 39.37
C THR B 680 7.17 -12.56 39.08
N GLN B 681 7.99 -13.60 39.20
CA GLN B 681 7.61 -14.99 38.94
C GLN B 681 6.74 -15.63 40.05
N ASN B 682 6.86 -15.19 41.31
CA ASN B 682 6.05 -15.68 42.42
C ASN B 682 4.66 -15.03 42.48
N ASN B 683 4.62 -13.72 42.22
CA ASN B 683 3.41 -12.93 42.13
C ASN B 683 2.66 -13.15 40.79
N LYS B 684 1.77 -12.22 40.43
CA LYS B 684 0.86 -12.28 39.29
C LYS B 684 0.62 -10.86 38.77
N ASP B 685 0.24 -10.72 37.50
CA ASP B 685 -0.28 -9.44 37.00
C ASP B 685 -1.58 -9.09 37.74
N THR B 686 -1.47 -8.12 38.66
CA THR B 686 -2.58 -7.38 39.27
C THR B 686 -2.31 -5.89 39.04
N PRO B 687 -3.33 -5.01 39.00
CA PRO B 687 -3.14 -3.58 38.75
C PRO B 687 -2.03 -2.96 39.62
N ILE B 688 -2.12 -3.19 40.94
CA ILE B 688 -1.17 -2.68 41.94
C ILE B 688 0.26 -3.16 41.67
N PHE B 689 0.42 -4.44 41.36
CA PHE B 689 1.72 -5.04 41.07
C PHE B 689 2.29 -4.50 39.75
N ARG B 690 1.46 -4.34 38.71
CA ARG B 690 1.85 -3.93 37.36
C ARG B 690 2.32 -2.48 37.26
N ASP B 691 1.58 -1.55 37.87
CA ASP B 691 1.90 -0.12 37.80
C ASP B 691 3.16 0.25 38.62
N PHE B 692 3.35 -0.33 39.82
CA PHE B 692 4.64 -0.23 40.53
C PHE B 692 5.79 -0.88 39.75
N PHE B 693 5.60 -2.09 39.21
CA PHE B 693 6.60 -2.78 38.39
C PHE B 693 7.06 -1.96 37.17
N GLY B 694 6.15 -1.25 36.50
CA GLY B 694 6.48 -0.31 35.42
C GLY B 694 7.45 0.79 35.88
N ALA B 695 7.13 1.48 36.97
CA ALA B 695 7.96 2.56 37.51
C ALA B 695 9.35 2.08 37.99
N VAL B 696 9.42 0.90 38.62
CA VAL B 696 10.69 0.26 39.05
C VAL B 696 11.59 -0.02 37.86
N THR B 697 11.10 -0.81 36.90
CA THR B 697 11.86 -1.25 35.73
C THR B 697 12.26 -0.09 34.84
N SER B 698 11.43 0.93 34.72
CA SER B 698 11.74 2.15 33.96
C SER B 698 12.85 2.97 34.61
N SER B 699 12.88 3.03 35.95
CA SER B 699 13.96 3.67 36.71
C SER B 699 15.27 2.90 36.57
N PHE B 700 15.22 1.56 36.50
CA PHE B 700 16.36 0.69 36.24
C PHE B 700 16.98 0.94 34.86
N VAL B 701 16.17 0.93 33.78
CA VAL B 701 16.67 1.23 32.42
C VAL B 701 17.19 2.67 32.32
N TYR B 702 16.49 3.64 32.90
CA TYR B 702 16.90 5.05 33.01
C TYR B 702 18.25 5.22 33.73
N THR B 703 18.54 4.46 34.77
CA THR B 703 19.80 4.57 35.54
C THR B 703 21.02 4.06 34.75
N PHE B 704 20.80 3.08 33.87
CA PHE B 704 21.82 2.40 33.04
C PHE B 704 21.68 2.73 31.54
N LEU B 705 21.10 3.87 31.19
CA LEU B 705 20.49 4.09 29.88
C LEU B 705 21.45 3.89 28.68
N ASP B 706 22.68 4.42 28.75
CA ASP B 706 23.73 4.21 27.73
C ASP B 706 24.22 2.75 27.61
N LEU B 707 24.06 1.93 28.66
CA LEU B 707 24.37 0.51 28.67
C LEU B 707 23.25 -0.34 28.03
N PHE B 708 22.08 0.26 27.81
CA PHE B 708 20.94 -0.31 27.10
C PHE B 708 20.76 0.22 25.66
N LEU B 709 21.50 1.26 25.26
CA LEU B 709 21.32 2.00 24.00
C LEU B 709 22.57 1.99 23.09
N ARG B 710 23.38 0.93 23.10
CA ARG B 710 24.57 0.78 22.25
C ARG B 710 24.18 0.61 20.78
N LYS B 711 23.92 -0.62 20.33
CA LYS B 711 23.50 -1.00 18.96
C LYS B 711 23.23 -2.51 18.71
N ASN B 712 23.12 -3.33 19.75
CA ASN B 712 23.06 -4.80 19.68
C ASN B 712 22.44 -5.43 20.95
N ASP B 713 21.72 -4.63 21.72
CA ASP B 713 21.86 -4.66 23.17
C ASP B 713 21.31 -5.93 23.85
N SER B 714 22.23 -6.83 24.20
CA SER B 714 21.93 -8.14 24.76
C SER B 714 21.05 -8.04 26.00
N SER B 715 21.34 -7.05 26.83
CA SER B 715 20.62 -6.61 28.03
C SER B 715 19.18 -6.13 27.72
N LEU B 716 18.99 -5.31 26.69
CA LEU B 716 17.68 -4.81 26.24
C LEU B 716 16.78 -5.99 25.81
N VAL B 717 17.25 -6.80 24.86
CA VAL B 717 16.44 -7.85 24.23
C VAL B 717 16.15 -9.01 25.19
N ASN B 718 17.14 -9.47 25.96
CA ASN B 718 16.96 -10.58 26.91
C ASN B 718 15.97 -10.23 28.04
N PHE B 719 15.90 -8.96 28.44
CA PHE B 719 14.99 -8.50 29.49
C PHE B 719 13.52 -8.64 29.08
N ASN B 720 13.15 -8.18 27.87
CA ASN B 720 11.75 -8.25 27.40
C ASN B 720 11.22 -9.69 27.37
N ILE B 721 12.08 -10.66 27.02
CA ILE B 721 11.73 -12.08 26.94
C ILE B 721 11.39 -12.67 28.33
N GLN B 722 11.80 -12.04 29.44
CA GLN B 722 11.36 -12.41 30.79
C GLN B 722 10.09 -11.70 31.25
N ILE B 723 9.86 -10.42 30.90
CA ILE B 723 8.67 -9.69 31.36
C ILE B 723 7.39 -10.21 30.71
N SER B 724 7.47 -10.68 29.46
CA SER B 724 6.34 -11.19 28.67
C SER B 724 5.62 -12.42 29.28
N LYS B 725 6.20 -13.05 30.31
CA LYS B 725 5.75 -14.29 30.95
C LYS B 725 4.50 -14.16 31.81
N VAL B 726 4.23 -12.97 32.36
CA VAL B 726 3.14 -12.73 33.33
C VAL B 726 2.53 -11.35 33.10
N GLY B 727 1.59 -11.27 32.17
CA GLY B 727 0.82 -10.07 31.87
C GLY B 727 -0.48 -10.39 31.13
N ILE B 728 -1.53 -9.59 31.38
CA ILE B 728 -2.83 -9.62 30.69
C ILE B 728 -2.67 -9.35 29.18
N SER B 729 -1.66 -8.56 28.80
CA SER B 729 -1.24 -8.36 27.42
C SER B 729 0.23 -7.96 27.36
N GLN B 730 1.05 -8.80 26.74
CA GLN B 730 2.48 -8.55 26.52
C GLN B 730 2.71 -7.19 25.83
N GLY B 731 1.91 -6.88 24.80
CA GLY B 731 2.03 -5.64 24.03
C GLY B 731 1.64 -4.36 24.78
N ASN B 732 0.99 -4.45 25.95
CA ASN B 732 0.88 -3.27 26.83
C ASN B 732 2.13 -3.13 27.70
N MET B 733 2.65 -4.23 28.25
CA MET B 733 3.76 -4.20 29.20
C MET B 733 5.03 -3.57 28.62
N THR B 734 5.47 -3.98 27.43
CA THR B 734 6.67 -3.41 26.76
C THR B 734 6.48 -1.94 26.39
N LEU B 735 5.26 -1.54 26.02
CA LEU B 735 4.93 -0.18 25.57
C LEU B 735 4.85 0.82 26.73
N ASP B 736 4.18 0.43 27.82
CA ASP B 736 4.04 1.27 29.01
C ASP B 736 5.38 1.49 29.73
N LEU B 737 6.30 0.52 29.63
CA LEU B 737 7.74 0.65 29.94
C LEU B 737 8.36 1.84 29.21
N LEU B 738 8.28 1.85 27.87
CA LEU B 738 8.88 2.89 27.03
C LEU B 738 8.33 4.28 27.36
N LYS B 739 7.02 4.37 27.61
CA LYS B 739 6.30 5.60 27.96
C LYS B 739 6.75 6.17 29.31
N ASP B 740 7.02 5.33 30.31
CA ASP B 740 7.56 5.80 31.59
C ASP B 740 9.03 6.21 31.48
N VAL B 741 9.88 5.42 30.80
CA VAL B 741 11.30 5.76 30.56
C VAL B 741 11.45 7.13 29.90
N ILE B 742 10.70 7.39 28.83
CA ILE B 742 10.68 8.70 28.16
C ILE B 742 10.13 9.79 29.10
N ARG B 743 9.17 9.49 29.99
CA ARG B 743 8.66 10.48 30.97
C ARG B 743 9.69 10.81 32.06
N LYS B 744 10.70 9.97 32.28
CA LYS B 744 11.85 10.28 33.15
C LYS B 744 12.90 11.09 32.38
N ALA B 745 13.41 10.55 31.28
CA ALA B 745 14.39 11.22 30.43
C ALA B 745 13.74 12.29 29.51
N ARG B 746 13.47 13.49 30.04
CA ARG B 746 12.78 14.60 29.34
C ARG B 746 13.67 15.67 28.70
N ASN B 747 14.97 15.70 28.98
CA ASN B 747 15.91 16.64 28.35
C ASN B 747 17.35 16.12 28.20
N GLU B 748 17.67 14.97 28.77
CA GLU B 748 18.99 14.32 28.75
C GLU B 748 19.17 13.46 27.50
N THR B 749 18.12 12.73 27.11
CA THR B 749 18.18 11.73 26.03
C THR B 749 16.97 11.84 25.09
N SER B 750 17.25 12.07 23.82
CA SER B 750 16.25 12.12 22.74
C SER B 750 15.43 10.83 22.63
N GLU B 751 14.12 10.97 22.41
CA GLU B 751 13.18 9.87 22.18
C GLU B 751 13.65 8.93 21.06
N PHE B 752 14.27 9.48 19.99
CA PHE B 752 14.69 8.70 18.81
C PHE B 752 15.67 7.58 19.18
N LEU B 753 16.69 7.88 19.99
CA LEU B 753 17.73 6.92 20.40
C LEU B 753 17.17 5.78 21.26
N ILE B 754 16.15 6.07 22.06
CA ILE B 754 15.46 5.10 22.91
C ILE B 754 14.61 4.17 22.02
N ILE B 755 13.84 4.75 21.09
CA ILE B 755 12.97 4.02 20.16
C ILE B 755 13.78 3.14 19.20
N GLU B 756 14.97 3.58 18.76
CA GLU B 756 15.85 2.89 17.81
C GLU B 756 16.11 1.42 18.20
N LYS B 757 16.27 1.14 19.51
CA LYS B 757 16.52 -0.21 20.06
C LYS B 757 15.23 -0.91 20.48
N PHE B 758 14.22 -0.16 20.94
CA PHE B 758 12.93 -0.74 21.31
C PHE B 758 12.23 -1.43 20.12
N LEU B 759 12.47 -0.98 18.89
CA LEU B 759 11.96 -1.63 17.68
C LEU B 759 12.75 -2.88 17.24
N GLU B 760 13.97 -3.10 17.74
CA GLU B 760 14.72 -4.36 17.56
C GLU B 760 14.03 -5.55 18.26
N LEU B 761 13.04 -5.30 19.12
CA LEU B 761 12.18 -6.31 19.75
C LEU B 761 11.09 -6.88 18.81
N ASP B 762 10.80 -6.23 17.67
CA ASP B 762 9.63 -6.48 16.81
C ASP B 762 8.27 -6.43 17.53
N ASP B 763 8.22 -5.86 18.75
CA ASP B 763 6.98 -5.74 19.52
C ASP B 763 6.01 -4.78 18.80
N LYS B 764 4.96 -5.36 18.22
CA LYS B 764 4.00 -4.67 17.36
C LYS B 764 3.31 -3.49 18.04
N LYS B 765 3.20 -3.46 19.37
CA LYS B 765 2.61 -2.34 20.09
C LYS B 765 3.58 -1.18 20.22
N THR B 766 4.89 -1.44 20.28
CA THR B 766 5.93 -0.41 20.20
C THR B 766 5.96 0.21 18.80
N GLU B 767 5.85 -0.60 17.74
CA GLU B 767 5.72 -0.13 16.35
C GLU B 767 4.51 0.79 16.15
N VAL B 768 3.34 0.44 16.73
CA VAL B 768 2.10 1.24 16.65
C VAL B 768 2.28 2.66 17.20
N TYR B 769 2.96 2.83 18.34
CA TYR B 769 3.24 4.14 18.92
C TYR B 769 4.27 4.91 18.09
N ALA B 770 5.33 4.23 17.63
CA ALA B 770 6.40 4.81 16.83
C ALA B 770 5.91 5.38 15.48
N GLN B 771 5.08 4.64 14.73
CA GLN B 771 4.52 5.11 13.46
C GLN B 771 3.73 6.42 13.60
N ASN B 772 3.02 6.59 14.72
CA ASN B 772 2.23 7.80 15.00
C ASN B 772 3.09 8.97 15.48
N TRP B 773 3.98 8.78 16.46
CA TRP B 773 4.85 9.85 16.97
C TRP B 773 5.69 10.48 15.85
N VAL B 774 6.38 9.63 15.09
CA VAL B 774 7.30 10.02 14.01
C VAL B 774 6.56 10.65 12.83
N GLY B 775 5.35 10.20 12.52
CA GLY B 775 4.54 10.70 11.42
C GLY B 775 3.72 11.96 11.72
N SER B 776 3.92 12.63 12.88
CA SER B 776 3.02 13.69 13.32
C SER B 776 3.58 14.75 14.27
N THR B 777 4.64 14.47 15.02
CA THR B 777 5.33 15.45 15.86
C THR B 777 6.24 16.36 15.03
N LEU B 778 6.24 17.67 15.34
CA LEU B 778 7.13 18.66 14.72
C LEU B 778 8.58 18.44 15.17
N LEU B 779 9.52 18.48 14.23
CA LEU B 779 10.93 18.17 14.48
C LEU B 779 11.79 19.43 14.76
N PRO B 780 12.80 19.35 15.65
CA PRO B 780 13.66 20.48 16.04
C PRO B 780 14.63 20.88 14.91
N PRO B 781 14.59 22.13 14.37
CA PRO B 781 15.49 22.61 13.28
C PRO B 781 16.99 22.78 13.66
N ASN B 782 17.45 22.07 14.67
CA ASN B 782 18.80 22.10 15.27
C ASN B 782 19.37 20.70 15.53
N ILE B 783 18.56 19.67 15.29
CA ILE B 783 18.81 18.24 15.42
C ILE B 783 20.24 17.84 15.00
N SER B 784 21.00 17.25 15.95
CA SER B 784 22.34 16.73 15.72
C SER B 784 22.32 15.63 14.65
N PHE B 785 23.43 15.47 13.93
CA PHE B 785 23.58 14.38 12.96
C PHE B 785 23.32 13.01 13.62
N ARG B 786 23.70 12.90 14.91
CA ARG B 786 23.50 11.73 15.79
C ARG B 786 22.03 11.40 16.05
N GLU B 787 21.16 12.41 16.12
CA GLU B 787 19.71 12.24 16.25
C GLU B 787 19.09 11.90 14.89
N PHE B 788 19.56 12.58 13.83
CA PHE B 788 19.03 12.46 12.46
C PHE B 788 19.12 11.03 11.92
N GLN B 789 20.28 10.39 12.11
CA GLN B 789 20.51 8.99 11.76
C GLN B 789 19.57 8.03 12.52
N SER B 790 19.18 8.38 13.75
CA SER B 790 18.34 7.55 14.62
C SER B 790 16.88 7.58 14.15
N LEU B 791 16.36 8.79 13.89
CA LEU B 791 15.06 9.04 13.25
C LEU B 791 14.94 8.31 11.90
N ALA B 792 15.96 8.35 11.05
CA ALA B 792 15.97 7.65 9.76
C ALA B 792 15.83 6.12 9.90
N ASN B 793 16.54 5.51 10.85
CA ASN B 793 16.46 4.07 11.12
C ASN B 793 15.06 3.62 11.57
N ILE B 794 14.32 4.45 12.31
CA ILE B 794 12.93 4.14 12.72
C ILE B 794 12.03 3.99 11.48
N VAL B 795 12.08 4.94 10.55
CA VAL B 795 11.29 4.89 9.29
C VAL B 795 11.70 3.70 8.42
N ASN B 796 12.99 3.35 8.42
CA ASN B 796 13.55 2.18 7.75
C ASN B 796 13.05 0.82 8.31
N LYS B 797 12.48 0.79 9.53
CA LYS B 797 11.87 -0.40 10.17
C LYS B 797 10.34 -0.43 10.08
N VAL B 798 9.67 0.72 10.26
CA VAL B 798 8.20 0.85 10.14
C VAL B 798 7.81 1.77 8.96
N PRO B 799 8.12 1.36 7.71
CA PRO B 799 7.77 2.14 6.53
C PRO B 799 6.25 2.14 6.34
N ASN B 800 5.66 3.32 6.47
CA ASN B 800 4.23 3.58 6.38
C ASN B 800 4.02 5.00 5.83
N GLU B 801 2.81 5.32 5.36
CA GLU B 801 2.50 6.59 4.69
C GLU B 801 3.02 7.84 5.44
N ASN B 802 2.66 8.01 6.72
CA ASN B 802 3.03 9.20 7.49
C ASN B 802 4.47 9.22 8.00
N SER B 803 5.02 8.05 8.37
CA SER B 803 6.43 7.91 8.77
C SER B 803 7.36 8.18 7.59
N ILE B 804 6.95 7.82 6.36
CA ILE B 804 7.61 8.26 5.12
C ILE B 804 7.44 9.76 4.91
N GLU B 805 6.20 10.28 4.86
CA GLU B 805 5.92 11.68 4.51
C GLU B 805 6.64 12.72 5.39
N ASN B 806 6.58 12.58 6.72
CA ASN B 806 7.21 13.54 7.63
C ASN B 806 8.75 13.52 7.51
N PHE B 807 9.33 12.39 7.09
CA PHE B 807 10.75 12.27 6.74
C PHE B 807 11.11 12.96 5.42
N LEU B 808 10.15 13.39 4.60
CA LEU B 808 10.42 14.21 3.41
C LEU B 808 10.26 15.69 3.75
N ASP B 809 9.26 16.04 4.56
CA ASP B 809 8.97 17.39 5.03
C ASP B 809 10.13 18.03 5.84
N LEU B 810 11.12 17.25 6.28
CA LEU B 810 12.40 17.71 6.86
C LEU B 810 13.48 18.05 5.83
N CYS B 811 13.63 17.28 4.74
CA CYS B 811 14.83 17.34 3.89
C CYS B 811 14.92 18.65 3.08
N LEU B 812 13.75 19.24 2.81
CA LEU B 812 13.52 20.54 2.17
C LEU B 812 14.20 21.75 2.86
N LYS B 813 14.81 21.55 4.04
CA LYS B 813 15.27 22.62 4.95
C LYS B 813 16.69 22.38 5.48
N LEU B 814 17.37 21.32 5.03
CA LEU B 814 18.68 20.92 5.54
C LEU B 814 19.78 21.82 5.00
N SER B 815 20.44 22.54 5.91
CA SER B 815 21.51 23.50 5.62
C SER B 815 22.89 22.83 5.49
N PHE B 816 22.91 21.58 5.02
CA PHE B 816 24.06 20.68 4.99
C PHE B 816 23.87 19.57 3.91
N PRO B 817 24.95 18.89 3.47
CA PRO B 817 24.92 17.93 2.35
C PRO B 817 24.30 16.56 2.75
N VAL B 818 25.09 15.48 2.66
CA VAL B 818 24.80 14.08 3.00
C VAL B 818 23.74 13.36 2.16
N ASN B 819 24.17 12.31 1.46
CA ASN B 819 23.30 11.32 0.85
C ASN B 819 22.48 10.62 1.95
N LEU B 820 21.13 10.62 1.83
CA LEU B 820 20.23 9.97 2.79
C LEU B 820 20.16 8.43 2.64
N PHE B 821 20.49 7.87 1.47
CA PHE B 821 20.30 6.46 1.14
C PHE B 821 21.24 5.53 1.91
N THR B 822 22.42 5.99 2.33
CA THR B 822 23.36 5.18 3.12
C THR B 822 22.78 4.68 4.46
N LEU B 823 21.73 5.34 4.98
CA LEU B 823 20.99 4.92 6.19
C LEU B 823 19.53 4.53 5.87
N LEU B 824 19.10 4.68 4.62
CA LEU B 824 17.72 4.55 4.17
C LEU B 824 17.69 3.56 3.00
N HIS B 825 17.79 2.28 3.34
CA HIS B 825 18.05 1.18 2.42
C HIS B 825 16.79 0.75 1.68
N VAL B 826 16.24 1.62 0.82
CA VAL B 826 14.92 1.41 0.19
C VAL B 826 14.85 0.12 -0.64
N SER B 827 15.97 -0.38 -1.16
CA SER B 827 16.11 -1.70 -1.79
C SER B 827 15.76 -2.88 -0.87
N MET B 828 15.77 -2.71 0.46
CA MET B 828 15.32 -3.70 1.44
C MET B 828 13.84 -3.55 1.79
N TRP B 829 13.17 -2.47 1.36
CA TRP B 829 11.77 -2.18 1.69
C TRP B 829 10.81 -2.95 0.79
N SER B 830 9.61 -3.24 1.31
CA SER B 830 8.52 -3.78 0.50
C SER B 830 8.07 -2.80 -0.59
N ASN B 831 7.58 -3.36 -1.69
CA ASN B 831 7.30 -2.68 -2.94
C ASN B 831 6.34 -1.48 -2.81
N ASN B 832 5.27 -1.62 -2.03
CA ASN B 832 4.33 -0.54 -1.71
C ASN B 832 5.03 0.67 -1.09
N ASN B 833 5.98 0.42 -0.18
CA ASN B 833 6.73 1.47 0.50
C ASN B 833 7.76 2.12 -0.42
N PHE B 834 8.44 1.33 -1.25
CA PHE B 834 9.36 1.83 -2.27
C PHE B 834 8.62 2.76 -3.25
N ILE B 835 7.42 2.38 -3.72
CA ILE B 835 6.58 3.19 -4.61
C ILE B 835 6.25 4.52 -3.96
N TYR B 836 5.65 4.49 -2.76
CA TYR B 836 5.19 5.68 -2.03
C TYR B 836 6.35 6.64 -1.72
N PHE B 837 7.53 6.09 -1.40
CA PHE B 837 8.77 6.84 -1.21
C PHE B 837 9.17 7.63 -2.46
N ILE B 838 9.31 6.98 -3.64
CA ILE B 838 9.76 7.69 -4.86
C ILE B 838 8.74 8.76 -5.28
N GLN B 839 7.44 8.45 -5.20
CA GLN B 839 6.36 9.38 -5.54
C GLN B 839 6.49 10.69 -4.77
N SER B 840 6.47 10.58 -3.43
CA SER B 840 6.45 11.76 -2.58
C SER B 840 7.83 12.42 -2.44
N TYR B 841 8.94 11.71 -2.69
CA TYR B 841 10.29 12.30 -2.88
C TYR B 841 10.27 13.28 -4.05
N VAL B 842 9.94 12.79 -5.25
CA VAL B 842 10.17 13.53 -6.50
C VAL B 842 9.25 14.74 -6.62
N SER B 843 8.00 14.59 -6.15
CA SER B 843 6.98 15.64 -6.13
C SER B 843 7.33 16.89 -5.30
N LYS B 844 8.16 16.75 -4.25
CA LYS B 844 8.49 17.82 -3.30
C LYS B 844 9.88 18.42 -3.52
N ASN B 845 10.81 17.64 -4.07
CA ASN B 845 12.23 17.99 -4.18
C ASN B 845 12.56 18.87 -5.40
N GLU B 846 12.39 18.33 -6.61
CA GLU B 846 12.76 18.99 -7.88
C GLU B 846 12.03 18.43 -9.14
N ASN B 847 11.06 17.52 -8.99
CA ASN B 847 10.38 16.83 -10.11
C ASN B 847 11.36 16.20 -11.13
N LYS B 848 12.53 15.78 -10.63
CA LYS B 848 13.71 15.37 -11.38
C LYS B 848 14.41 14.22 -10.66
N LEU B 849 15.26 13.51 -11.40
CA LEU B 849 16.10 12.43 -10.88
C LEU B 849 17.55 12.93 -10.79
N ASN B 850 18.02 13.20 -9.58
CA ASN B 850 19.44 13.38 -9.26
C ASN B 850 20.17 12.02 -9.18
N VAL B 851 21.52 12.03 -9.20
CA VAL B 851 22.42 10.88 -9.39
C VAL B 851 22.06 9.70 -8.49
N ASP B 852 21.84 9.99 -7.21
CA ASP B 852 21.61 9.06 -6.12
C ASP B 852 20.39 8.17 -6.39
N LEU B 853 19.33 8.78 -6.94
CA LEU B 853 18.07 8.13 -7.27
C LEU B 853 18.23 7.15 -8.45
N ILE B 854 19.09 7.45 -9.44
CA ILE B 854 19.39 6.54 -10.56
C ILE B 854 20.11 5.29 -10.06
N THR B 855 21.11 5.43 -9.20
CA THR B 855 21.91 4.28 -8.72
C THR B 855 21.08 3.32 -7.86
N LEU B 856 20.14 3.82 -7.06
CA LEU B 856 19.11 3.00 -6.39
C LEU B 856 18.33 2.16 -7.42
N LEU B 857 17.65 2.83 -8.37
CA LEU B 857 16.67 2.19 -9.25
C LEU B 857 17.28 1.08 -10.09
N LYS B 858 18.50 1.30 -10.61
CA LYS B 858 19.26 0.36 -11.46
C LYS B 858 19.75 -0.90 -10.74
N THR B 859 19.55 -1.02 -9.42
CA THR B 859 19.87 -2.23 -8.64
C THR B 859 18.64 -2.99 -8.17
N SER B 860 17.52 -2.29 -7.97
CA SER B 860 16.32 -2.88 -7.35
C SER B 860 15.32 -3.42 -8.39
N LEU B 861 14.97 -2.62 -9.41
CA LEU B 861 14.01 -2.99 -10.45
C LEU B 861 14.49 -4.18 -11.31
N PRO B 862 15.78 -4.28 -11.72
CA PRO B 862 16.25 -5.46 -12.46
C PRO B 862 16.24 -6.74 -11.63
N GLY B 863 16.32 -6.62 -10.29
CA GLY B 863 16.22 -7.74 -9.35
C GLY B 863 14.77 -8.13 -9.02
N ASN B 864 13.78 -7.30 -9.32
CA ASN B 864 12.37 -7.60 -9.03
C ASN B 864 11.36 -6.95 -10.03
N PRO B 865 10.63 -7.75 -10.85
CA PRO B 865 9.61 -7.23 -11.77
C PRO B 865 8.36 -6.68 -11.06
N GLU B 866 8.00 -7.20 -9.89
CA GLU B 866 6.85 -6.72 -9.09
C GLU B 866 7.07 -5.26 -8.70
N LEU B 867 8.30 -4.91 -8.31
CA LEU B 867 8.72 -3.57 -7.92
C LEU B 867 8.58 -2.54 -9.04
N PHE B 868 8.76 -2.97 -10.30
CA PHE B 868 8.73 -2.13 -11.48
C PHE B 868 7.31 -1.81 -11.98
N SER B 869 6.29 -2.53 -11.49
CA SER B 869 4.90 -2.47 -11.97
C SER B 869 4.25 -1.07 -11.88
N GLY B 870 4.02 -0.54 -10.68
CA GLY B 870 3.52 0.83 -10.43
C GLY B 870 4.56 1.91 -10.78
N LEU B 871 5.79 1.51 -11.02
CA LEU B 871 6.92 2.38 -11.37
C LEU B 871 6.87 2.82 -12.84
N LEU B 872 6.41 1.94 -13.74
CA LEU B 872 6.22 2.28 -15.16
C LEU B 872 5.26 3.48 -15.35
N PRO B 873 4.06 3.56 -14.72
CA PRO B 873 3.21 4.74 -14.74
C PRO B 873 3.94 6.07 -14.55
N PHE B 874 4.73 6.22 -13.50
CA PHE B 874 5.44 7.48 -13.17
C PHE B 874 6.48 7.85 -14.25
N LEU B 875 7.14 6.85 -14.84
CA LEU B 875 8.07 6.97 -15.97
C LEU B 875 7.39 7.15 -17.33
N ARG B 876 6.14 6.72 -17.48
CA ARG B 876 5.31 6.94 -18.67
C ARG B 876 4.73 8.37 -18.67
N ARG B 877 4.57 8.96 -17.49
CA ARG B 877 4.25 10.38 -17.21
C ARG B 877 5.44 11.34 -17.38
N ASN B 878 6.45 11.31 -16.49
CA ASN B 878 7.58 12.28 -16.47
C ASN B 878 8.81 11.83 -17.30
N LYS B 879 8.60 10.80 -18.11
CA LYS B 879 9.41 10.30 -19.22
C LYS B 879 10.76 9.65 -18.92
N PHE B 880 11.79 10.37 -18.46
CA PHE B 880 13.16 9.88 -18.16
C PHE B 880 13.59 8.63 -18.98
N MET B 881 13.70 8.78 -20.31
CA MET B 881 13.62 7.65 -21.25
C MET B 881 14.77 6.62 -21.08
N ASP B 882 15.95 7.13 -20.72
CA ASP B 882 17.20 6.42 -20.45
C ASP B 882 17.08 5.40 -19.31
N ILE B 883 16.16 5.60 -18.36
CA ILE B 883 15.88 4.61 -17.31
C ILE B 883 15.20 3.37 -17.89
N LEU B 884 14.18 3.57 -18.73
CA LEU B 884 13.38 2.49 -19.34
C LEU B 884 14.21 1.65 -20.31
N GLU B 885 15.20 2.28 -20.96
CA GLU B 885 16.19 1.61 -21.82
C GLU B 885 17.06 0.62 -21.03
N TYR B 886 17.47 0.97 -19.80
CA TYR B 886 18.39 0.15 -18.99
C TYR B 886 17.74 -1.12 -18.41
N CYS B 887 16.51 -1.06 -17.90
CA CYS B 887 15.84 -2.23 -17.33
C CYS B 887 15.59 -3.31 -18.41
N ILE B 888 15.00 -2.95 -19.57
CA ILE B 888 14.76 -3.90 -20.68
C ILE B 888 16.09 -4.46 -21.23
N HIS B 889 17.16 -3.66 -21.22
CA HIS B 889 18.51 -4.10 -21.61
C HIS B 889 19.17 -5.06 -20.61
N SER B 890 18.78 -5.02 -19.34
CA SER B 890 19.20 -6.04 -18.35
C SER B 890 18.38 -7.33 -18.46
N ASN B 891 17.08 -7.26 -18.74
CA ASN B 891 16.19 -8.41 -18.96
C ASN B 891 14.86 -7.99 -19.63
N PRO B 892 14.43 -8.61 -20.75
CA PRO B 892 13.18 -8.27 -21.43
C PRO B 892 11.93 -8.99 -20.91
N ASN B 893 12.04 -10.00 -20.03
CA ASN B 893 10.89 -10.72 -19.45
C ASN B 893 9.97 -9.81 -18.60
N LEU B 894 10.35 -8.54 -18.44
CA LEU B 894 9.55 -7.44 -17.90
C LEU B 894 8.35 -7.08 -18.80
N LEU B 895 8.44 -7.25 -20.13
CA LEU B 895 7.36 -6.95 -21.09
C LEU B 895 6.21 -7.98 -21.05
N ASN B 896 6.36 -9.06 -20.29
CA ASN B 896 5.46 -10.21 -20.31
C ASN B 896 4.08 -9.91 -19.74
N SER B 897 4.05 -9.55 -18.46
CA SER B 897 2.83 -9.46 -17.64
C SER B 897 2.19 -8.07 -17.63
N ILE B 898 2.44 -7.26 -18.65
CA ILE B 898 1.98 -5.85 -18.70
C ILE B 898 0.45 -5.76 -18.89
N PRO B 899 -0.25 -4.90 -18.13
CA PRO B 899 -1.69 -4.62 -18.31
C PRO B 899 -2.03 -4.16 -19.74
N ASP B 900 -2.80 -4.99 -20.48
CA ASP B 900 -3.32 -4.69 -21.82
C ASP B 900 -2.28 -4.07 -22.79
N LEU B 901 -1.06 -4.64 -22.83
CA LEU B 901 0.02 -4.17 -23.69
C LEU B 901 -0.38 -4.13 -25.17
N ASN B 902 0.09 -3.09 -25.85
CA ASN B 902 -0.24 -2.76 -27.22
C ASN B 902 0.99 -2.39 -28.09
N SER B 903 0.81 -2.61 -29.40
CA SER B 903 1.51 -1.90 -30.45
C SER B 903 1.19 -0.38 -30.39
N ASP B 904 1.70 0.41 -31.34
CA ASP B 904 2.00 1.85 -31.18
C ASP B 904 3.12 2.06 -30.12
N LEU B 905 2.94 1.58 -28.89
CA LEU B 905 3.93 1.65 -27.81
C LEU B 905 5.13 0.73 -28.02
N LEU B 906 4.96 -0.60 -28.13
CA LEU B 906 6.11 -1.52 -28.15
C LEU B 906 7.03 -1.29 -29.35
N LEU B 907 6.48 -0.93 -30.51
CA LEU B 907 7.22 -0.50 -31.72
C LEU B 907 8.15 0.70 -31.45
N LYS B 908 7.77 1.60 -30.54
CA LYS B 908 8.55 2.79 -30.15
C LYS B 908 9.46 2.52 -28.94
N LEU B 909 9.25 1.40 -28.25
CA LEU B 909 10.20 0.79 -27.31
C LEU B 909 11.06 -0.26 -28.02
N LEU B 910 11.67 0.11 -29.15
CA LEU B 910 12.68 -0.70 -29.86
C LEU B 910 13.67 -1.27 -28.81
N PRO B 911 13.77 -2.58 -28.58
CA PRO B 911 14.47 -3.09 -27.41
C PRO B 911 15.97 -2.74 -27.36
N ARG B 912 16.60 -2.61 -28.54
CA ARG B 912 18.03 -2.28 -28.78
C ARG B 912 19.07 -3.18 -28.10
N SER B 913 18.65 -4.05 -27.18
CA SER B 913 19.43 -4.96 -26.33
C SER B 913 20.08 -6.15 -27.05
N ARG B 914 20.30 -6.02 -28.37
CA ARG B 914 20.49 -7.08 -29.36
C ARG B 914 19.23 -7.94 -29.48
N ALA B 915 18.77 -8.17 -30.71
CA ALA B 915 17.63 -9.06 -30.96
C ALA B 915 17.84 -10.51 -30.47
N SER B 916 19.09 -10.87 -30.14
CA SER B 916 19.59 -12.07 -29.44
C SER B 916 18.73 -12.55 -28.26
N TYR B 917 18.06 -11.64 -27.56
CA TYR B 917 17.17 -12.02 -26.45
C TYR B 917 15.73 -12.31 -26.92
N PHE B 918 15.24 -11.53 -27.90
CA PHE B 918 13.84 -11.51 -28.33
C PHE B 918 13.51 -12.65 -29.30
N ALA B 919 14.35 -12.90 -30.31
CA ALA B 919 14.13 -14.01 -31.24
C ALA B 919 14.30 -15.37 -30.52
N ALA B 920 15.28 -15.48 -29.62
CA ALA B 920 15.55 -16.68 -28.82
C ALA B 920 14.42 -17.06 -27.83
N ASN B 921 13.40 -16.21 -27.69
CA ASN B 921 12.24 -16.41 -26.84
C ASN B 921 10.92 -15.94 -27.50
N ILE B 922 10.84 -15.80 -28.84
CA ILE B 922 9.67 -15.16 -29.52
C ILE B 922 8.32 -15.77 -29.11
N LYS B 923 8.27 -17.09 -28.88
CA LYS B 923 7.10 -17.83 -28.38
C LYS B 923 6.55 -17.33 -27.03
N LEU B 924 7.34 -16.63 -26.21
CA LEU B 924 6.98 -16.15 -24.87
C LEU B 924 6.13 -14.86 -24.91
N PHE B 925 5.78 -14.34 -26.09
CA PHE B 925 4.96 -13.13 -26.26
C PHE B 925 3.44 -13.38 -26.15
N LYS B 926 2.65 -13.15 -27.21
CA LYS B 926 1.18 -13.13 -27.19
C LYS B 926 0.56 -13.63 -28.51
N CYS B 927 0.39 -12.72 -29.47
CA CYS B 927 -0.30 -12.94 -30.74
C CYS B 927 0.11 -11.86 -31.75
N SER B 928 -0.42 -10.65 -31.60
CA SER B 928 -0.10 -9.44 -32.38
C SER B 928 1.37 -9.05 -32.29
N GLU B 929 1.96 -9.21 -31.10
CA GLU B 929 3.34 -8.83 -30.79
C GLU B 929 4.37 -9.62 -31.62
N GLN B 930 3.99 -10.80 -32.16
CA GLN B 930 4.83 -11.62 -33.03
C GLN B 930 5.09 -10.89 -34.36
N LEU B 931 4.06 -10.22 -34.92
CA LEU B 931 4.14 -9.46 -36.17
C LEU B 931 5.04 -8.23 -35.97
N THR B 932 4.74 -7.41 -34.95
CA THR B 932 5.48 -6.18 -34.69
C THR B 932 6.91 -6.41 -34.17
N LEU B 933 7.22 -7.60 -33.61
CA LEU B 933 8.59 -8.03 -33.35
C LEU B 933 9.35 -8.26 -34.66
N VAL B 934 8.84 -9.10 -35.58
CA VAL B 934 9.55 -9.40 -36.84
C VAL B 934 9.68 -8.13 -37.70
N ARG B 935 8.69 -7.23 -37.64
CA ARG B 935 8.71 -5.87 -38.21
C ARG B 935 9.91 -5.03 -37.74
N TRP B 936 10.40 -5.22 -36.51
CA TRP B 936 11.61 -4.57 -35.99
C TRP B 936 12.90 -5.32 -36.37
N LEU B 937 12.90 -6.66 -36.34
CA LEU B 937 14.06 -7.48 -36.71
C LEU B 937 14.55 -7.14 -38.13
N LEU B 938 13.61 -7.02 -39.08
CA LEU B 938 13.85 -6.61 -40.47
C LEU B 938 14.39 -5.18 -40.56
N LYS B 939 13.67 -4.20 -40.00
CA LYS B 939 14.03 -2.77 -40.07
C LYS B 939 15.27 -2.39 -39.25
N GLY B 940 15.80 -3.30 -38.43
CA GLY B 940 17.11 -3.21 -37.78
C GLY B 940 18.22 -4.05 -38.45
N GLN B 941 17.96 -4.66 -39.61
CA GLN B 941 18.88 -5.54 -40.35
C GLN B 941 19.44 -6.70 -39.50
N GLN B 942 18.65 -7.23 -38.57
CA GLN B 942 19.04 -8.24 -37.58
C GLN B 942 19.03 -9.67 -38.18
N LEU B 943 19.70 -9.88 -39.33
CA LEU B 943 19.63 -11.11 -40.13
C LEU B 943 19.88 -12.37 -39.28
N GLU B 944 20.99 -12.36 -38.52
CA GLU B 944 21.50 -13.46 -37.68
C GLU B 944 20.69 -13.75 -36.40
N GLN B 945 19.41 -13.40 -36.40
CA GLN B 945 18.45 -13.59 -35.31
C GLN B 945 17.13 -14.16 -35.83
N LEU B 946 16.78 -13.88 -37.09
CA LEU B 946 15.70 -14.57 -37.79
C LEU B 946 16.14 -15.98 -38.20
N ASN B 947 17.42 -16.14 -38.57
CA ASN B 947 18.04 -17.42 -38.91
C ASN B 947 18.11 -18.39 -37.70
N GLN B 948 18.87 -18.03 -36.68
CA GLN B 948 19.20 -18.86 -35.51
C GLN B 948 17.97 -19.36 -34.71
N ASN B 949 16.79 -18.77 -34.94
CA ASN B 949 15.53 -19.03 -34.23
C ASN B 949 14.33 -19.27 -35.19
N PHE B 950 14.62 -19.61 -36.45
CA PHE B 950 13.63 -19.78 -37.53
C PHE B 950 12.40 -20.64 -37.15
N SER B 951 12.60 -21.71 -36.38
CA SER B 951 11.55 -22.66 -35.97
C SER B 951 10.45 -22.05 -35.10
N GLU B 952 10.78 -21.08 -34.25
CA GLU B 952 9.77 -20.36 -33.44
C GLU B 952 9.08 -19.24 -34.25
N ILE B 953 9.60 -18.91 -35.46
CA ILE B 953 9.03 -17.93 -36.41
C ILE B 953 8.09 -18.58 -37.43
N GLU B 954 8.41 -19.75 -38.01
CA GLU B 954 7.55 -20.41 -39.01
C GLU B 954 6.13 -20.66 -38.47
N ASN B 955 6.06 -20.96 -37.17
CA ASN B 955 4.83 -21.25 -36.44
C ASN B 955 3.96 -20.01 -36.19
N VAL B 956 4.45 -18.80 -36.51
CA VAL B 956 3.67 -17.54 -36.49
C VAL B 956 2.92 -17.37 -37.80
N LEU B 957 3.63 -17.33 -38.94
CA LEU B 957 3.03 -17.12 -40.27
C LEU B 957 2.00 -18.22 -40.59
N GLN B 958 2.20 -19.42 -40.05
CA GLN B 958 1.27 -20.55 -40.11
C GLN B 958 -0.06 -20.32 -39.38
N ASN B 959 -0.07 -19.73 -38.17
CA ASN B 959 -1.18 -19.77 -37.22
C ASN B 959 -2.21 -18.62 -37.37
N ALA B 960 -2.23 -17.95 -38.54
CA ALA B 960 -2.92 -16.67 -38.75
C ALA B 960 -2.46 -15.60 -37.74
N SER B 961 -3.15 -14.46 -37.66
CA SER B 961 -2.85 -13.38 -36.71
C SER B 961 -4.06 -12.47 -36.43
N ASP B 962 -3.88 -11.39 -35.66
CA ASP B 962 -4.89 -10.33 -35.51
C ASP B 962 -4.96 -9.43 -36.77
N SER B 963 -4.04 -9.59 -37.73
CA SER B 963 -4.06 -8.89 -39.01
C SER B 963 -3.32 -9.66 -40.09
N GLU B 964 -4.07 -10.40 -40.91
CA GLU B 964 -3.55 -11.12 -42.08
C GLU B 964 -2.90 -10.17 -43.10
N LEU B 965 -3.20 -8.86 -43.01
CA LEU B 965 -2.62 -7.78 -43.80
C LEU B 965 -1.13 -7.56 -43.45
N GLU B 966 -0.76 -7.50 -42.16
CA GLU B 966 0.65 -7.29 -41.78
C GLU B 966 1.51 -8.49 -42.17
N LYS B 967 0.94 -9.71 -42.21
CA LYS B 967 1.61 -10.89 -42.76
C LYS B 967 2.13 -10.64 -44.17
N SER B 968 1.32 -10.17 -45.11
CA SER B 968 1.76 -10.00 -46.52
C SER B 968 2.93 -9.01 -46.65
N GLU B 969 2.87 -7.86 -45.97
CA GLU B 969 3.99 -6.91 -45.96
C GLU B 969 5.27 -7.47 -45.29
N ILE B 970 5.13 -8.27 -44.22
CA ILE B 970 6.27 -8.96 -43.59
C ILE B 970 6.91 -9.95 -44.58
N ILE B 971 6.08 -10.70 -45.31
CA ILE B 971 6.52 -11.71 -46.28
C ILE B 971 7.29 -11.06 -47.45
N ARG B 972 6.87 -9.85 -47.88
CA ARG B 972 7.58 -9.01 -48.85
C ARG B 972 8.98 -8.61 -48.37
N GLU B 973 9.11 -8.12 -47.13
CA GLU B 973 10.40 -7.75 -46.53
C GLU B 973 11.33 -8.97 -46.34
N LEU B 974 10.78 -10.18 -46.21
CA LEU B 974 11.56 -11.42 -46.11
C LEU B 974 12.17 -11.84 -47.47
N LEU B 975 11.38 -11.95 -48.53
CA LEU B 975 11.85 -12.52 -49.81
C LEU B 975 12.92 -11.66 -50.48
N HIS B 976 12.76 -10.33 -50.49
CA HIS B 976 13.72 -9.41 -51.11
C HIS B 976 15.11 -9.48 -50.48
N LEU B 977 15.19 -9.68 -49.17
CA LEU B 977 16.48 -9.86 -48.48
C LEU B 977 17.01 -11.29 -48.59
N ALA B 978 16.14 -12.31 -48.66
CA ALA B 978 16.55 -13.71 -48.85
C ALA B 978 17.18 -13.95 -50.23
N MET B 979 16.64 -13.35 -51.30
CA MET B 979 17.16 -13.48 -52.67
C MET B 979 18.64 -13.07 -52.77
N ALA B 980 19.03 -11.97 -52.12
CA ALA B 980 20.41 -11.48 -52.06
C ALA B 980 21.27 -12.12 -50.95
N ASN B 981 20.69 -12.91 -50.03
CA ASN B 981 21.38 -13.47 -48.85
C ASN B 981 20.88 -14.90 -48.52
N PRO B 982 21.27 -15.95 -49.27
CA PRO B 982 20.79 -17.32 -49.07
C PRO B 982 20.95 -17.86 -47.64
N ILE B 983 22.14 -17.67 -47.06
CA ILE B 983 22.53 -18.02 -45.68
C ILE B 983 22.15 -19.46 -45.32
N GLU B 984 21.04 -19.68 -44.63
CA GLU B 984 20.46 -20.99 -44.29
C GLU B 984 18.93 -21.01 -44.53
N PRO B 985 18.15 -19.99 -44.12
CA PRO B 985 16.69 -20.04 -44.22
C PRO B 985 16.14 -19.92 -45.64
N LEU B 986 16.95 -19.76 -46.69
CA LEU B 986 16.44 -19.79 -48.07
C LEU B 986 15.74 -21.12 -48.36
N PHE B 987 16.32 -22.27 -47.96
CA PHE B 987 15.67 -23.57 -48.06
C PHE B 987 14.52 -23.67 -47.04
N SER B 988 14.80 -23.49 -45.75
CA SER B 988 13.84 -23.72 -44.66
C SER B 988 12.57 -22.85 -44.77
N GLY B 989 12.75 -21.61 -45.24
CA GLY B 989 11.70 -20.67 -45.59
C GLY B 989 10.95 -21.10 -46.85
N LEU B 990 11.62 -21.21 -48.02
CA LEU B 990 10.92 -21.47 -49.29
C LEU B 990 10.19 -22.83 -49.32
N LEU B 991 10.62 -23.82 -48.52
CA LEU B 991 9.83 -25.02 -48.24
C LEU B 991 8.51 -24.68 -47.54
N ASN B 992 8.58 -23.90 -46.45
CA ASN B 992 7.42 -23.45 -45.68
C ASN B 992 6.45 -22.56 -46.47
N PHE B 993 6.95 -21.83 -47.47
CA PHE B 993 6.16 -21.05 -48.42
C PHE B 993 5.20 -21.96 -49.23
N CYS B 994 5.71 -22.99 -49.93
CA CYS B 994 4.86 -23.82 -50.80
C CYS B 994 3.96 -24.83 -50.05
N ILE B 995 4.22 -25.20 -48.79
CA ILE B 995 3.25 -25.99 -47.99
C ILE B 995 1.99 -25.19 -47.60
N LYS B 996 1.86 -23.92 -48.04
CA LYS B 996 0.70 -23.03 -47.81
C LYS B 996 0.44 -22.24 -49.10
N ASN B 997 -0.16 -22.89 -50.11
CA ASN B 997 -0.34 -22.34 -51.47
C ASN B 997 -1.03 -20.95 -51.55
N ASN B 998 -1.66 -20.52 -50.46
CA ASN B 998 -1.98 -19.14 -50.04
C ASN B 998 -0.71 -18.22 -49.94
N MET B 999 0.15 -18.23 -50.98
CA MET B 999 1.40 -17.47 -51.14
C MET B 999 1.71 -17.11 -52.62
N ALA B 1000 0.77 -17.29 -53.57
CA ALA B 1000 0.96 -17.00 -54.99
C ALA B 1000 1.41 -15.55 -55.24
N ASP B 1001 0.83 -14.60 -54.50
CA ASP B 1001 1.17 -13.16 -54.46
C ASP B 1001 2.60 -12.83 -53.99
N HIS B 1002 3.42 -13.86 -53.74
CA HIS B 1002 4.84 -13.80 -53.33
C HIS B 1002 5.74 -14.77 -54.10
N LEU B 1003 5.26 -15.96 -54.45
CA LEU B 1003 5.99 -16.96 -55.25
C LEU B 1003 6.16 -16.50 -56.70
N ASP B 1004 5.10 -15.94 -57.25
CA ASP B 1004 5.04 -15.52 -58.65
C ASP B 1004 5.89 -14.25 -58.85
N GLU B 1005 5.99 -13.41 -57.80
CA GLU B 1005 6.99 -12.34 -57.66
C GLU B 1005 8.41 -12.89 -57.54
N PHE B 1006 8.66 -13.89 -56.67
CA PHE B 1006 10.01 -14.43 -56.44
C PHE B 1006 10.60 -15.02 -57.73
N CYS B 1007 9.78 -15.74 -58.52
CA CYS B 1007 10.16 -16.26 -59.82
C CYS B 1007 10.32 -15.17 -60.90
N GLY B 1008 9.72 -13.98 -60.71
CA GLY B 1008 9.86 -12.84 -61.62
C GLY B 1008 11.09 -11.97 -61.37
N ASN B 1009 11.54 -11.84 -60.12
CA ASN B 1009 12.66 -10.97 -59.71
C ASN B 1009 14.04 -11.67 -59.76
N MET B 1010 14.18 -12.71 -60.59
CA MET B 1010 15.35 -13.59 -60.55
C MET B 1010 16.61 -13.05 -61.21
N THR B 1011 17.75 -13.50 -60.68
CA THR B 1011 19.11 -13.14 -61.09
C THR B 1011 20.01 -14.38 -61.06
N SER B 1012 20.91 -14.52 -62.04
CA SER B 1012 21.64 -15.76 -62.38
C SER B 1012 22.25 -16.53 -61.19
N GLU B 1013 23.05 -15.88 -60.34
CA GLU B 1013 23.72 -16.52 -59.20
C GLU B 1013 22.77 -17.00 -58.10
N VAL B 1014 21.53 -16.49 -58.06
CA VAL B 1014 20.49 -16.88 -57.09
C VAL B 1014 20.02 -18.31 -57.37
N LEU B 1015 19.84 -18.67 -58.65
CA LEU B 1015 19.32 -19.99 -59.04
C LEU B 1015 20.33 -21.10 -58.79
N PHE B 1016 21.63 -20.82 -58.94
CA PHE B 1016 22.72 -21.77 -58.71
C PHE B 1016 22.91 -22.14 -57.22
N LYS B 1017 22.14 -21.52 -56.31
CA LYS B 1017 22.09 -21.84 -54.87
C LYS B 1017 20.75 -22.49 -54.45
N ILE B 1018 19.83 -22.71 -55.39
CA ILE B 1018 18.58 -23.42 -55.11
C ILE B 1018 18.88 -24.92 -55.01
N SER B 1019 18.47 -25.56 -53.91
CA SER B 1019 18.55 -27.01 -53.72
C SER B 1019 17.67 -27.77 -54.75
N PRO B 1020 18.16 -28.83 -55.42
CA PRO B 1020 17.39 -29.64 -56.38
C PRO B 1020 16.09 -30.25 -55.82
N GLU B 1021 16.10 -30.65 -54.54
CA GLU B 1021 14.92 -31.10 -53.77
C GLU B 1021 13.83 -30.02 -53.67
N LEU B 1022 14.18 -28.76 -53.90
CA LEU B 1022 13.32 -27.58 -53.72
C LEU B 1022 12.90 -26.95 -55.06
N LEU B 1023 13.78 -26.86 -56.06
CA LEU B 1023 13.45 -26.32 -57.40
C LEU B 1023 12.32 -27.13 -58.04
N LEU B 1024 12.33 -28.46 -57.91
CA LEU B 1024 11.22 -29.30 -58.37
C LEU B 1024 9.97 -29.12 -57.49
N LYS B 1025 10.08 -29.14 -56.15
CA LYS B 1025 8.93 -29.02 -55.24
C LYS B 1025 8.23 -27.65 -55.29
N LEU B 1026 8.88 -26.66 -55.91
CA LEU B 1026 8.28 -25.40 -56.34
C LEU B 1026 7.41 -25.56 -57.60
N LEU B 1027 7.97 -26.07 -58.71
CA LEU B 1027 7.32 -26.10 -60.02
C LEU B 1027 6.34 -27.26 -60.25
N THR B 1028 6.49 -28.38 -59.54
CA THR B 1028 5.65 -29.59 -59.69
C THR B 1028 4.22 -29.44 -59.15
N TYR B 1029 4.05 -28.71 -58.05
CA TYR B 1029 2.74 -28.38 -57.47
C TYR B 1029 2.20 -27.04 -58.03
N LYS B 1030 2.45 -26.77 -59.32
CA LYS B 1030 2.19 -25.52 -60.07
C LYS B 1030 2.11 -25.78 -61.59
N GLU B 1031 1.80 -24.72 -62.34
CA GLU B 1031 1.61 -24.69 -63.79
C GLU B 1031 2.31 -23.45 -64.43
N LYS B 1032 1.79 -22.89 -65.54
CA LYS B 1032 2.36 -21.75 -66.32
C LYS B 1032 2.95 -20.60 -65.46
N PRO B 1033 2.31 -20.10 -64.37
CA PRO B 1033 2.80 -18.93 -63.62
C PRO B 1033 4.19 -19.11 -62.99
N ASN B 1034 4.37 -20.14 -62.17
CA ASN B 1034 5.68 -20.43 -61.55
C ASN B 1034 6.62 -21.00 -62.63
N GLY B 1035 6.07 -21.67 -63.65
CA GLY B 1035 6.80 -22.24 -64.78
C GLY B 1035 7.77 -21.28 -65.48
N LYS B 1036 7.51 -19.96 -65.54
CA LYS B 1036 8.45 -19.01 -66.17
C LYS B 1036 9.81 -18.86 -65.47
N LEU B 1037 9.97 -19.42 -64.26
CA LEU B 1037 11.28 -19.59 -63.61
C LEU B 1037 12.29 -20.33 -64.50
N LEU B 1038 11.80 -21.21 -65.39
CA LEU B 1038 12.62 -22.00 -66.32
C LEU B 1038 13.52 -21.13 -67.21
N ALA B 1039 13.14 -19.87 -67.48
CA ALA B 1039 13.92 -18.91 -68.29
C ALA B 1039 15.38 -18.82 -67.83
N ALA B 1040 15.61 -18.67 -66.52
CA ALA B 1040 16.94 -18.56 -65.90
C ALA B 1040 17.53 -19.92 -65.44
N VAL B 1041 16.88 -21.04 -65.79
CA VAL B 1041 17.40 -22.41 -65.58
C VAL B 1041 18.18 -22.89 -66.82
N ILE B 1042 17.89 -22.34 -68.01
CA ILE B 1042 18.59 -22.65 -69.26
C ILE B 1042 20.10 -22.38 -69.14
N GLU B 1043 20.51 -21.33 -68.41
CA GLU B 1043 21.91 -20.97 -68.09
C GLU B 1043 22.74 -22.08 -67.39
N LYS B 1044 22.08 -23.10 -66.85
CA LYS B 1044 22.71 -24.13 -66.00
C LYS B 1044 22.54 -25.55 -66.55
N ILE B 1045 21.53 -25.78 -67.40
CA ILE B 1045 21.38 -27.00 -68.19
C ILE B 1045 22.21 -26.88 -69.48
N GLU B 1046 21.81 -26.00 -70.41
CA GLU B 1046 22.58 -25.75 -71.64
C GLU B 1046 23.90 -25.07 -71.27
N ASN B 1047 25.03 -25.74 -71.55
CA ASN B 1047 26.39 -25.19 -71.41
C ASN B 1047 26.73 -24.67 -70.00
N GLY B 1048 26.15 -25.29 -68.95
CA GLY B 1048 26.14 -24.77 -67.58
C GLY B 1048 27.01 -25.51 -66.56
N ASP B 1049 26.51 -26.60 -65.97
CA ASP B 1049 27.23 -27.40 -64.95
C ASP B 1049 26.84 -28.90 -64.98
N ASP B 1050 27.85 -29.78 -65.12
CA ASP B 1050 27.71 -31.24 -65.28
C ASP B 1050 26.88 -31.93 -64.19
N ASP B 1051 27.16 -31.69 -62.90
CA ASP B 1051 26.58 -32.47 -61.81
C ASP B 1051 25.28 -31.87 -61.25
N TYR B 1052 25.07 -30.56 -61.41
CA TYR B 1052 23.82 -29.91 -61.00
C TYR B 1052 22.60 -30.43 -61.80
N ILE B 1053 22.77 -30.65 -63.11
CA ILE B 1053 21.75 -31.25 -63.99
C ILE B 1053 21.37 -32.66 -63.51
N LEU B 1054 22.37 -33.44 -63.09
CA LEU B 1054 22.22 -34.84 -62.68
C LEU B 1054 21.58 -34.99 -61.29
N GLU B 1055 21.84 -34.07 -60.35
CA GLU B 1055 21.16 -34.06 -59.04
C GLU B 1055 19.66 -33.72 -59.18
N LEU B 1056 19.32 -32.78 -60.08
CA LEU B 1056 17.93 -32.47 -60.46
C LEU B 1056 17.23 -33.67 -61.15
N LEU B 1057 17.93 -34.37 -62.05
CA LEU B 1057 17.38 -35.53 -62.77
C LEU B 1057 16.99 -36.70 -61.85
N GLU B 1058 17.58 -36.86 -60.67
CA GLU B 1058 17.12 -37.86 -59.68
C GLU B 1058 15.66 -37.60 -59.31
N LYS B 1059 15.33 -36.35 -58.96
CA LYS B 1059 14.08 -36.02 -58.27
C LYS B 1059 12.84 -36.24 -59.13
N ILE B 1060 12.89 -35.85 -60.40
CA ILE B 1060 11.82 -36.09 -61.38
C ILE B 1060 11.57 -37.59 -61.60
N ILE B 1061 12.61 -38.42 -61.63
CA ILE B 1061 12.50 -39.88 -61.83
C ILE B 1061 11.97 -40.59 -60.57
N ILE B 1062 12.42 -40.22 -59.36
CA ILE B 1062 11.98 -40.89 -58.11
C ILE B 1062 10.53 -40.58 -57.73
N GLN B 1063 10.01 -39.39 -58.06
CA GLN B 1063 8.64 -39.00 -57.74
C GLN B 1063 7.65 -39.15 -58.91
N LYS B 1064 8.14 -39.27 -60.15
CA LYS B 1064 7.38 -39.49 -61.41
C LYS B 1064 6.57 -38.28 -61.86
N GLU B 1065 7.21 -37.12 -61.87
CA GLU B 1065 6.59 -35.81 -62.14
C GLU B 1065 6.43 -35.53 -63.66
N ILE B 1066 5.71 -36.39 -64.38
CA ILE B 1066 5.81 -36.50 -65.85
C ILE B 1066 5.35 -35.27 -66.64
N GLN B 1067 4.34 -34.53 -66.20
CA GLN B 1067 3.82 -33.37 -66.93
C GLN B 1067 4.86 -32.23 -67.02
N ILE B 1068 5.74 -32.14 -66.03
CA ILE B 1068 6.86 -31.18 -65.96
C ILE B 1068 8.11 -31.69 -66.73
N LEU B 1069 8.09 -32.94 -67.21
CA LEU B 1069 9.17 -33.54 -68.01
C LEU B 1069 9.21 -32.96 -69.43
N GLU B 1070 8.23 -32.15 -69.86
CA GLU B 1070 8.18 -31.59 -71.21
C GLU B 1070 9.19 -30.46 -71.42
N LYS B 1071 10.44 -30.88 -71.52
CA LYS B 1071 11.60 -30.02 -71.70
C LYS B 1071 12.73 -30.78 -72.41
N LEU B 1072 12.40 -31.59 -73.42
CA LEU B 1072 13.36 -32.47 -74.10
C LEU B 1072 14.12 -31.84 -75.29
N LYS B 1073 13.95 -30.54 -75.59
CA LYS B 1073 14.68 -29.84 -76.68
C LYS B 1073 16.04 -29.24 -76.28
N GLU B 1074 16.31 -29.15 -74.98
CA GLU B 1074 17.51 -28.51 -74.39
C GLU B 1074 18.47 -29.52 -73.69
N PRO B 1075 18.10 -30.25 -72.61
CA PRO B 1075 18.97 -31.23 -71.96
C PRO B 1075 19.41 -32.39 -72.89
N LEU B 1076 18.59 -32.82 -73.85
CA LEU B 1076 19.01 -33.85 -74.83
C LEU B 1076 20.14 -33.36 -75.75
N LEU B 1077 20.25 -32.04 -75.98
CA LEU B 1077 21.36 -31.42 -76.70
C LEU B 1077 22.67 -31.62 -75.90
N VAL B 1078 22.60 -31.44 -74.57
CA VAL B 1078 23.74 -31.63 -73.64
C VAL B 1078 24.11 -33.11 -73.48
N PHE B 1079 23.12 -34.00 -73.49
CA PHE B 1079 23.33 -35.46 -73.48
C PHE B 1079 24.20 -35.94 -74.65
N PHE B 1080 24.25 -35.21 -75.77
CA PHE B 1080 25.17 -35.51 -76.87
C PHE B 1080 26.60 -34.99 -76.62
N LEU B 1081 26.80 -33.68 -76.43
CA LEU B 1081 28.13 -33.05 -76.51
C LEU B 1081 28.97 -33.01 -75.22
N ASN B 1082 28.47 -33.48 -74.07
CA ASN B 1082 29.26 -33.50 -72.82
C ASN B 1082 30.62 -34.27 -72.89
N PRO B 1083 30.80 -35.33 -73.72
CA PRO B 1083 32.09 -35.98 -73.97
C PRO B 1083 33.11 -35.19 -74.81
N VAL B 1084 32.83 -33.94 -75.23
CA VAL B 1084 33.87 -33.03 -75.78
C VAL B 1084 35.04 -32.88 -74.81
N SER B 1085 34.75 -32.92 -73.50
CA SER B 1085 35.74 -32.93 -72.41
C SER B 1085 35.89 -34.33 -71.76
N SER B 1086 35.65 -35.39 -72.55
CA SER B 1086 35.80 -36.82 -72.22
C SER B 1086 35.19 -37.19 -70.86
N ASN B 1087 36.01 -37.59 -69.88
CA ASN B 1087 35.60 -38.04 -68.56
C ASN B 1087 34.59 -39.20 -68.60
N MET B 1088 35.06 -40.44 -68.75
CA MET B 1088 34.18 -41.61 -68.61
C MET B 1088 33.40 -41.70 -67.28
N GLN B 1089 33.77 -40.98 -66.22
CA GLN B 1089 32.92 -40.80 -65.02
C GLN B 1089 31.61 -40.05 -65.32
N LYS B 1090 31.62 -39.08 -66.24
CA LYS B 1090 30.44 -38.34 -66.72
C LYS B 1090 29.56 -39.23 -67.59
N HIS B 1091 30.15 -39.93 -68.56
CA HIS B 1091 29.46 -40.90 -69.42
C HIS B 1091 28.75 -42.02 -68.62
N LYS B 1092 29.47 -42.65 -67.69
CA LYS B 1092 29.04 -43.78 -66.81
C LYS B 1092 27.76 -43.54 -66.00
N LYS B 1093 27.48 -42.29 -65.60
CA LYS B 1093 26.19 -41.89 -65.00
C LYS B 1093 25.20 -41.40 -66.07
N SER B 1094 25.67 -40.73 -67.12
CA SER B 1094 24.81 -40.16 -68.17
C SER B 1094 23.94 -41.20 -68.89
N THR B 1095 24.55 -42.25 -69.47
CA THR B 1095 23.82 -43.29 -70.24
C THR B 1095 22.79 -44.05 -69.38
N ASN B 1096 23.09 -44.24 -68.09
CA ASN B 1096 22.17 -44.82 -67.11
C ASN B 1096 20.92 -43.95 -66.87
N MET B 1097 21.08 -42.63 -66.75
CA MET B 1097 19.98 -41.70 -66.48
C MET B 1097 19.15 -41.42 -67.73
N LEU B 1098 19.80 -41.31 -68.90
CA LEU B 1098 19.17 -41.08 -70.20
C LEU B 1098 18.18 -42.19 -70.60
N ARG B 1099 18.39 -43.42 -70.13
CA ARG B 1099 17.42 -44.54 -70.23
C ARG B 1099 16.16 -44.32 -69.39
N GLU B 1100 16.32 -43.91 -68.13
CA GLU B 1100 15.21 -43.78 -67.17
C GLU B 1100 14.38 -42.49 -67.40
N LEU B 1101 15.00 -41.46 -68.00
CA LEU B 1101 14.34 -40.24 -68.49
C LEU B 1101 13.14 -40.56 -69.40
N VAL B 1102 13.36 -41.41 -70.42
CA VAL B 1102 12.37 -41.71 -71.46
C VAL B 1102 11.45 -42.88 -71.08
N LEU B 1103 11.78 -43.66 -70.04
CA LEU B 1103 10.98 -44.80 -69.55
C LEU B 1103 9.55 -44.41 -69.15
N LEU B 1104 9.30 -43.14 -68.83
CA LEU B 1104 8.01 -42.64 -68.35
C LEU B 1104 7.49 -41.40 -69.11
N TYR B 1105 8.35 -40.74 -69.91
CA TYR B 1105 8.00 -39.66 -70.86
C TYR B 1105 6.72 -39.97 -71.64
N LEU B 1106 6.53 -41.24 -72.04
CA LEU B 1106 5.34 -41.74 -72.74
C LEU B 1106 4.64 -42.86 -71.96
N THR B 1107 4.15 -42.54 -70.75
CA THR B 1107 3.34 -43.46 -69.94
C THR B 1107 1.91 -43.66 -70.51
N LYS B 1108 1.31 -42.63 -71.13
CA LYS B 1108 0.00 -42.73 -71.81
C LYS B 1108 0.14 -43.31 -73.26
N PRO B 1109 -0.89 -44.02 -73.78
CA PRO B 1109 -0.82 -44.91 -74.96
C PRO B 1109 -0.62 -44.28 -76.37
N LEU B 1110 0.43 -43.46 -76.56
CA LEU B 1110 0.94 -42.96 -77.86
C LEU B 1110 -0.04 -42.05 -78.63
N SER B 1111 0.02 -40.74 -78.38
CA SER B 1111 -0.61 -39.69 -79.22
C SER B 1111 -0.08 -39.74 -80.66
N ARG B 1112 -1.01 -39.69 -81.62
CA ARG B 1112 -0.77 -39.73 -83.08
C ARG B 1112 0.05 -38.51 -83.49
N SER B 1113 -0.31 -37.31 -83.03
CA SER B 1113 0.33 -36.04 -83.36
C SER B 1113 1.79 -35.99 -82.89
N ALA B 1114 2.08 -36.45 -81.67
CA ALA B 1114 3.42 -36.53 -81.09
C ALA B 1114 4.37 -37.43 -81.89
N ALA B 1115 3.85 -38.51 -82.49
CA ALA B 1115 4.58 -39.40 -83.40
C ALA B 1115 5.04 -38.70 -84.71
N LYS B 1116 4.68 -37.43 -84.92
CA LYS B 1116 5.26 -36.53 -85.94
C LYS B 1116 5.87 -35.25 -85.36
N LYS B 1117 5.28 -34.62 -84.34
CA LYS B 1117 5.74 -33.33 -83.77
C LYS B 1117 7.11 -33.46 -83.09
N PHE B 1118 7.21 -34.18 -81.96
CA PHE B 1118 8.50 -34.42 -81.30
C PHE B 1118 9.49 -35.15 -82.21
N PHE B 1119 9.00 -36.13 -82.98
CA PHE B 1119 9.76 -36.86 -84.01
C PHE B 1119 10.51 -35.95 -85.00
N SER B 1120 9.97 -34.78 -85.36
CA SER B 1120 10.54 -33.90 -86.39
C SER B 1120 11.69 -33.03 -85.89
N MET B 1121 11.54 -32.37 -84.73
CA MET B 1121 12.62 -31.54 -84.16
C MET B 1121 13.73 -32.38 -83.49
N LEU B 1122 13.41 -33.54 -82.91
CA LEU B 1122 14.40 -34.46 -82.32
C LEU B 1122 15.39 -35.09 -83.35
N ILE B 1123 15.21 -34.84 -84.65
CA ILE B 1123 16.12 -35.28 -85.72
C ILE B 1123 16.76 -34.13 -86.49
N SER B 1124 16.35 -32.87 -86.27
CA SER B 1124 16.89 -31.71 -86.98
C SER B 1124 18.34 -31.38 -86.60
N ILE B 1125 18.88 -32.02 -85.54
CA ILE B 1125 20.24 -31.86 -85.03
C ILE B 1125 20.74 -33.17 -84.36
N LEU B 1126 21.17 -34.11 -85.20
CA LEU B 1126 21.93 -35.33 -84.86
C LEU B 1126 23.48 -35.19 -84.79
N PRO B 1127 24.18 -34.19 -85.38
CA PRO B 1127 25.65 -34.10 -85.31
C PRO B 1127 26.14 -33.50 -83.96
N PRO B 1128 27.46 -33.51 -83.62
CA PRO B 1128 28.62 -33.73 -84.48
C PRO B 1128 28.73 -35.12 -85.15
N ASN B 1129 29.02 -35.10 -86.45
CA ASN B 1129 29.55 -36.25 -87.20
C ASN B 1129 30.96 -36.71 -86.73
N PRO B 1130 31.83 -35.82 -86.21
CA PRO B 1130 33.03 -36.25 -85.47
C PRO B 1130 32.70 -36.72 -84.03
N ASN B 1131 33.68 -36.64 -83.10
CA ASN B 1131 33.48 -36.88 -81.67
C ASN B 1131 33.19 -38.36 -81.29
N TYR B 1132 34.18 -39.24 -81.47
CA TYR B 1132 34.09 -40.70 -81.25
C TYR B 1132 33.35 -41.13 -79.96
N GLN B 1133 33.65 -40.50 -78.82
CA GLN B 1133 33.06 -40.83 -77.50
C GLN B 1133 31.65 -40.29 -77.26
N THR B 1134 31.04 -39.59 -78.23
CA THR B 1134 29.62 -39.19 -78.20
C THR B 1134 28.74 -40.26 -78.86
N ILE B 1135 29.14 -40.81 -80.00
CA ILE B 1135 28.35 -41.75 -80.81
C ILE B 1135 28.14 -43.11 -80.13
N ASP B 1136 29.07 -43.50 -79.24
CA ASP B 1136 28.89 -44.59 -78.27
C ASP B 1136 27.55 -44.44 -77.51
N MET B 1137 27.26 -43.24 -76.98
CA MET B 1137 26.04 -42.95 -76.22
C MET B 1137 24.79 -42.99 -77.11
N VAL B 1138 24.88 -42.53 -78.36
CA VAL B 1138 23.73 -42.50 -79.28
C VAL B 1138 23.34 -43.91 -79.75
N ASN B 1139 24.32 -44.76 -80.09
CA ASN B 1139 24.02 -46.15 -80.47
C ASN B 1139 23.46 -46.96 -79.29
N LEU B 1140 23.93 -46.71 -78.06
CA LEU B 1140 23.35 -47.33 -76.85
C LEU B 1140 21.90 -46.88 -76.54
N LEU B 1141 21.49 -45.65 -76.90
CA LEU B 1141 20.11 -45.17 -76.65
C LEU B 1141 19.11 -45.44 -77.79
N ILE B 1142 19.57 -45.43 -79.04
CA ILE B 1142 18.69 -45.55 -80.21
C ILE B 1142 17.97 -46.90 -80.27
N ASP B 1143 18.62 -48.01 -79.87
CA ASP B 1143 17.94 -49.31 -79.79
C ASP B 1143 17.16 -49.56 -78.50
N LEU B 1144 17.38 -48.78 -77.43
CA LEU B 1144 16.46 -48.74 -76.28
C LEU B 1144 15.09 -48.19 -76.74
N ILE B 1145 15.06 -47.13 -77.54
CA ILE B 1145 13.83 -46.60 -78.18
C ILE B 1145 13.24 -47.65 -79.14
N LYS B 1146 14.07 -48.20 -80.05
CA LYS B 1146 13.64 -49.21 -81.03
C LYS B 1146 13.09 -50.48 -80.36
N SER B 1147 13.43 -50.77 -79.09
CA SER B 1147 12.87 -51.87 -78.28
C SER B 1147 11.38 -51.69 -77.94
N HIS B 1148 10.95 -50.50 -77.50
CA HIS B 1148 9.53 -50.21 -77.20
C HIS B 1148 8.73 -49.93 -78.47
N ASN B 1149 9.36 -49.40 -79.53
CA ASN B 1149 8.81 -49.32 -80.89
C ASN B 1149 8.39 -50.66 -81.52
N ARG B 1150 8.73 -51.80 -80.87
CA ARG B 1150 8.25 -53.17 -81.17
C ARG B 1150 7.16 -53.69 -80.21
N LYS B 1151 6.98 -53.07 -79.03
CA LYS B 1151 6.12 -53.58 -77.93
C LYS B 1151 4.76 -52.91 -77.86
N PHE B 1152 4.74 -51.60 -77.62
CA PHE B 1152 3.52 -50.79 -77.54
C PHE B 1152 3.83 -49.42 -78.17
N LYS B 1153 3.99 -49.47 -79.49
CA LYS B 1153 4.04 -48.30 -80.36
C LYS B 1153 2.61 -47.87 -80.74
N ASP B 1154 2.54 -46.73 -81.42
CA ASP B 1154 1.53 -46.24 -82.37
C ASP B 1154 0.50 -47.31 -82.82
N LYS B 1155 -0.72 -47.19 -82.30
CA LYS B 1155 -1.91 -47.97 -82.71
C LYS B 1155 -2.45 -47.40 -84.05
N ARG B 1156 -1.71 -47.63 -85.15
CA ARG B 1156 -1.88 -47.00 -86.49
C ARG B 1156 -1.45 -45.51 -86.49
N THR B 1157 -1.80 -44.81 -87.57
CA THR B 1157 -1.33 -43.46 -87.97
C THR B 1157 0.13 -43.46 -88.44
N TYR B 1158 1.08 -42.78 -87.77
CA TYR B 1158 2.44 -42.53 -88.30
C TYR B 1158 3.42 -43.72 -88.30
N ASN B 1159 2.92 -44.92 -88.57
CA ASN B 1159 3.70 -46.15 -88.78
C ASN B 1159 4.93 -45.89 -89.67
N ALA B 1160 4.72 -45.40 -90.89
CA ALA B 1160 5.77 -45.20 -91.90
C ALA B 1160 6.92 -44.30 -91.41
N THR B 1161 6.61 -43.12 -90.88
CA THR B 1161 7.62 -42.19 -90.37
C THR B 1161 8.33 -42.74 -89.13
N LEU B 1162 7.65 -43.48 -88.24
CA LEU B 1162 8.26 -44.10 -87.07
C LEU B 1162 9.40 -45.08 -87.38
N LYS B 1163 9.52 -45.60 -88.61
CA LYS B 1163 10.68 -46.42 -89.04
C LYS B 1163 11.68 -45.65 -89.89
N THR B 1164 11.31 -44.52 -90.49
CA THR B 1164 12.31 -43.57 -91.05
C THR B 1164 13.28 -43.04 -89.98
N ILE B 1165 12.95 -43.10 -88.68
CA ILE B 1165 13.92 -42.87 -87.59
C ILE B 1165 15.16 -43.76 -87.72
N GLY B 1166 15.03 -45.01 -88.19
CA GLY B 1166 16.15 -45.94 -88.36
C GLY B 1166 16.99 -45.63 -89.59
N LYS B 1167 16.41 -44.97 -90.61
CA LYS B 1167 16.99 -44.81 -91.95
C LYS B 1167 18.07 -43.73 -92.01
N TRP B 1168 17.87 -42.56 -91.37
CA TRP B 1168 18.86 -41.48 -91.32
C TRP B 1168 19.74 -41.49 -90.06
N ILE B 1169 19.24 -42.00 -88.91
CA ILE B 1169 20.04 -42.04 -87.67
C ILE B 1169 21.16 -43.07 -87.77
N GLN B 1170 20.86 -44.25 -88.30
CA GLN B 1170 21.79 -45.36 -88.44
C GLN B 1170 22.74 -45.15 -89.64
N GLU B 1171 22.33 -44.37 -90.64
CA GLU B 1171 23.21 -43.80 -91.68
C GLU B 1171 24.36 -43.03 -91.02
N SER B 1172 24.11 -42.20 -90.02
CA SER B 1172 25.21 -41.57 -89.24
C SER B 1172 26.07 -42.63 -88.55
N GLY B 1173 25.46 -43.55 -87.79
CA GLY B 1173 26.14 -44.55 -86.95
C GLY B 1173 26.90 -45.66 -87.70
N VAL B 1174 26.90 -45.65 -89.03
CA VAL B 1174 27.68 -46.55 -89.91
C VAL B 1174 28.53 -45.76 -90.94
N VAL B 1175 28.61 -44.41 -90.78
CA VAL B 1175 29.48 -43.51 -91.56
C VAL B 1175 30.64 -42.93 -90.72
N HIS B 1176 30.51 -42.90 -89.38
CA HIS B 1176 31.49 -42.30 -88.46
C HIS B 1176 31.86 -43.18 -87.25
N GLN B 1177 31.92 -44.50 -87.45
CA GLN B 1177 32.17 -45.52 -86.43
C GLN B 1177 33.07 -46.64 -86.94
#